data_8RH7
#
_entry.id   8RH7
#
_cell.length_a   1.00
_cell.length_b   1.00
_cell.length_c   1.00
_cell.angle_alpha   90.00
_cell.angle_beta   90.00
_cell.angle_gamma   90.00
#
_symmetry.space_group_name_H-M   'P 1'
#
loop_
_entity.id
_entity.type
_entity.pdbx_description
1 polymer 'Gamma-aminobutyric acid receptor subunit rho-1'
2 non-polymer 2-acetamido-2-deoxy-beta-D-glucopyranose
3 non-polymer N-OCTANE
4 non-polymer HEXANE
5 non-polymer ESTRADIOL
6 non-polymer 'GAMMA-AMINO-BUTANOIC ACID'
7 non-polymer 'CHLORIDE ION'
8 water water
#
_entity_poly.entity_id   1
_entity_poly.type   'polypeptide(L)'
_entity_poly.pdbx_seq_one_letter_code
;MLAVPNMRFGIFLLWWGWVLATESRMHWPGREVHEMSKKGRPQRQRREVHEDAHKQVSPILRRSPDITKSPLTKSEQLLR
IDDHDFSMRPGFGGPAIPVGVDVQVESLDSISEVDMDFTMTLYLRHYWKDERLSFPSTNNLSMTFDGRLVKKIWVPDMFF
VHSKRSFIHDTTTDNVMLRVQPDGKVLYSLRVTVTAMCNMDFSRFPLDTQTCSLEIESYAYTEDDLMLYWKKGNDSLKTD
ERISLSQFLIQEFHTTTKLAFYSSTGWYNRLYINFTLRRHIFFFLLQTYFPATLMVMLSWVSFWIDRRAVPARVPLGITT
VLTMSTIITGVNASMPRVSYIKAVDIYLWVSFVFVFLSVLEYAAVNYLTTVQERKEQKLREKLPCTSGLPPPRTAMLDGN
YSDGEVNDLDNYMPENGEKPDRMMVQLTLASERSSPQRKSQRSSYVSMRIDTHAIDKYSRIIFPAAYILFNLIYWSIFS
;
_entity_poly.pdbx_strand_id   A,E,B,C,D
#
loop_
_chem_comp.id
_chem_comp.type
_chem_comp.name
_chem_comp.formula
ABU non-polymer 'GAMMA-AMINO-BUTANOIC ACID' 'C4 H9 N O2'
CL non-polymer 'CHLORIDE ION' 'Cl -1'
EST non-polymer ESTRADIOL 'C18 H24 O2'
HEX non-polymer HEXANE 'C6 H14'
NAG D-saccharide, beta linking 2-acetamido-2-deoxy-beta-D-glucopyranose 'C8 H15 N O6'
OCT non-polymer N-OCTANE 'C8 H18'
#
# COMPACT_ATOMS: atom_id res chain seq x y z
N ASP A 85 -32.72 -11.16 38.21
CA ASP A 85 -31.65 -11.69 37.36
C ASP A 85 -31.66 -11.02 36.00
N PHE A 86 -30.80 -10.02 35.81
CA PHE A 86 -30.73 -9.43 34.49
C PHE A 86 -29.97 -10.28 33.50
N SER A 87 -29.88 -11.59 33.75
CA SER A 87 -29.34 -12.53 32.78
C SER A 87 -30.46 -13.18 32.00
N MET A 88 -31.69 -12.69 32.15
CA MET A 88 -32.87 -13.17 31.47
C MET A 88 -33.64 -11.98 30.92
N ARG A 89 -34.31 -12.18 29.79
CA ARG A 89 -35.02 -11.10 29.13
C ARG A 89 -36.32 -10.78 29.86
N PRO A 90 -36.87 -9.58 29.61
CA PRO A 90 -38.25 -9.32 30.05
C PRO A 90 -39.21 -10.37 29.51
N GLY A 91 -40.19 -10.75 30.33
CA GLY A 91 -41.09 -11.83 29.96
C GLY A 91 -40.42 -13.13 29.60
N PHE A 92 -39.44 -13.55 30.41
CA PHE A 92 -38.67 -14.75 30.10
C PHE A 92 -39.51 -15.98 30.40
N GLY A 93 -39.72 -16.80 29.37
CA GLY A 93 -40.60 -17.95 29.44
C GLY A 93 -42.02 -17.68 28.99
N GLY A 94 -42.37 -16.42 28.73
CA GLY A 94 -43.64 -16.10 28.13
C GLY A 94 -43.50 -15.57 26.71
N PRO A 95 -44.40 -14.71 26.28
CA PRO A 95 -44.36 -14.28 24.87
C PRO A 95 -43.16 -13.38 24.57
N ALA A 96 -43.07 -12.93 23.32
CA ALA A 96 -41.88 -12.28 22.80
C ALA A 96 -41.85 -10.78 23.12
N ILE A 97 -40.65 -10.23 23.22
CA ILE A 97 -40.55 -8.80 23.54
C ILE A 97 -40.49 -7.99 22.25
N PRO A 98 -41.34 -6.98 22.08
CA PRO A 98 -41.23 -6.07 20.93
C PRO A 98 -40.10 -5.06 21.13
N VAL A 99 -39.23 -4.95 20.13
CA VAL A 99 -38.11 -3.99 20.16
C VAL A 99 -38.11 -3.22 18.84
N GLY A 100 -38.00 -1.89 18.94
CA GLY A 100 -38.14 -1.01 17.77
C GLY A 100 -36.87 -0.22 17.50
N VAL A 101 -36.53 -0.09 16.20
CA VAL A 101 -35.24 0.40 15.74
C VAL A 101 -35.40 1.71 14.98
N ASP A 102 -34.42 2.60 15.16
CA ASP A 102 -34.33 3.90 14.48
C ASP A 102 -32.87 4.17 14.12
N VAL A 103 -32.63 4.73 12.93
CA VAL A 103 -31.26 4.88 12.40
C VAL A 103 -31.09 6.24 11.74
N GLN A 104 -29.88 6.81 11.87
CA GLN A 104 -29.46 8.02 11.18
C GLN A 104 -28.05 7.83 10.64
N VAL A 105 -27.86 8.11 9.35
CA VAL A 105 -26.59 7.84 8.68
C VAL A 105 -25.69 9.06 8.70
N GLU A 106 -24.44 8.90 9.15
CA GLU A 106 -23.52 10.03 9.21
C GLU A 106 -22.74 10.22 7.91
N SER A 107 -22.12 9.16 7.40
CA SER A 107 -21.28 9.22 6.22
C SER A 107 -21.12 7.82 5.64
N LEU A 108 -20.91 7.77 4.32
CA LEU A 108 -20.21 6.67 3.68
C LEU A 108 -18.76 7.09 3.58
N ASP A 109 -17.85 6.19 3.95
CA ASP A 109 -16.46 6.55 4.17
C ASP A 109 -15.50 6.09 3.08
N SER A 110 -15.72 4.92 2.49
CA SER A 110 -14.85 4.42 1.44
C SER A 110 -15.54 3.27 0.73
N ILE A 111 -14.99 2.89 -0.43
CA ILE A 111 -15.50 1.80 -1.25
C ILE A 111 -14.31 1.05 -1.85
N SER A 112 -14.39 -0.29 -1.87
CA SER A 112 -13.41 -1.10 -2.56
C SER A 112 -14.09 -1.88 -3.68
N GLU A 113 -13.61 -1.67 -4.91
CA GLU A 113 -14.12 -2.41 -6.05
C GLU A 113 -13.46 -3.79 -6.16
N VAL A 114 -12.19 -3.89 -5.74
CA VAL A 114 -11.49 -5.17 -5.78
C VAL A 114 -12.09 -6.13 -4.75
N ASP A 115 -12.29 -5.65 -3.54
CA ASP A 115 -12.77 -6.49 -2.45
C ASP A 115 -14.28 -6.52 -2.34
N MET A 116 -14.98 -5.63 -3.06
CA MET A 116 -16.44 -5.64 -3.14
C MET A 116 -17.07 -5.39 -1.77
N ASP A 117 -16.79 -4.21 -1.21
CA ASP A 117 -17.33 -3.81 0.09
C ASP A 117 -17.38 -2.29 0.19
N PHE A 118 -18.10 -1.80 1.20
CA PHE A 118 -18.16 -0.37 1.53
C PHE A 118 -18.11 -0.17 3.02
N THR A 119 -17.80 1.06 3.43
CA THR A 119 -17.70 1.41 4.85
C THR A 119 -18.65 2.57 5.16
N MET A 120 -19.36 2.46 6.29
CA MET A 120 -20.41 3.41 6.65
C MET A 120 -20.35 3.70 8.15
N THR A 121 -20.78 4.90 8.54
CA THR A 121 -20.78 5.31 9.94
C THR A 121 -22.16 5.85 10.32
N LEU A 122 -22.71 5.42 11.45
CA LEU A 122 -24.12 5.72 11.73
C LEU A 122 -24.38 5.81 13.23
N TYR A 123 -25.57 6.32 13.57
CA TYR A 123 -26.16 6.20 14.90
C TYR A 123 -27.29 5.17 14.84
N LEU A 124 -27.38 4.35 15.90
CA LEU A 124 -28.35 3.27 16.00
C LEU A 124 -29.08 3.37 17.33
N ARG A 125 -30.41 3.29 17.30
CA ARG A 125 -31.24 3.55 18.47
C ARG A 125 -32.24 2.42 18.68
N HIS A 126 -32.49 2.08 19.95
CA HIS A 126 -33.38 0.98 20.33
C HIS A 126 -34.41 1.46 21.35
N TYR A 127 -35.58 0.83 21.33
CA TYR A 127 -36.67 1.16 22.25
C TYR A 127 -37.32 -0.11 22.78
N TRP A 128 -37.56 -0.16 24.10
CA TRP A 128 -38.32 -1.25 24.70
C TRP A 128 -38.75 -0.84 26.11
N LYS A 129 -39.58 -1.69 26.72
CA LYS A 129 -40.08 -1.47 28.07
C LYS A 129 -39.68 -2.63 28.98
N ASP A 130 -39.23 -2.29 30.19
CA ASP A 130 -38.78 -3.28 31.18
C ASP A 130 -39.17 -2.77 32.57
N GLU A 131 -40.24 -3.33 33.14
CA GLU A 131 -40.78 -2.85 34.40
C GLU A 131 -39.80 -3.00 35.56
N ARG A 132 -38.82 -3.91 35.44
CA ARG A 132 -37.78 -4.03 36.46
C ARG A 132 -37.00 -2.73 36.64
N LEU A 133 -37.06 -1.82 35.66
CA LEU A 133 -36.32 -0.57 35.68
C LEU A 133 -37.14 0.62 36.15
N SER A 134 -38.39 0.40 36.58
CA SER A 134 -39.29 1.50 36.92
C SER A 134 -38.95 2.09 38.28
N PHE A 135 -39.17 3.40 38.42
CA PHE A 135 -38.75 4.09 39.63
C PHE A 135 -39.79 5.12 40.05
N PRO A 136 -39.93 5.35 41.37
CA PRO A 136 -41.01 6.23 41.85
C PRO A 136 -40.68 7.72 41.74
N SER A 137 -41.05 8.37 40.63
CA SER A 137 -40.91 9.82 40.55
C SER A 137 -42.12 10.42 39.84
N THR A 138 -42.47 11.64 40.25
CA THR A 138 -43.64 12.34 39.74
C THR A 138 -43.39 13.10 38.45
N ASN A 139 -42.13 13.18 37.99
CA ASN A 139 -41.77 14.16 36.96
C ASN A 139 -42.37 13.84 35.60
N ASN A 140 -42.64 12.57 35.32
CA ASN A 140 -43.13 12.14 34.00
C ASN A 140 -42.14 12.50 32.90
N LEU A 141 -40.85 12.41 33.23
CA LEU A 141 -39.80 12.82 32.31
C LEU A 141 -38.63 11.86 32.42
N SER A 142 -37.90 11.71 31.33
CA SER A 142 -36.80 10.76 31.27
C SER A 142 -35.56 11.29 31.98
N MET A 143 -34.73 10.36 32.43
CA MET A 143 -33.49 10.65 33.13
C MET A 143 -32.34 10.03 32.36
N THR A 144 -31.27 10.80 32.17
CA THR A 144 -30.11 10.36 31.40
C THR A 144 -29.09 9.71 32.32
N PHE A 145 -28.57 8.55 31.92
CA PHE A 145 -27.56 7.84 32.70
C PHE A 145 -26.34 7.57 31.82
N ASP A 146 -25.19 7.47 32.46
CA ASP A 146 -23.92 7.14 31.84
C ASP A 146 -23.92 5.69 31.38
N GLY A 147 -22.92 5.34 30.58
CA GLY A 147 -22.85 4.00 30.04
C GLY A 147 -22.33 2.95 30.99
N ARG A 148 -22.07 3.33 32.25
CA ARG A 148 -21.64 2.33 33.23
C ARG A 148 -22.76 1.34 33.51
N LEU A 149 -24.02 1.80 33.50
CA LEU A 149 -25.15 0.94 33.83
C LEU A 149 -25.39 -0.15 32.79
N VAL A 150 -24.88 0.00 31.56
CA VAL A 150 -25.26 -0.92 30.49
C VAL A 150 -24.72 -2.32 30.76
N LYS A 151 -23.62 -2.42 31.50
CA LYS A 151 -23.03 -3.71 31.86
C LYS A 151 -23.75 -4.39 33.02
N LYS A 152 -24.71 -3.71 33.66
CA LYS A 152 -25.45 -4.27 34.78
C LYS A 152 -26.81 -4.79 34.38
N ILE A 153 -27.51 -4.07 33.51
CA ILE A 153 -28.87 -4.40 33.09
C ILE A 153 -28.88 -5.34 31.90
N TRP A 154 -30.07 -5.76 31.48
CA TRP A 154 -30.30 -6.50 30.25
C TRP A 154 -30.53 -5.52 29.08
N VAL A 155 -30.04 -5.91 27.90
CA VAL A 155 -29.95 -5.06 26.71
C VAL A 155 -30.02 -5.93 25.46
N PRO A 156 -30.69 -5.45 24.35
CA PRO A 156 -30.62 -6.27 23.13
C PRO A 156 -29.24 -6.63 22.60
N ASP A 157 -29.22 -7.46 21.57
CA ASP A 157 -27.96 -7.99 21.04
C ASP A 157 -27.95 -8.02 19.51
N MET A 158 -28.24 -6.89 18.89
CA MET A 158 -28.26 -6.83 17.43
C MET A 158 -26.84 -6.93 16.86
N PHE A 159 -26.75 -7.41 15.62
CA PHE A 159 -25.47 -7.47 14.94
C PHE A 159 -25.69 -7.27 13.45
N PHE A 160 -24.59 -7.03 12.74
CA PHE A 160 -24.61 -6.60 11.36
C PHE A 160 -24.34 -7.80 10.45
N VAL A 161 -25.34 -8.22 9.68
CA VAL A 161 -25.17 -9.42 8.87
C VAL A 161 -24.34 -9.08 7.62
N HIS A 162 -23.43 -9.99 7.26
CA HIS A 162 -22.54 -9.83 6.10
C HIS A 162 -21.60 -8.64 6.26
N SER A 163 -21.13 -8.41 7.48
CA SER A 163 -20.06 -7.48 7.77
C SER A 163 -18.71 -8.17 7.83
N LYS A 164 -17.67 -7.43 7.46
CA LYS A 164 -16.30 -7.88 7.55
C LYS A 164 -15.60 -7.40 8.82
N ARG A 165 -15.99 -6.25 9.36
CA ARG A 165 -15.40 -5.61 10.52
C ARG A 165 -16.23 -4.39 10.95
N SER A 166 -16.25 -4.13 12.27
CA SER A 166 -17.00 -3.03 12.83
C SER A 166 -16.41 -2.66 14.19
N PHE A 167 -16.85 -1.52 14.75
CA PHE A 167 -16.45 -1.12 16.10
C PHE A 167 -17.28 0.06 16.59
N ILE A 168 -17.26 0.26 17.91
CA ILE A 168 -17.95 1.35 18.59
C ILE A 168 -16.90 2.36 19.05
N HIS A 169 -17.21 3.64 18.87
CA HIS A 169 -16.26 4.71 19.17
C HIS A 169 -16.16 4.94 20.68
N ASP A 170 -14.96 5.36 21.14
CA ASP A 170 -14.68 5.37 22.57
C ASP A 170 -13.80 6.54 23.02
N THR A 171 -13.87 7.67 22.32
CA THR A 171 -13.11 8.86 22.74
C THR A 171 -14.02 10.08 22.72
N THR A 172 -14.03 10.84 23.83
CA THR A 172 -13.14 10.62 24.98
C THR A 172 -13.64 9.57 25.98
N THR A 173 -14.82 9.04 25.71
CA THR A 173 -15.38 7.94 26.46
C THR A 173 -16.34 7.21 25.53
N ASP A 174 -16.83 6.06 26.00
CA ASP A 174 -17.72 5.25 25.18
C ASP A 174 -18.89 6.07 24.67
N ASN A 175 -19.12 6.02 23.35
CA ASN A 175 -20.22 6.74 22.70
C ASN A 175 -21.52 5.96 22.92
N VAL A 176 -21.99 5.98 24.17
CA VAL A 176 -23.17 5.24 24.58
C VAL A 176 -24.07 6.14 25.39
N MET A 177 -25.39 6.01 25.20
CA MET A 177 -26.39 6.79 25.90
C MET A 177 -27.53 5.90 26.38
N LEU A 178 -27.99 6.15 27.61
CA LEU A 178 -29.13 5.43 28.20
C LEU A 178 -30.07 6.45 28.83
N ARG A 179 -31.35 6.37 28.45
CA ARG A 179 -32.41 7.22 28.99
C ARG A 179 -33.53 6.33 29.49
N VAL A 180 -34.02 6.60 30.71
CA VAL A 180 -35.07 5.77 31.29
C VAL A 180 -36.13 6.68 31.90
N GLN A 181 -37.39 6.31 31.69
CA GLN A 181 -38.63 6.90 32.15
C GLN A 181 -39.12 6.22 33.43
N PRO A 182 -39.90 6.91 34.29
CA PRO A 182 -40.43 6.26 35.49
C PRO A 182 -41.20 4.99 35.19
N ASP A 183 -41.66 4.84 33.94
CA ASP A 183 -42.43 3.64 33.61
C ASP A 183 -41.57 2.40 33.51
N GLY A 184 -40.29 2.56 33.20
CA GLY A 184 -39.45 1.47 32.76
C GLY A 184 -39.28 1.40 31.27
N LYS A 185 -39.73 2.43 30.54
CA LYS A 185 -39.46 2.55 29.12
C LYS A 185 -38.04 3.07 28.90
N VAL A 186 -37.32 2.42 27.99
CA VAL A 186 -35.89 2.65 27.82
C VAL A 186 -35.59 3.11 26.39
N LEU A 187 -34.59 3.98 26.27
CA LEU A 187 -33.97 4.37 25.00
C LEU A 187 -32.47 4.16 25.11
N TYR A 188 -31.88 3.58 24.06
CA TYR A 188 -30.51 3.10 24.08
C TYR A 188 -29.89 3.38 22.70
N SER A 189 -28.68 3.97 22.69
CA SER A 189 -28.13 4.60 21.50
C SER A 189 -26.62 4.41 21.42
N LEU A 190 -26.11 4.22 20.19
CA LEU A 190 -24.71 3.89 19.93
C LEU A 190 -24.22 4.64 18.70
N ARG A 191 -22.90 4.83 18.61
CA ARG A 191 -22.29 5.34 17.38
C ARG A 191 -21.29 4.29 16.90
N VAL A 192 -21.34 3.93 15.61
CA VAL A 192 -20.59 2.78 15.12
C VAL A 192 -20.16 3.00 13.67
N THR A 193 -19.12 2.26 13.27
CA THR A 193 -18.62 2.19 11.91
C THR A 193 -18.60 0.73 11.47
N VAL A 194 -19.09 0.46 10.25
CA VAL A 194 -19.23 -0.91 9.75
C VAL A 194 -18.67 -0.99 8.34
N THR A 195 -17.98 -2.10 8.03
CA THR A 195 -17.60 -2.46 6.67
C THR A 195 -18.45 -3.67 6.25
N ALA A 196 -19.14 -3.54 5.12
CA ALA A 196 -20.10 -4.54 4.71
C ALA A 196 -19.88 -4.96 3.26
N MET A 197 -20.33 -6.17 2.94
CA MET A 197 -20.08 -6.82 1.67
C MET A 197 -21.16 -6.47 0.67
N CYS A 198 -20.76 -6.24 -0.58
CA CYS A 198 -21.70 -5.91 -1.65
C CYS A 198 -21.16 -6.50 -2.95
N ASN A 199 -21.81 -7.54 -3.45
CA ASN A 199 -21.38 -8.17 -4.69
C ASN A 199 -21.64 -7.23 -5.87
N MET A 200 -20.61 -6.99 -6.68
CA MET A 200 -20.67 -6.09 -7.82
C MET A 200 -20.38 -6.85 -9.11
N ASP A 201 -20.94 -6.34 -10.20
CA ASP A 201 -20.72 -6.87 -11.54
C ASP A 201 -20.22 -5.73 -12.42
N PHE A 202 -19.01 -5.90 -12.96
CA PHE A 202 -18.31 -4.85 -13.70
C PHE A 202 -18.30 -5.10 -15.20
N SER A 203 -19.16 -5.98 -15.71
CA SER A 203 -19.07 -6.35 -17.11
C SER A 203 -19.52 -5.24 -18.05
N ARG A 204 -20.30 -4.27 -17.55
CA ARG A 204 -20.69 -3.10 -18.33
C ARG A 204 -19.85 -1.88 -18.00
N PHE A 205 -18.74 -2.07 -17.29
CA PHE A 205 -17.86 -0.95 -16.95
C PHE A 205 -17.45 -0.20 -18.22
N PRO A 206 -17.42 1.14 -18.20
CA PRO A 206 -17.72 2.08 -17.11
C PRO A 206 -19.18 2.52 -17.07
N LEU A 207 -20.05 1.75 -17.74
CA LEU A 207 -21.48 2.05 -17.82
C LEU A 207 -22.32 1.22 -16.87
N ASP A 208 -21.74 0.79 -15.74
CA ASP A 208 -22.42 -0.04 -14.75
C ASP A 208 -23.15 0.79 -13.70
N THR A 209 -24.09 0.13 -13.03
CA THR A 209 -24.81 0.68 -11.90
C THR A 209 -24.90 -0.42 -10.83
N GLN A 210 -24.59 -0.06 -9.58
CA GLN A 210 -24.49 -1.03 -8.49
C GLN A 210 -25.50 -0.71 -7.40
N THR A 211 -25.95 -1.74 -6.67
CA THR A 211 -26.88 -1.52 -5.57
C THR A 211 -26.42 -2.35 -4.37
N CYS A 212 -26.34 -1.71 -3.20
CA CYS A 212 -25.84 -2.32 -1.98
C CYS A 212 -26.83 -2.13 -0.85
N SER A 213 -26.59 -2.83 0.26
CA SER A 213 -27.49 -2.76 1.40
C SER A 213 -26.75 -3.10 2.69
N LEU A 214 -27.33 -2.68 3.82
CA LEU A 214 -26.86 -2.99 5.16
C LEU A 214 -27.95 -3.74 5.90
N GLU A 215 -27.58 -4.83 6.56
CA GLU A 215 -28.54 -5.77 7.15
C GLU A 215 -28.36 -5.86 8.65
N ILE A 216 -29.48 -5.83 9.38
CA ILE A 216 -29.47 -5.85 10.84
C ILE A 216 -30.35 -7.00 11.33
N GLU A 217 -29.83 -7.74 12.32
CA GLU A 217 -30.44 -8.94 12.86
C GLU A 217 -30.05 -9.15 14.33
N SER A 218 -30.92 -9.86 15.05
CA SER A 218 -30.64 -10.30 16.41
C SER A 218 -29.85 -11.60 16.39
N TYR A 219 -28.84 -11.71 17.25
CA TYR A 219 -27.97 -12.87 17.19
C TYR A 219 -28.56 -14.07 17.91
N ALA A 220 -28.95 -13.92 19.17
CA ALA A 220 -29.28 -15.07 20.02
C ALA A 220 -30.74 -15.45 19.99
N TYR A 221 -31.65 -14.48 19.99
CA TYR A 221 -33.07 -14.75 20.21
C TYR A 221 -33.81 -14.81 18.88
N THR A 222 -34.73 -15.76 18.77
CA THR A 222 -35.53 -15.99 17.58
C THR A 222 -36.86 -15.25 17.70
N GLU A 223 -37.59 -15.20 16.57
CA GLU A 223 -38.86 -14.48 16.52
C GLU A 223 -39.87 -14.97 17.54
N ASP A 224 -39.58 -16.05 18.26
CA ASP A 224 -40.43 -16.52 19.34
C ASP A 224 -40.10 -15.86 20.67
N ASP A 225 -38.98 -15.15 20.72
CA ASP A 225 -38.53 -14.44 21.92
C ASP A 225 -38.39 -12.95 21.72
N LEU A 226 -38.05 -12.48 20.52
CA LEU A 226 -37.84 -11.06 20.25
C LEU A 226 -38.45 -10.69 18.92
N MET A 227 -39.22 -9.61 18.90
CA MET A 227 -39.87 -9.09 17.70
C MET A 227 -39.21 -7.77 17.32
N LEU A 228 -38.67 -7.71 16.11
CA LEU A 228 -37.86 -6.59 15.65
C LEU A 228 -38.55 -5.88 14.50
N TYR A 229 -38.67 -4.56 14.60
CA TYR A 229 -39.40 -3.77 13.60
C TYR A 229 -38.88 -2.34 13.58
N TRP A 230 -39.13 -1.67 12.45
CA TRP A 230 -38.81 -0.25 12.33
C TRP A 230 -39.81 0.58 13.14
N LYS A 231 -39.29 1.49 13.97
CA LYS A 231 -40.11 2.16 14.98
C LYS A 231 -41.18 3.07 14.37
N LYS A 232 -40.94 3.61 13.17
CA LYS A 232 -41.90 4.52 12.56
C LYS A 232 -42.09 4.21 11.08
N GLY A 233 -42.00 2.95 10.71
CA GLY A 233 -42.19 2.57 9.32
C GLY A 233 -41.16 3.21 8.42
N ASN A 234 -41.64 3.89 7.37
CA ASN A 234 -40.74 4.47 6.38
C ASN A 234 -39.97 5.68 6.90
N ASP A 235 -40.41 6.27 8.02
CA ASP A 235 -39.79 7.48 8.56
C ASP A 235 -38.64 7.21 9.53
N SER A 236 -38.21 5.96 9.68
CA SER A 236 -37.20 5.58 10.66
C SER A 236 -35.77 5.62 10.12
N LEU A 237 -35.55 6.15 8.91
CA LEU A 237 -34.22 6.40 8.41
C LEU A 237 -34.03 7.89 8.13
N LYS A 238 -32.98 8.46 8.70
CA LYS A 238 -32.56 9.82 8.41
C LYS A 238 -31.16 9.78 7.80
N THR A 239 -30.87 10.75 6.93
CA THR A 239 -29.58 10.76 6.24
C THR A 239 -29.00 12.17 6.27
N ASP A 240 -27.68 12.27 6.45
CA ASP A 240 -27.06 13.56 6.66
C ASP A 240 -26.93 14.33 5.33
N GLU A 241 -26.83 15.65 5.46
CA GLU A 241 -26.90 16.55 4.31
C GLU A 241 -25.60 16.61 3.50
N ARG A 242 -24.46 16.34 4.14
CA ARG A 242 -23.16 16.55 3.51
C ARG A 242 -22.47 15.24 3.11
N ILE A 243 -23.24 14.25 2.66
CA ILE A 243 -22.70 12.95 2.26
C ILE A 243 -22.32 12.99 0.78
N SER A 244 -21.15 12.43 0.46
CA SER A 244 -20.61 12.49 -0.89
C SER A 244 -19.38 11.59 -0.98
N LEU A 245 -19.03 11.22 -2.21
CA LEU A 245 -17.88 10.39 -2.51
C LEU A 245 -17.10 11.01 -3.65
N SER A 246 -15.77 10.82 -3.65
CA SER A 246 -14.98 11.42 -4.72
C SER A 246 -14.98 10.63 -6.01
N GLN A 247 -15.79 9.58 -6.12
CA GLN A 247 -15.71 8.71 -7.28
C GLN A 247 -17.06 8.17 -7.71
N PHE A 248 -18.15 8.63 -7.10
CA PHE A 248 -19.44 7.94 -7.23
C PHE A 248 -20.55 8.94 -6.97
N LEU A 249 -21.77 8.60 -7.42
CA LEU A 249 -22.93 9.40 -7.10
C LEU A 249 -23.95 8.51 -6.40
N ILE A 250 -24.51 9.00 -5.30
CA ILE A 250 -25.35 8.21 -4.41
C ILE A 250 -26.80 8.66 -4.54
N GLN A 251 -27.71 7.69 -4.60
CA GLN A 251 -29.13 7.99 -4.71
C GLN A 251 -29.96 6.83 -4.18
N GLU A 252 -31.22 7.14 -3.82
CA GLU A 252 -32.29 6.17 -3.59
C GLU A 252 -32.24 5.39 -2.28
N PHE A 253 -32.14 6.09 -1.14
CA PHE A 253 -32.15 5.45 0.18
C PHE A 253 -33.57 5.03 0.57
N HIS A 254 -33.76 3.75 0.90
CA HIS A 254 -35.01 3.29 1.50
C HIS A 254 -34.79 2.02 2.32
N THR A 255 -35.79 1.67 3.13
CA THR A 255 -35.71 0.55 4.08
C THR A 255 -36.77 -0.51 3.78
N THR A 256 -36.50 -1.74 4.23
CA THR A 256 -37.47 -2.84 4.12
C THR A 256 -37.14 -3.92 5.16
N THR A 257 -37.94 -5.01 5.14
CA THR A 257 -37.84 -6.08 6.13
C THR A 257 -38.01 -7.45 5.47
N LYS A 258 -37.46 -8.49 6.11
CA LYS A 258 -37.58 -9.87 5.63
C LYS A 258 -37.36 -10.85 6.78
N LEU A 259 -37.94 -12.04 6.63
CA LEU A 259 -37.87 -13.13 7.61
C LEU A 259 -36.91 -14.23 7.13
N ALA A 260 -35.95 -14.62 7.96
CA ALA A 260 -34.81 -15.44 7.53
C ALA A 260 -34.65 -16.68 8.41
N PHE A 261 -34.02 -17.71 7.83
CA PHE A 261 -34.03 -19.06 8.39
C PHE A 261 -32.61 -19.64 8.43
N TYR A 262 -32.19 -20.15 9.58
CA TYR A 262 -30.99 -20.97 9.70
C TYR A 262 -31.39 -22.39 10.08
N SER A 263 -30.70 -23.37 9.48
CA SER A 263 -31.15 -24.75 9.55
C SER A 263 -30.95 -25.35 10.93
N SER A 264 -29.88 -24.96 11.62
CA SER A 264 -29.55 -25.49 12.94
C SER A 264 -30.11 -24.65 14.09
N THR A 265 -30.74 -23.50 13.82
CA THR A 265 -31.07 -22.60 14.93
C THR A 265 -32.45 -21.94 14.88
N GLY A 266 -33.02 -21.63 13.71
CA GLY A 266 -34.41 -21.20 13.71
C GLY A 266 -34.67 -20.05 12.76
N TRP A 267 -35.74 -19.31 13.05
CA TRP A 267 -36.22 -18.19 12.25
C TRP A 267 -35.93 -16.86 12.96
N TYR A 268 -35.56 -15.83 12.18
CA TYR A 268 -35.28 -14.50 12.72
C TYR A 268 -35.84 -13.43 11.81
N ASN A 269 -35.99 -12.23 12.39
CA ASN A 269 -36.45 -11.04 11.68
C ASN A 269 -35.23 -10.22 11.26
N ARG A 270 -35.29 -9.64 10.06
CA ARG A 270 -34.15 -8.91 9.52
C ARG A 270 -34.59 -7.59 8.89
N LEU A 271 -33.82 -6.53 9.17
CA LEU A 271 -34.08 -5.21 8.61
C LEU A 271 -32.99 -4.84 7.60
N TYR A 272 -33.38 -4.03 6.62
CA TYR A 272 -32.51 -3.66 5.50
C TYR A 272 -32.50 -2.16 5.25
N ILE A 273 -31.35 -1.64 4.84
CA ILE A 273 -31.20 -0.30 4.28
C ILE A 273 -30.58 -0.45 2.89
N ASN A 274 -31.20 0.15 1.87
CA ASN A 274 -30.77 -0.02 0.49
C ASN A 274 -30.40 1.32 -0.15
N PHE A 275 -29.48 1.26 -1.11
CA PHE A 275 -29.11 2.45 -1.89
C PHE A 275 -28.43 2.04 -3.19
N THR A 276 -28.30 3.03 -4.09
CA THR A 276 -27.81 2.86 -5.46
C THR A 276 -26.59 3.74 -5.71
N LEU A 277 -25.74 3.32 -6.67
CA LEU A 277 -24.49 4.00 -7.00
C LEU A 277 -24.31 4.12 -8.51
N ARG A 278 -23.69 5.22 -8.94
CA ARG A 278 -23.46 5.50 -10.37
C ARG A 278 -22.17 6.28 -10.54
N ARG A 279 -21.66 6.33 -11.78
CA ARG A 279 -20.39 6.99 -12.07
C ARG A 279 -20.55 8.28 -12.88
N HIS A 280 -19.42 8.94 -13.10
CA HIS A 280 -19.30 10.11 -13.99
C HIS A 280 -18.79 9.63 -15.35
N ILE A 281 -19.67 9.59 -16.35
CA ILE A 281 -19.32 8.86 -17.58
C ILE A 281 -18.42 9.69 -18.50
N PHE A 282 -18.50 11.02 -18.43
CA PHE A 282 -17.77 11.84 -19.39
C PHE A 282 -16.27 11.79 -19.12
N PHE A 283 -15.89 11.69 -17.84
CA PHE A 283 -14.49 11.49 -17.47
C PHE A 283 -13.91 10.29 -18.20
N PHE A 284 -14.59 9.16 -18.12
CA PHE A 284 -14.11 7.91 -18.68
C PHE A 284 -14.09 7.97 -20.21
N LEU A 285 -15.09 8.63 -20.80
CA LEU A 285 -15.08 8.85 -22.23
C LEU A 285 -13.81 9.59 -22.66
N LEU A 286 -13.58 10.77 -22.07
CA LEU A 286 -12.44 11.59 -22.45
C LEU A 286 -11.12 10.87 -22.23
N GLN A 287 -11.04 10.07 -21.17
CA GLN A 287 -9.76 9.46 -20.84
C GLN A 287 -9.49 8.20 -21.67
N THR A 288 -10.52 7.46 -22.07
CA THR A 288 -10.31 6.17 -22.73
C THR A 288 -10.78 6.11 -24.17
N TYR A 289 -12.01 6.52 -24.48
CA TYR A 289 -12.55 6.27 -25.82
C TYR A 289 -12.04 7.27 -26.85
N PHE A 290 -11.64 8.45 -26.39
CA PHE A 290 -11.36 9.56 -27.31
C PHE A 290 -9.99 9.40 -27.98
N PRO A 291 -8.88 9.21 -27.24
CA PRO A 291 -7.57 8.93 -27.88
C PRO A 291 -7.55 7.77 -28.87
N ALA A 292 -8.22 6.66 -28.54
CA ALA A 292 -8.21 5.49 -29.43
C ALA A 292 -8.87 5.82 -30.76
N THR A 293 -9.96 6.58 -30.70
CA THR A 293 -10.69 6.97 -31.89
C THR A 293 -9.83 7.87 -32.76
N LEU A 294 -9.15 8.83 -32.12
CA LEU A 294 -8.25 9.70 -32.88
C LEU A 294 -7.14 8.89 -33.57
N MET A 295 -6.62 7.87 -32.89
CA MET A 295 -5.57 7.05 -33.47
C MET A 295 -6.07 6.28 -34.70
N VAL A 296 -7.27 5.69 -34.60
CA VAL A 296 -7.82 5.01 -35.77
C VAL A 296 -7.99 6.00 -36.92
N MET A 297 -8.37 7.23 -36.61
CA MET A 297 -8.55 8.22 -37.66
C MET A 297 -7.22 8.60 -38.29
N LEU A 298 -6.15 8.55 -37.50
CA LEU A 298 -4.82 8.86 -37.98
C LEU A 298 -4.29 7.79 -38.92
N SER A 299 -4.72 6.54 -38.72
CA SER A 299 -4.25 5.44 -39.57
C SER A 299 -4.82 5.50 -40.98
N TRP A 300 -5.89 6.26 -41.20
CA TRP A 300 -6.57 6.37 -42.49
C TRP A 300 -5.93 7.41 -43.42
N VAL A 301 -5.08 8.29 -42.87
CA VAL A 301 -4.34 9.28 -43.64
C VAL A 301 -3.41 8.61 -44.64
N SER A 302 -3.04 7.36 -44.37
CA SER A 302 -2.03 6.70 -45.19
C SER A 302 -2.55 6.44 -46.61
N PHE A 303 -3.85 6.23 -46.76
CA PHE A 303 -4.46 5.93 -48.05
C PHE A 303 -4.35 7.09 -49.04
N TRP A 304 -4.00 8.29 -48.59
CA TRP A 304 -3.96 9.46 -49.46
C TRP A 304 -2.54 9.89 -49.82
N ILE A 305 -1.52 9.21 -49.29
CA ILE A 305 -0.12 9.50 -49.61
C ILE A 305 0.29 8.64 -50.81
N ASP A 306 1.23 9.17 -51.58
CA ASP A 306 1.64 8.55 -52.83
C ASP A 306 2.36 7.23 -52.57
N ARG A 307 1.85 6.16 -53.21
CA ARG A 307 2.39 4.82 -53.05
C ARG A 307 3.86 4.74 -53.43
N ARG A 308 4.35 5.69 -54.22
CA ARG A 308 5.76 5.73 -54.60
C ARG A 308 6.67 6.08 -53.42
N ALA A 309 6.13 6.69 -52.38
CA ALA A 309 6.92 7.15 -51.23
C ALA A 309 6.98 6.07 -50.17
N VAL A 310 7.81 5.06 -50.43
CA VAL A 310 7.92 3.93 -49.50
C VAL A 310 8.52 4.34 -48.15
N PRO A 311 9.64 5.08 -48.08
CA PRO A 311 10.16 5.49 -46.77
C PRO A 311 9.25 6.44 -46.00
N ALA A 312 8.12 6.85 -46.56
CA ALA A 312 7.16 7.70 -45.87
C ALA A 312 5.92 6.94 -45.43
N ARG A 313 5.53 5.90 -46.15
CA ARG A 313 4.32 5.16 -45.82
C ARG A 313 4.64 3.98 -44.90
N VAL A 314 5.87 3.47 -44.93
CA VAL A 314 6.22 2.35 -44.07
C VAL A 314 6.39 2.76 -42.61
N PRO A 315 7.16 3.80 -42.25
CA PRO A 315 7.30 4.12 -40.82
C PRO A 315 6.02 4.62 -40.18
N LEU A 316 5.11 5.22 -40.95
CA LEU A 316 3.91 5.81 -40.37
C LEU A 316 3.07 4.74 -39.67
N GLY A 317 2.88 3.60 -40.34
CA GLY A 317 2.00 2.58 -39.81
C GLY A 317 2.54 1.95 -38.53
N ILE A 318 3.84 1.64 -38.52
CA ILE A 318 4.40 0.90 -37.39
C ILE A 318 4.54 1.84 -36.20
N THR A 319 4.79 3.13 -36.45
CA THR A 319 4.76 4.08 -35.35
C THR A 319 3.34 4.23 -34.78
N THR A 320 2.33 4.12 -35.63
CA THR A 320 0.95 4.22 -35.15
C THR A 320 0.60 3.02 -34.28
N VAL A 321 1.08 1.83 -34.66
CA VAL A 321 0.94 0.63 -33.83
C VAL A 321 1.59 0.88 -32.46
N LEU A 322 2.78 1.48 -32.47
CA LEU A 322 3.48 1.72 -31.20
C LEU A 322 2.66 2.61 -30.28
N THR A 323 2.16 3.72 -30.83
CA THR A 323 1.35 4.65 -30.06
C THR A 323 0.11 3.95 -29.47
N MET A 324 -0.60 3.16 -30.27
CA MET A 324 -1.80 2.51 -29.74
C MET A 324 -1.47 1.51 -28.64
N SER A 325 -0.35 0.79 -28.77
CA SER A 325 0.05 -0.14 -27.71
C SER A 325 0.37 0.60 -26.42
N THR A 326 1.09 1.72 -26.52
CA THR A 326 1.34 2.55 -25.35
C THR A 326 0.04 2.94 -24.66
N ILE A 327 -0.96 3.37 -25.45
CA ILE A 327 -2.21 3.84 -24.85
C ILE A 327 -2.90 2.70 -24.10
N ILE A 328 -2.97 1.52 -24.72
CA ILE A 328 -3.66 0.41 -24.11
C ILE A 328 -2.98 -0.02 -22.81
N THR A 329 -1.65 -0.05 -22.82
CA THR A 329 -0.90 -0.41 -21.62
C THR A 329 -1.13 0.60 -20.49
N GLY A 330 -1.16 1.89 -20.83
CA GLY A 330 -1.49 2.91 -19.86
C GLY A 330 -2.83 2.66 -19.19
N VAL A 331 -3.84 2.27 -19.98
CA VAL A 331 -5.15 2.04 -19.37
C VAL A 331 -5.11 0.79 -18.52
N ASN A 332 -4.29 -0.19 -18.91
CA ASN A 332 -4.28 -1.45 -18.17
C ASN A 332 -3.63 -1.31 -16.80
N ALA A 333 -2.69 -0.37 -16.67
CA ALA A 333 -1.95 -0.17 -15.42
C ALA A 333 -2.71 0.57 -14.33
N SER A 334 -3.94 1.02 -14.56
CA SER A 334 -4.67 1.83 -13.59
C SER A 334 -6.07 1.33 -13.31
N MET A 335 -6.49 0.26 -13.96
CA MET A 335 -7.78 -0.36 -13.75
C MET A 335 -7.81 -1.10 -12.41
N PRO A 336 -9.01 -1.35 -11.85
CA PRO A 336 -9.06 -1.98 -10.52
C PRO A 336 -8.82 -3.49 -10.43
N ARG A 337 -8.11 -4.08 -11.39
CA ARG A 337 -7.57 -5.45 -11.27
C ARG A 337 -8.63 -6.51 -10.98
N VAL A 338 -9.77 -6.44 -11.67
CA VAL A 338 -10.72 -7.55 -11.69
C VAL A 338 -10.55 -8.31 -13.00
N SER A 339 -10.41 -9.63 -12.91
CA SER A 339 -9.83 -10.42 -14.01
C SER A 339 -10.91 -11.09 -14.85
N TYR A 340 -11.76 -10.28 -15.46
CA TYR A 340 -12.62 -10.75 -16.54
C TYR A 340 -12.90 -9.60 -17.50
N ILE A 341 -13.49 -9.94 -18.64
CA ILE A 341 -13.53 -9.03 -19.78
C ILE A 341 -14.68 -8.05 -19.63
N LYS A 342 -14.40 -6.77 -19.84
CA LYS A 342 -15.37 -5.70 -19.64
C LYS A 342 -15.58 -4.89 -20.92
N ALA A 343 -16.65 -4.09 -20.90
CA ALA A 343 -17.16 -3.39 -22.08
C ALA A 343 -16.10 -2.55 -22.79
N VAL A 344 -15.16 -2.00 -22.06
CA VAL A 344 -14.18 -1.04 -22.59
C VAL A 344 -13.02 -1.78 -23.26
N ASP A 345 -12.66 -2.96 -22.71
CA ASP A 345 -11.66 -3.83 -23.31
C ASP A 345 -11.97 -4.10 -24.78
N ILE A 346 -13.24 -4.37 -25.08
CA ILE A 346 -13.65 -4.74 -26.44
C ILE A 346 -13.35 -3.59 -27.40
N TYR A 347 -13.78 -2.38 -27.04
CA TYR A 347 -13.50 -1.22 -27.87
C TYR A 347 -12.02 -1.07 -28.13
N LEU A 348 -11.21 -1.15 -27.08
CA LEU A 348 -9.77 -0.92 -27.26
C LEU A 348 -9.16 -1.94 -28.22
N TRP A 349 -9.48 -3.22 -28.04
CA TRP A 349 -8.82 -4.22 -28.88
C TRP A 349 -9.34 -4.22 -30.32
N VAL A 350 -10.60 -3.84 -30.53
CA VAL A 350 -11.09 -3.70 -31.91
C VAL A 350 -10.37 -2.56 -32.62
N SER A 351 -10.14 -1.44 -31.91
CA SER A 351 -9.35 -0.37 -32.51
C SER A 351 -7.94 -0.86 -32.88
N PHE A 352 -7.36 -1.71 -32.02
CA PHE A 352 -6.04 -2.24 -32.32
C PHE A 352 -6.05 -3.03 -33.62
N VAL A 353 -7.07 -3.85 -33.83
CA VAL A 353 -7.14 -4.64 -35.05
C VAL A 353 -7.28 -3.74 -36.28
N PHE A 354 -8.06 -2.66 -36.18
CA PHE A 354 -8.17 -1.75 -37.33
C PHE A 354 -6.81 -1.17 -37.72
N VAL A 355 -6.05 -0.68 -36.72
CA VAL A 355 -4.72 -0.16 -37.03
C VAL A 355 -3.82 -1.22 -37.67
N PHE A 356 -3.95 -2.48 -37.24
CA PHE A 356 -3.12 -3.56 -37.74
C PHE A 356 -3.44 -3.87 -39.22
N LEU A 357 -4.72 -3.91 -39.54
CA LEU A 357 -5.14 -4.09 -40.94
C LEU A 357 -4.56 -3.02 -41.85
N SER A 358 -4.54 -1.76 -41.36
CA SER A 358 -4.03 -0.68 -42.20
C SER A 358 -2.59 -0.93 -42.64
N VAL A 359 -1.83 -1.69 -41.86
CA VAL A 359 -0.41 -1.93 -42.12
C VAL A 359 -0.25 -3.10 -43.07
N LEU A 360 -1.14 -4.09 -43.00
CA LEU A 360 -1.09 -5.13 -44.05
C LEU A 360 -1.47 -4.58 -45.43
N GLU A 361 -2.34 -3.57 -45.45
CA GLU A 361 -2.87 -3.04 -46.72
C GLU A 361 -1.76 -2.55 -47.64
N TYR A 362 -0.89 -1.69 -47.12
CA TYR A 362 0.13 -1.11 -47.98
C TYR A 362 1.14 -2.15 -48.44
N ALA A 363 1.37 -3.19 -47.63
CA ALA A 363 2.21 -4.28 -48.09
C ALA A 363 1.63 -4.92 -49.35
N ALA A 364 0.32 -5.19 -49.34
CA ALA A 364 -0.38 -5.62 -50.55
C ALA A 364 -0.01 -4.74 -51.75
N VAL A 365 -0.17 -3.43 -51.58
CA VAL A 365 -0.03 -2.46 -52.67
C VAL A 365 1.42 -2.45 -53.19
N ASN A 366 2.37 -2.37 -52.27
CA ASN A 366 3.79 -2.33 -52.62
C ASN A 366 4.19 -3.56 -53.42
N TYR A 367 3.82 -4.75 -52.92
CA TYR A 367 4.19 -5.99 -53.59
C TYR A 367 3.63 -6.03 -55.01
N LEU A 368 2.35 -5.66 -55.16
CA LEU A 368 1.72 -5.77 -56.48
C LEU A 368 2.34 -4.78 -57.47
N THR A 369 2.62 -3.55 -57.01
CA THR A 369 3.33 -2.60 -57.87
C THR A 369 4.67 -3.16 -58.31
N THR A 370 5.38 -3.82 -57.40
CA THR A 370 6.75 -4.23 -57.69
C THR A 370 6.77 -5.34 -58.75
N VAL A 371 5.90 -6.33 -58.57
CA VAL A 371 5.77 -7.39 -59.57
C VAL A 371 5.30 -6.82 -60.91
N GLN A 372 4.50 -5.74 -60.90
CA GLN A 372 4.14 -5.15 -62.19
C GLN A 372 5.36 -4.54 -62.90
N GLU A 373 6.21 -3.83 -62.15
CA GLU A 373 7.44 -3.30 -62.73
C GLU A 373 8.27 -4.42 -63.37
N ARG A 374 8.50 -5.48 -62.60
CA ARG A 374 9.19 -6.68 -63.09
C ARG A 374 8.53 -7.25 -64.35
N LYS A 375 7.20 -7.27 -64.40
CA LYS A 375 6.49 -7.86 -65.52
C LYS A 375 6.67 -7.04 -66.79
N GLU A 376 6.57 -5.72 -66.69
CA GLU A 376 6.75 -4.88 -67.86
C GLU A 376 8.19 -4.90 -68.35
N GLN A 377 9.14 -4.85 -67.42
CA GLN A 377 10.55 -4.91 -67.77
C GLN A 377 10.97 -6.35 -68.07
N ASP A 451 -1.01 7.27 -61.02
CA ASP A 451 -2.36 6.70 -60.97
C ASP A 451 -2.53 6.02 -59.61
N THR A 452 -3.71 6.17 -59.01
CA THR A 452 -3.97 5.60 -57.71
C THR A 452 -4.29 4.11 -57.83
N HIS A 453 -3.74 3.31 -56.92
CA HIS A 453 -4.01 1.87 -56.98
C HIS A 453 -5.45 1.58 -56.60
N ALA A 454 -5.98 0.48 -57.13
CA ALA A 454 -7.37 0.12 -56.88
C ALA A 454 -7.62 -0.12 -55.40
N ILE A 455 -6.67 -0.78 -54.72
CA ILE A 455 -6.85 -1.08 -53.30
C ILE A 455 -6.77 0.18 -52.45
N ASP A 456 -6.02 1.20 -52.89
CA ASP A 456 -6.05 2.48 -52.18
C ASP A 456 -7.42 3.12 -52.25
N LYS A 457 -7.96 3.29 -53.47
CA LYS A 457 -9.20 4.02 -53.65
C LYS A 457 -10.41 3.22 -53.16
N TYR A 458 -10.26 1.91 -52.97
CA TYR A 458 -11.34 1.20 -52.28
C TYR A 458 -11.22 1.34 -50.77
N SER A 459 -9.99 1.30 -50.24
CA SER A 459 -9.80 1.40 -48.80
C SER A 459 -10.34 2.73 -48.27
N ARG A 460 -10.11 3.82 -49.02
CA ARG A 460 -10.60 5.14 -48.63
C ARG A 460 -12.10 5.14 -48.34
N ILE A 461 -12.86 4.24 -48.97
CA ILE A 461 -14.27 4.12 -48.62
C ILE A 461 -14.50 3.06 -47.55
N ILE A 462 -13.86 1.89 -47.70
CA ILE A 462 -14.31 0.74 -46.92
C ILE A 462 -13.96 0.89 -45.44
N PHE A 463 -12.75 1.37 -45.12
CA PHE A 463 -12.37 1.38 -43.72
C PHE A 463 -13.29 2.21 -42.84
N PRO A 464 -13.55 3.50 -43.14
CA PRO A 464 -14.41 4.30 -42.25
C PRO A 464 -15.81 3.72 -42.10
N ALA A 465 -16.39 3.16 -43.18
CA ALA A 465 -17.74 2.63 -43.12
C ALA A 465 -17.83 1.45 -42.14
N ALA A 466 -16.80 0.60 -42.14
CA ALA A 466 -16.79 -0.52 -41.21
C ALA A 466 -16.69 -0.01 -39.77
N TYR A 467 -15.87 1.02 -39.55
CA TYR A 467 -15.76 1.55 -38.19
C TYR A 467 -17.09 2.14 -37.72
N ILE A 468 -17.80 2.80 -38.64
CA ILE A 468 -19.11 3.37 -38.31
C ILE A 468 -20.11 2.27 -37.96
N LEU A 469 -20.08 1.16 -38.71
CA LEU A 469 -20.94 0.03 -38.38
C LEU A 469 -20.61 -0.55 -37.01
N PHE A 470 -19.31 -0.68 -36.72
CA PHE A 470 -18.90 -1.18 -35.41
C PHE A 470 -19.47 -0.31 -34.30
N ASN A 471 -19.37 1.01 -34.44
CA ASN A 471 -19.83 1.89 -33.39
C ASN A 471 -21.34 1.78 -33.21
N LEU A 472 -22.08 1.69 -34.31
CA LEU A 472 -23.53 1.55 -34.21
C LEU A 472 -23.91 0.31 -33.40
N ILE A 473 -23.31 -0.84 -33.74
CA ILE A 473 -23.67 -2.08 -33.03
C ILE A 473 -23.26 -1.98 -31.56
N TYR A 474 -22.02 -1.53 -31.31
CA TYR A 474 -21.50 -1.48 -29.96
C TYR A 474 -22.39 -0.62 -29.06
N TRP A 475 -22.73 0.59 -29.50
CA TRP A 475 -23.61 1.40 -28.66
C TRP A 475 -25.07 0.98 -28.73
N SER A 476 -25.44 0.05 -29.62
CA SER A 476 -26.77 -0.53 -29.49
C SER A 476 -26.82 -1.58 -28.38
N ILE A 477 -25.67 -2.19 -28.08
CA ILE A 477 -25.60 -3.27 -27.10
C ILE A 477 -25.44 -2.72 -25.69
N PHE A 478 -24.58 -1.71 -25.53
CA PHE A 478 -24.31 -1.15 -24.22
C PHE A 478 -25.06 0.15 -23.94
N SER A 479 -25.66 0.77 -24.97
CA SER A 479 -26.59 1.89 -24.80
C SER A 479 -26.00 3.07 -24.01
N ASP B 85 -23.65 9.46 44.78
CA ASP B 85 -23.71 8.69 43.54
C ASP B 85 -23.06 9.45 42.40
N PHE B 86 -21.80 9.12 42.09
CA PHE B 86 -21.19 9.78 40.96
C PHE B 86 -21.67 9.23 39.62
N SER B 87 -22.86 8.62 39.60
CA SER B 87 -23.49 8.23 38.37
C SER B 87 -24.50 9.29 37.92
N MET B 88 -24.50 10.44 38.59
CA MET B 88 -25.37 11.57 38.29
C MET B 88 -24.53 12.84 38.27
N ARG B 89 -24.93 13.78 37.43
CA ARG B 89 -24.16 15.01 37.26
C ARG B 89 -24.36 15.94 38.44
N PRO B 90 -23.46 16.91 38.63
CA PRO B 90 -23.73 18.00 39.56
C PRO B 90 -25.05 18.70 39.21
N GLY B 91 -25.79 19.09 40.25
CA GLY B 91 -27.12 19.66 40.05
C GLY B 91 -28.06 18.79 39.26
N PHE B 92 -28.12 17.50 39.57
CA PHE B 92 -28.93 16.56 38.82
C PHE B 92 -30.39 16.76 39.18
N GLY B 93 -31.21 17.07 38.16
CA GLY B 93 -32.59 17.43 38.35
C GLY B 93 -32.86 18.91 38.48
N GLY B 94 -31.82 19.73 38.58
CA GLY B 94 -31.96 21.16 38.53
C GLY B 94 -31.38 21.76 37.27
N PRO B 95 -30.90 23.00 37.34
CA PRO B 95 -30.44 23.65 36.10
C PRO B 95 -29.15 23.04 35.56
N ALA B 96 -28.66 23.60 34.46
CA ALA B 96 -27.61 22.99 33.66
C ALA B 96 -26.22 23.34 34.20
N ILE B 97 -25.25 22.45 33.98
CA ILE B 97 -23.90 22.71 34.48
C ILE B 97 -23.09 23.42 33.41
N PRO B 98 -22.46 24.56 33.72
CA PRO B 98 -21.54 25.21 32.78
C PRO B 98 -20.19 24.50 32.74
N VAL B 99 -19.73 24.18 31.53
CA VAL B 99 -18.43 23.53 31.32
C VAL B 99 -17.67 24.31 30.25
N GLY B 100 -16.41 24.60 30.52
CA GLY B 100 -15.59 25.46 29.65
C GLY B 100 -14.38 24.75 29.09
N VAL B 101 -14.11 25.01 27.79
CA VAL B 101 -13.15 24.24 27.00
C VAL B 101 -11.97 25.11 26.58
N ASP B 102 -10.79 24.50 26.56
CA ASP B 102 -9.54 25.10 26.11
C ASP B 102 -8.74 24.09 25.32
N VAL B 103 -8.08 24.52 24.23
CA VAL B 103 -7.43 23.61 23.29
C VAL B 103 -6.08 24.17 22.85
N GLN B 104 -5.10 23.26 22.64
CA GLN B 104 -3.79 23.58 22.07
C GLN B 104 -3.44 22.51 21.04
N VAL B 105 -3.07 22.95 19.83
CA VAL B 105 -2.83 22.03 18.72
C VAL B 105 -1.36 21.65 18.63
N GLU B 106 -1.07 20.35 18.57
CA GLU B 106 0.33 19.91 18.49
C GLU B 106 0.83 19.81 17.06
N SER B 107 0.09 19.13 16.19
CA SER B 107 0.49 18.89 14.82
C SER B 107 -0.73 18.52 13.98
N LEU B 108 -0.66 18.84 12.70
CA LEU B 108 -1.41 18.13 11.68
C LEU B 108 -0.47 17.06 11.13
N ASP B 109 -0.98 15.84 10.99
CA ASP B 109 -0.14 14.67 10.77
C ASP B 109 -0.18 14.12 9.35
N SER B 110 -1.33 14.16 8.69
CA SER B 110 -1.43 13.65 7.32
C SER B 110 -2.75 14.15 6.72
N ILE B 111 -2.85 14.01 5.39
CA ILE B 111 -4.03 14.40 4.64
C ILE B 111 -4.26 13.38 3.54
N SER B 112 -5.53 13.02 3.31
CA SER B 112 -5.90 12.16 2.19
C SER B 112 -6.84 12.94 1.28
N GLU B 113 -6.44 13.08 0.02
CA GLU B 113 -7.29 13.72 -0.99
C GLU B 113 -8.31 12.74 -1.56
N VAL B 114 -7.95 11.46 -1.65
CA VAL B 114 -8.88 10.44 -2.15
C VAL B 114 -10.02 10.24 -1.16
N ASP B 115 -9.68 10.09 0.11
CA ASP B 115 -10.67 9.80 1.14
C ASP B 115 -11.27 11.05 1.76
N MET B 116 -10.67 12.22 1.50
CA MET B 116 -11.23 13.50 1.94
C MET B 116 -11.27 13.59 3.48
N ASP B 117 -10.08 13.52 4.10
CA ASP B 117 -9.95 13.62 5.55
C ASP B 117 -8.56 14.11 5.92
N PHE B 118 -8.40 14.49 7.19
CA PHE B 118 -7.12 14.89 7.74
C PHE B 118 -6.95 14.33 9.15
N THR B 119 -5.71 14.30 9.62
CA THR B 119 -5.39 13.79 10.95
C THR B 119 -4.68 14.86 11.77
N MET B 120 -5.07 14.99 13.03
CA MET B 120 -4.59 16.06 13.91
C MET B 120 -4.35 15.51 15.31
N THR B 121 -3.41 16.12 16.04
CA THR B 121 -3.06 15.71 17.39
C THR B 121 -3.09 16.93 18.31
N LEU B 122 -3.73 16.81 19.49
CA LEU B 122 -3.98 18.01 20.28
C LEU B 122 -4.03 17.68 21.77
N TYR B 123 -4.01 18.73 22.59
CA TYR B 123 -4.39 18.67 24.01
C TYR B 123 -5.76 19.33 24.18
N LEU B 124 -6.59 18.73 25.04
CA LEU B 124 -7.96 19.17 25.28
C LEU B 124 -8.17 19.31 26.78
N ARG B 125 -8.74 20.44 27.21
CA ARG B 125 -8.84 20.76 28.63
C ARG B 125 -10.26 21.18 28.99
N HIS B 126 -10.71 20.78 30.18
CA HIS B 126 -12.07 21.03 30.67
C HIS B 126 -12.04 21.67 32.05
N TYR B 127 -13.06 22.48 32.34
CA TYR B 127 -13.18 23.17 33.63
C TYR B 127 -14.61 23.10 34.12
N TRP B 128 -14.80 22.77 35.41
CA TRP B 128 -16.10 22.82 36.05
C TRP B 128 -15.93 22.78 37.55
N LYS B 129 -17.04 22.98 38.27
CA LYS B 129 -17.07 22.95 39.73
C LYS B 129 -18.02 21.87 40.23
N ASP B 130 -17.57 21.11 41.24
CA ASP B 130 -18.36 20.02 41.82
C ASP B 130 -18.07 19.98 43.32
N GLU B 131 -19.01 20.48 44.12
CA GLU B 131 -18.79 20.61 45.56
C GLU B 131 -18.61 19.26 46.25
N ARG B 132 -19.08 18.18 45.64
CA ARG B 132 -18.84 16.84 46.18
C ARG B 132 -17.35 16.53 46.30
N LEU B 133 -16.51 17.26 45.59
CA LEU B 133 -15.07 17.03 45.55
C LEU B 133 -14.28 17.95 46.47
N SER B 134 -14.95 18.77 47.27
CA SER B 134 -14.29 19.77 48.09
C SER B 134 -13.65 19.15 49.33
N PHE B 135 -12.52 19.71 49.76
CA PHE B 135 -11.76 19.10 50.84
C PHE B 135 -11.20 20.17 51.77
N PRO B 136 -11.08 19.85 53.07
CA PRO B 136 -10.67 20.88 54.04
C PRO B 136 -9.18 21.13 54.08
N SER B 137 -8.66 22.09 53.31
CA SER B 137 -7.28 22.49 53.43
C SER B 137 -7.14 24.01 53.30
N THR B 138 -6.15 24.55 54.01
CA THR B 138 -5.92 25.99 54.09
C THR B 138 -5.07 26.52 52.94
N ASN B 139 -4.52 25.65 52.09
CA ASN B 139 -3.45 26.06 51.19
C ASN B 139 -3.93 27.01 50.09
N ASN B 140 -5.20 26.93 49.71
CA ASN B 140 -5.73 27.72 48.60
C ASN B 140 -5.00 27.41 47.30
N LEU B 141 -4.62 26.16 47.12
CA LEU B 141 -3.82 25.76 45.98
C LEU B 141 -4.28 24.38 45.51
N SER B 142 -4.11 24.14 44.21
CA SER B 142 -4.59 22.91 43.60
C SER B 142 -3.66 21.74 43.91
N MET B 143 -4.24 20.54 43.87
CA MET B 143 -3.52 19.30 44.13
C MET B 143 -3.65 18.41 42.90
N THR B 144 -2.53 17.81 42.49
CA THR B 144 -2.50 16.97 41.29
C THR B 144 -2.74 15.52 41.67
N PHE B 145 -3.62 14.85 40.92
CA PHE B 145 -3.92 13.45 41.15
C PHE B 145 -3.70 12.66 39.86
N ASP B 146 -3.38 11.38 40.04
CA ASP B 146 -3.20 10.42 38.95
C ASP B 146 -4.54 10.13 38.28
N GLY B 147 -4.46 9.47 37.13
CA GLY B 147 -5.66 9.18 36.38
C GLY B 147 -6.47 8.02 36.89
N ARG B 148 -6.07 7.42 38.02
CA ARG B 148 -6.86 6.33 38.60
C ARG B 148 -8.20 6.86 39.09
N LEU B 149 -8.24 8.09 39.59
CA LEU B 149 -9.47 8.66 40.14
C LEU B 149 -10.55 8.91 39.09
N VAL B 150 -10.18 9.01 37.81
CA VAL B 150 -11.14 9.44 36.80
C VAL B 150 -12.24 8.41 36.61
N LYS B 151 -11.95 7.14 36.89
CA LYS B 151 -12.95 6.09 36.79
C LYS B 151 -13.88 6.02 38.00
N LYS B 152 -13.62 6.81 39.03
CA LYS B 152 -14.46 6.82 40.24
C LYS B 152 -15.43 7.98 40.26
N ILE B 153 -14.99 9.17 39.84
CA ILE B 153 -15.79 10.38 39.88
C ILE B 153 -16.63 10.54 38.62
N TRP B 154 -17.44 11.60 38.59
CA TRP B 154 -18.17 12.04 37.40
C TRP B 154 -17.32 13.00 36.57
N VAL B 155 -17.47 12.92 35.26
CA VAL B 155 -16.60 13.60 34.28
C VAL B 155 -17.41 13.86 33.00
N PRO B 156 -17.16 15.02 32.30
CA PRO B 156 -17.86 15.18 31.01
C PRO B 156 -17.67 14.08 29.98
N ASP B 157 -18.41 14.19 28.88
CA ASP B 157 -18.42 13.14 27.86
C ASP B 157 -18.39 13.72 26.44
N MET B 158 -17.43 14.60 26.17
CA MET B 158 -17.34 15.20 24.85
C MET B 158 -16.89 14.17 23.80
N PHE B 159 -17.27 14.42 22.55
CA PHE B 159 -16.82 13.56 21.46
C PHE B 159 -16.67 14.40 20.20
N PHE B 160 -16.02 13.82 19.20
CA PHE B 160 -15.58 14.52 18.00
C PHE B 160 -16.56 14.25 16.87
N VAL B 161 -17.30 15.26 16.44
CA VAL B 161 -18.33 15.06 15.43
C VAL B 161 -17.68 14.94 14.06
N HIS B 162 -18.17 14.00 13.23
CA HIS B 162 -17.66 13.75 11.88
C HIS B 162 -16.21 13.27 11.90
N SER B 163 -15.87 12.46 12.90
CA SER B 163 -14.61 11.73 12.94
C SER B 163 -14.76 10.32 12.41
N LYS B 164 -13.67 9.82 11.82
CA LYS B 164 -13.58 8.45 11.34
C LYS B 164 -12.93 7.51 12.35
N ARG B 165 -12.01 8.02 13.18
CA ARG B 165 -11.23 7.26 14.16
C ARG B 165 -10.43 8.21 15.05
N SER B 166 -10.23 7.80 16.30
CA SER B 166 -9.49 8.59 17.28
C SER B 166 -8.97 7.66 18.39
N PHE B 167 -8.10 8.20 19.25
CA PHE B 167 -7.62 7.46 20.42
C PHE B 167 -6.86 8.38 21.37
N ILE B 168 -6.70 7.90 22.61
CA ILE B 168 -5.96 8.58 23.67
C ILE B 168 -4.65 7.84 23.89
N HIS B 169 -3.57 8.59 24.05
CA HIS B 169 -2.23 8.01 24.17
C HIS B 169 -2.03 7.41 25.57
N ASP B 170 -1.21 6.34 25.64
CA ASP B 170 -1.14 5.54 26.86
C ASP B 170 0.26 5.00 27.16
N THR B 171 1.31 5.70 26.73
CA THR B 171 2.67 5.27 27.05
C THR B 171 3.48 6.46 27.57
N THR B 172 4.13 6.30 28.72
CA THR B 172 4.23 5.00 29.43
C THR B 172 3.05 4.69 30.33
N THR B 173 2.12 5.64 30.41
CA THR B 173 0.87 5.46 31.12
C THR B 173 -0.13 6.40 30.48
N ASP B 174 -1.40 6.27 30.89
CA ASP B 174 -2.46 7.10 30.31
C ASP B 174 -2.10 8.58 30.39
N ASN B 175 -2.21 9.26 29.26
CA ASN B 175 -1.93 10.69 29.17
C ASN B 175 -3.13 11.47 29.70
N VAL B 176 -3.32 11.39 31.02
CA VAL B 176 -4.47 11.99 31.68
C VAL B 176 -3.99 12.76 32.92
N MET B 177 -4.59 13.92 33.17
CA MET B 177 -4.26 14.76 34.31
C MET B 177 -5.52 15.26 35.00
N LEU B 178 -5.50 15.26 36.33
CA LEU B 178 -6.59 15.76 37.16
C LEU B 178 -6.03 16.66 38.24
N ARG B 179 -6.56 17.88 38.33
CA ARG B 179 -6.18 18.86 39.35
C ARG B 179 -7.44 19.33 40.06
N VAL B 180 -7.41 19.37 41.39
CA VAL B 180 -8.58 19.77 42.16
C VAL B 180 -8.15 20.74 43.25
N GLN B 181 -8.96 21.78 43.44
CA GLN B 181 -8.89 22.86 44.41
C GLN B 181 -9.73 22.55 45.64
N PRO B 182 -9.40 23.12 46.81
CA PRO B 182 -10.23 22.88 48.01
C PRO B 182 -11.70 23.24 47.77
N ASP B 183 -11.98 24.08 46.77
CA ASP B 183 -13.35 24.48 46.53
C ASP B 183 -14.19 23.37 45.92
N GLY B 184 -13.55 22.45 45.21
CA GLY B 184 -14.24 21.53 44.34
C GLY B 184 -14.20 21.94 42.88
N LYS B 185 -13.39 22.95 42.54
CA LYS B 185 -13.12 23.33 41.16
C LYS B 185 -12.12 22.37 40.55
N VAL B 186 -12.43 21.88 39.34
CA VAL B 186 -11.68 20.80 38.71
C VAL B 186 -11.10 21.25 37.38
N LEU B 187 -9.91 20.73 37.06
CA LEU B 187 -9.29 20.84 35.75
C LEU B 187 -8.93 19.43 35.27
N TYR B 188 -9.22 19.14 34.01
CA TYR B 188 -9.15 17.80 33.45
C TYR B 188 -8.63 17.89 32.02
N SER B 189 -7.63 17.06 31.68
CA SER B 189 -6.81 17.26 30.49
C SER B 189 -6.42 15.93 29.86
N LEU B 190 -6.36 15.91 28.53
CA LEU B 190 -6.14 14.71 27.73
C LEU B 190 -5.23 15.01 26.55
N ARG B 191 -4.55 13.98 26.03
CA ARG B 191 -3.82 14.10 24.77
C ARG B 191 -4.41 13.08 23.80
N VAL B 192 -4.73 13.52 22.56
CA VAL B 192 -5.50 12.68 21.65
C VAL B 192 -5.10 12.96 20.20
N THR B 193 -5.38 11.97 19.35
CA THR B 193 -5.22 12.07 17.89
C THR B 193 -6.56 11.74 17.24
N VAL B 194 -6.95 12.53 16.24
CA VAL B 194 -8.25 12.41 15.61
C VAL B 194 -8.08 12.46 14.10
N THR B 195 -8.85 11.62 13.38
CA THR B 195 -9.01 11.70 11.93
C THR B 195 -10.42 12.19 11.63
N ALA B 196 -10.53 13.27 10.87
CA ALA B 196 -11.80 13.93 10.65
C ALA B 196 -12.07 14.18 9.18
N MET B 197 -13.34 14.29 8.84
CA MET B 197 -13.81 14.35 7.46
C MET B 197 -13.86 15.80 6.98
N CYS B 198 -13.46 16.02 5.73
CA CYS B 198 -13.48 17.35 5.13
C CYS B 198 -13.77 17.20 3.65
N ASN B 199 -14.96 17.61 3.25
CA ASN B 199 -15.34 17.52 1.83
C ASN B 199 -14.55 18.51 1.01
N MET B 200 -13.91 18.03 -0.06
CA MET B 200 -13.08 18.83 -0.93
C MET B 200 -13.62 18.84 -2.35
N ASP B 201 -13.33 19.91 -3.07
CA ASP B 201 -13.70 20.07 -4.48
C ASP B 201 -12.43 20.35 -5.26
N PHE B 202 -12.12 19.47 -6.21
CA PHE B 202 -10.87 19.52 -6.96
C PHE B 202 -11.04 20.02 -8.39
N SER B 203 -12.16 20.66 -8.70
CA SER B 203 -12.43 21.01 -10.09
C SER B 203 -11.53 22.13 -10.60
N ARG B 204 -10.94 22.93 -9.70
CA ARG B 204 -9.98 23.96 -10.07
C ARG B 204 -8.54 23.49 -9.86
N PHE B 205 -8.33 22.21 -9.63
CA PHE B 205 -6.98 21.68 -9.44
C PHE B 205 -6.09 22.07 -10.62
N PRO B 206 -4.83 22.49 -10.39
CA PRO B 206 -4.11 22.63 -9.11
C PRO B 206 -4.24 24.01 -8.48
N LEU B 207 -5.25 24.77 -8.91
CA LEU B 207 -5.50 26.12 -8.45
C LEU B 207 -6.62 26.20 -7.41
N ASP B 208 -6.83 25.12 -6.66
CA ASP B 208 -7.87 25.04 -5.65
C ASP B 208 -7.41 25.53 -4.28
N THR B 209 -8.39 25.85 -3.44
CA THR B 209 -8.20 26.21 -2.05
C THR B 209 -9.26 25.51 -1.23
N GLN B 210 -8.86 24.87 -0.12
CA GLN B 210 -9.76 24.04 0.67
C GLN B 210 -9.87 24.58 2.10
N THR B 211 -11.01 24.35 2.74
CA THR B 211 -11.18 24.78 4.12
C THR B 211 -11.83 23.65 4.92
N CYS B 212 -11.24 23.33 6.07
CA CYS B 212 -11.66 22.22 6.91
C CYS B 212 -11.88 22.69 8.34
N SER B 213 -12.48 21.82 9.15
CA SER B 213 -12.78 22.17 10.54
C SER B 213 -12.86 20.91 11.39
N LEU B 214 -12.72 21.11 12.71
CA LEU B 214 -12.87 20.08 13.72
C LEU B 214 -14.00 20.47 14.66
N GLU B 215 -14.90 19.53 14.95
CA GLU B 215 -16.14 19.83 15.67
C GLU B 215 -16.20 19.05 16.98
N ILE B 216 -16.61 19.73 18.04
CA ILE B 216 -16.68 19.14 19.39
C ILE B 216 -18.08 19.32 19.94
N GLU B 217 -18.60 18.25 20.55
CA GLU B 217 -19.97 18.17 21.05
C GLU B 217 -20.05 17.20 22.23
N SER B 218 -21.06 17.41 23.08
CA SER B 218 -21.41 16.50 24.15
C SER B 218 -22.32 15.41 23.64
N TYR B 219 -22.07 14.17 24.06
CA TYR B 219 -22.82 13.06 23.48
C TYR B 219 -24.19 12.88 24.15
N ALA B 220 -24.23 12.77 25.48
CA ALA B 220 -25.44 12.34 26.17
C ALA B 220 -26.34 13.49 26.60
N TYR B 221 -25.78 14.59 27.07
CA TYR B 221 -26.55 15.63 27.74
C TYR B 221 -26.83 16.77 26.76
N THR B 222 -28.06 17.29 26.83
CA THR B 222 -28.54 18.37 25.98
C THR B 222 -28.35 19.70 26.69
N GLU B 223 -28.54 20.79 25.93
CA GLU B 223 -28.34 22.14 26.44
C GLU B 223 -29.20 22.45 27.66
N ASP B 224 -30.11 21.56 28.03
CA ASP B 224 -30.90 21.71 29.24
C ASP B 224 -30.21 21.12 30.45
N ASP B 225 -29.12 20.38 30.24
CA ASP B 225 -28.35 19.76 31.29
C ASP B 225 -26.89 20.20 31.32
N LEU B 226 -26.31 20.54 30.17
CA LEU B 226 -24.90 20.92 30.11
C LEU B 226 -24.74 22.09 29.15
N MET B 227 -24.02 23.12 29.60
CA MET B 227 -23.75 24.32 28.82
C MET B 227 -22.26 24.34 28.46
N LEU B 228 -21.96 24.37 27.17
CA LEU B 228 -20.61 24.21 26.65
C LEU B 228 -20.17 25.50 25.96
N TYR B 229 -18.99 26.00 26.31
CA TYR B 229 -18.51 27.27 25.79
C TYR B 229 -16.98 27.31 25.83
N TRP B 230 -16.41 28.18 25.00
CA TRP B 230 -14.97 28.43 25.01
C TRP B 230 -14.60 29.25 26.26
N LYS B 231 -13.58 28.77 26.99
CA LYS B 231 -13.29 29.29 28.33
C LYS B 231 -12.84 30.76 28.30
N LYS B 232 -12.21 31.19 27.21
CA LYS B 232 -11.69 32.56 27.13
C LYS B 232 -12.00 33.21 25.79
N GLY B 233 -13.14 32.85 25.20
CA GLY B 233 -13.52 33.44 23.93
C GLY B 233 -12.51 33.12 22.84
N ASN B 234 -12.03 34.17 22.17
CA ASN B 234 -11.13 33.98 21.03
C ASN B 234 -9.74 33.50 21.46
N ASP B 235 -9.39 33.64 22.74
CA ASP B 235 -8.05 33.30 23.22
C ASP B 235 -7.90 31.84 23.65
N SER B 236 -8.91 31.00 23.43
CA SER B 236 -8.92 29.62 23.91
C SER B 236 -8.33 28.62 22.91
N LEU B 237 -7.72 29.08 21.83
CA LEU B 237 -6.97 28.21 20.93
C LEU B 237 -5.52 28.65 20.86
N LYS B 238 -4.62 27.71 21.11
CA LYS B 238 -3.19 27.92 20.92
C LYS B 238 -2.69 26.94 19.87
N THR B 239 -1.66 27.35 19.12
CA THR B 239 -1.14 26.52 18.04
C THR B 239 0.38 26.47 18.11
N ASP B 240 0.94 25.30 17.82
CA ASP B 240 2.37 25.10 18.01
C ASP B 240 3.17 25.78 16.88
N GLU B 241 4.43 26.08 17.19
CA GLU B 241 5.27 26.89 16.30
C GLU B 241 5.84 26.10 15.12
N ARG B 242 5.99 24.78 15.25
CA ARG B 242 6.69 23.98 14.25
C ARG B 242 5.75 23.12 13.41
N ILE B 243 4.54 23.62 13.10
CA ILE B 243 3.56 22.89 12.32
C ILE B 243 3.78 23.15 10.83
N SER B 244 3.70 22.10 10.02
CA SER B 244 3.99 22.18 8.60
C SER B 244 3.61 20.86 7.94
N LEU B 245 3.44 20.92 6.62
CA LEU B 245 3.10 19.77 5.78
C LEU B 245 4.00 19.76 4.57
N SER B 246 4.32 18.56 4.07
CA SER B 246 5.21 18.49 2.92
C SER B 246 4.52 18.74 1.59
N GLN B 247 3.24 19.14 1.59
CA GLN B 247 2.49 19.23 0.35
C GLN B 247 1.51 20.39 0.33
N PHE B 248 1.51 21.24 1.36
CA PHE B 248 0.40 22.16 1.58
C PHE B 248 0.90 23.34 2.39
N LEU B 249 0.17 24.45 2.34
CA LEU B 249 0.46 25.60 3.19
C LEU B 249 -0.76 25.90 4.04
N ILE B 250 -0.55 26.11 5.33
CA ILE B 250 -1.63 26.21 6.31
C ILE B 250 -1.74 27.66 6.79
N GLN B 251 -2.98 28.15 6.89
CA GLN B 251 -3.21 29.52 7.34
C GLN B 251 -4.62 29.63 7.91
N GLU B 252 -4.81 30.67 8.74
CA GLU B 252 -6.11 31.19 9.17
C GLU B 252 -6.86 30.37 10.23
N PHE B 253 -6.21 30.08 11.36
CA PHE B 253 -6.84 29.35 12.46
C PHE B 253 -7.77 30.27 13.26
N HIS B 254 -9.04 29.89 13.41
CA HIS B 254 -9.96 30.58 14.32
C HIS B 254 -11.08 29.64 14.78
N THR B 255 -11.80 30.08 15.82
CA THR B 255 -12.83 29.27 16.47
C THR B 255 -14.21 29.95 16.39
N THR B 256 -15.27 29.13 16.50
CA THR B 256 -16.63 29.65 16.55
C THR B 256 -17.55 28.60 17.20
N THR B 257 -18.85 28.92 17.28
CA THR B 257 -19.84 28.10 17.97
C THR B 257 -21.15 28.05 17.18
N LYS B 258 -21.94 26.99 17.41
CA LYS B 258 -23.25 26.83 16.77
C LYS B 258 -24.11 25.87 17.58
N LEU B 259 -25.43 26.03 17.45
CA LEU B 259 -26.44 25.23 18.14
C LEU B 259 -27.09 24.24 17.16
N ALA B 260 -27.11 22.95 17.52
CA ALA B 260 -27.45 21.87 16.60
C ALA B 260 -28.58 20.97 17.12
N PHE B 261 -29.28 20.32 16.19
CA PHE B 261 -30.55 19.66 16.48
C PHE B 261 -30.57 18.25 15.91
N TYR B 262 -30.93 17.27 16.74
CA TYR B 262 -31.24 15.91 16.29
C TYR B 262 -32.72 15.65 16.52
N SER B 263 -33.35 14.96 15.57
CA SER B 263 -34.80 14.87 15.54
C SER B 263 -35.33 13.95 16.63
N SER B 264 -34.60 12.90 16.97
CA SER B 264 -35.00 11.93 17.97
C SER B 264 -34.47 12.22 19.37
N THR B 265 -33.62 13.26 19.55
CA THR B 265 -32.93 13.40 20.83
C THR B 265 -32.85 14.81 21.39
N GLY B 266 -32.72 15.87 20.58
CA GLY B 266 -32.84 17.21 21.13
C GLY B 266 -31.84 18.17 20.55
N TRP B 267 -31.55 19.22 21.33
CA TRP B 267 -30.67 20.32 20.95
C TRP B 267 -29.35 20.24 21.73
N TYR B 268 -28.24 20.55 21.06
CA TYR B 268 -26.92 20.54 21.68
C TYR B 268 -26.10 21.74 21.22
N ASN B 269 -25.06 22.04 22.02
CA ASN B 269 -24.09 23.09 21.73
C ASN B 269 -22.87 22.49 21.05
N ARG B 270 -22.32 23.21 20.07
CA ARG B 270 -21.21 22.67 19.30
C ARG B 270 -20.13 23.73 19.11
N LEU B 271 -18.86 23.31 19.27
CA LEU B 271 -17.72 24.20 19.08
C LEU B 271 -16.94 23.78 17.83
N TYR B 272 -16.29 24.77 17.19
CA TYR B 272 -15.60 24.57 15.92
C TYR B 272 -14.21 25.16 15.95
N ILE B 273 -13.28 24.50 15.24
CA ILE B 273 -11.97 25.04 14.91
C ILE B 273 -11.82 25.00 13.39
N ASN B 274 -11.47 26.12 12.78
CA ASN B 274 -11.42 26.25 11.32
C ASN B 274 -10.03 26.61 10.84
N PHE B 275 -9.70 26.18 9.61
CA PHE B 275 -8.44 26.57 8.97
C PHE B 275 -8.52 26.36 7.46
N THR B 276 -7.54 26.92 6.75
CA THR B 276 -7.47 26.97 5.30
C THR B 276 -6.19 26.32 4.79
N LEU B 277 -6.24 25.83 3.54
CA LEU B 277 -5.14 25.10 2.91
C LEU B 277 -4.91 25.59 1.48
N ARG B 278 -3.64 25.58 1.04
CA ARG B 278 -3.26 26.04 -0.30
C ARG B 278 -2.05 25.25 -0.78
N ARG B 279 -1.79 25.32 -2.10
CA ARG B 279 -0.69 24.56 -2.69
C ARG B 279 0.46 25.44 -3.16
N HIS B 280 1.52 24.78 -3.66
CA HIS B 280 2.67 25.40 -4.31
C HIS B 280 2.45 25.34 -5.83
N ILE B 281 2.12 26.48 -6.45
CA ILE B 281 1.62 26.43 -7.82
C ILE B 281 2.75 26.29 -8.84
N PHE B 282 3.95 26.77 -8.52
CA PHE B 282 5.01 26.78 -9.53
C PHE B 282 5.51 25.36 -9.81
N PHE B 283 5.52 24.51 -8.78
CA PHE B 283 5.83 23.09 -8.97
C PHE B 283 4.96 22.48 -10.06
N PHE B 284 3.65 22.67 -9.93
CA PHE B 284 2.70 22.06 -10.84
C PHE B 284 2.81 22.66 -12.24
N LEU B 285 3.06 23.97 -12.31
CA LEU B 285 3.32 24.60 -13.60
C LEU B 285 4.48 23.93 -14.31
N LEU B 286 5.65 23.88 -13.66
CA LEU B 286 6.86 23.32 -14.26
C LEU B 286 6.66 21.86 -14.65
N GLN B 287 5.91 21.11 -13.83
CA GLN B 287 5.81 19.69 -14.10
C GLN B 287 4.77 19.36 -15.17
N THR B 288 3.71 20.17 -15.30
CA THR B 288 2.61 19.81 -16.20
C THR B 288 2.42 20.76 -17.38
N TYR B 289 2.36 22.08 -17.15
CA TYR B 289 1.97 22.98 -18.23
C TYR B 289 3.11 23.27 -19.19
N PHE B 290 4.34 23.14 -18.71
CA PHE B 290 5.52 23.63 -19.46
C PHE B 290 5.88 22.66 -20.59
N PRO B 291 6.11 21.36 -20.34
CA PRO B 291 6.35 20.38 -21.43
C PRO B 291 5.31 20.38 -22.55
N ALA B 292 4.02 20.46 -22.21
CA ALA B 292 2.97 20.41 -23.22
C ALA B 292 3.07 21.61 -24.16
N THR B 293 3.36 22.77 -23.59
CA THR B 293 3.49 24.00 -24.36
C THR B 293 4.67 23.89 -25.30
N LEU B 294 5.80 23.38 -24.80
CA LEU B 294 6.96 23.18 -25.66
C LEU B 294 6.64 22.24 -26.82
N MET B 295 5.86 21.19 -26.55
CA MET B 295 5.52 20.24 -27.61
C MET B 295 4.66 20.90 -28.69
N VAL B 296 3.65 21.69 -28.28
CA VAL B 296 2.85 22.40 -29.27
C VAL B 296 3.74 23.32 -30.10
N MET B 297 4.74 23.94 -29.46
CA MET B 297 5.62 24.84 -30.20
C MET B 297 6.48 24.06 -31.19
N LEU B 298 6.81 22.82 -30.84
CA LEU B 298 7.61 21.97 -31.71
C LEU B 298 6.84 21.53 -32.94
N SER B 299 5.52 21.40 -32.82
CA SER B 299 4.69 20.98 -33.95
C SER B 299 4.58 22.04 -35.05
N TRP B 300 4.90 23.30 -34.74
CA TRP B 300 4.79 24.42 -35.67
C TRP B 300 6.02 24.57 -36.56
N VAL B 301 7.13 23.92 -36.22
CA VAL B 301 8.36 23.91 -37.00
C VAL B 301 8.10 23.28 -38.37
N SER B 302 7.07 22.44 -38.47
CA SER B 302 6.85 21.69 -39.69
C SER B 302 6.47 22.60 -40.85
N PHE B 303 5.79 23.72 -40.57
CA PHE B 303 5.33 24.64 -41.60
C PHE B 303 6.47 25.32 -42.35
N TRP B 304 7.70 25.23 -41.85
CA TRP B 304 8.83 25.92 -42.47
C TRP B 304 9.77 24.98 -43.22
N ILE B 305 9.51 23.68 -43.21
CA ILE B 305 10.29 22.70 -43.95
C ILE B 305 9.69 22.54 -45.34
N ASP B 306 10.55 22.21 -46.30
CA ASP B 306 10.17 22.14 -47.71
C ASP B 306 9.20 20.99 -47.94
N ARG B 307 8.04 21.32 -48.52
CA ARG B 307 6.99 20.35 -48.80
C ARG B 307 7.46 19.21 -49.69
N ARG B 308 8.56 19.42 -50.43
CA ARG B 308 9.13 18.36 -51.27
C ARG B 308 9.75 17.24 -50.44
N ALA B 309 10.09 17.50 -49.19
CA ALA B 309 10.77 16.52 -48.34
C ALA B 309 9.76 15.68 -47.57
N VAL B 310 9.13 14.74 -48.27
CA VAL B 310 8.10 13.91 -47.65
C VAL B 310 8.66 13.01 -46.55
N PRO B 311 9.76 12.26 -46.77
CA PRO B 311 10.29 11.44 -45.68
C PRO B 311 10.81 12.23 -44.48
N ALA B 312 10.79 13.56 -44.52
CA ALA B 312 11.21 14.39 -43.40
C ALA B 312 10.02 15.03 -42.69
N ARG B 313 8.93 15.31 -43.39
CA ARG B 313 7.80 15.96 -42.78
C ARG B 313 6.80 14.94 -42.25
N VAL B 314 6.78 13.73 -42.81
CA VAL B 314 5.83 12.72 -42.33
C VAL B 314 6.24 12.15 -40.97
N PRO B 315 7.48 11.68 -40.75
CA PRO B 315 7.78 11.11 -39.42
C PRO B 315 7.75 12.12 -38.29
N LEU B 316 7.99 13.40 -38.58
CA LEU B 316 8.08 14.41 -37.51
C LEU B 316 6.76 14.49 -36.76
N GLY B 317 5.65 14.54 -37.50
CA GLY B 317 4.36 14.75 -36.88
C GLY B 317 3.93 13.58 -36.00
N ILE B 318 4.12 12.36 -36.50
CA ILE B 318 3.62 11.19 -35.80
C ILE B 318 4.50 10.91 -34.59
N THR B 319 5.80 11.22 -34.69
CA THR B 319 6.63 11.14 -33.50
C THR B 319 6.23 12.17 -32.45
N THR B 320 5.77 13.35 -32.89
CA THR B 320 5.35 14.38 -31.95
C THR B 320 4.07 13.93 -31.23
N VAL B 321 3.17 13.28 -31.95
CA VAL B 321 1.98 12.68 -31.33
C VAL B 321 2.39 11.67 -30.27
N LEU B 322 3.40 10.85 -30.59
CA LEU B 322 3.84 9.82 -29.64
C LEU B 322 4.34 10.46 -28.35
N THR B 323 5.20 11.48 -28.49
CA THR B 323 5.73 12.17 -27.32
C THR B 323 4.62 12.77 -26.46
N MET B 324 3.64 13.44 -27.09
CA MET B 324 2.58 14.05 -26.29
C MET B 324 1.73 13.00 -25.57
N SER B 325 1.49 11.85 -26.20
CA SER B 325 0.74 10.79 -25.54
C SER B 325 1.51 10.25 -24.34
N THR B 326 2.82 10.04 -24.49
CA THR B 326 3.64 9.64 -23.36
C THR B 326 3.51 10.62 -22.19
N ILE B 327 3.55 11.92 -22.50
CA ILE B 327 3.51 12.93 -21.43
C ILE B 327 2.18 12.85 -20.68
N ILE B 328 1.08 12.75 -21.44
CA ILE B 328 -0.24 12.75 -20.82
C ILE B 328 -0.42 11.51 -19.93
N THR B 329 0.04 10.36 -20.41
CA THR B 329 -0.04 9.13 -19.64
C THR B 329 0.77 9.22 -18.35
N GLY B 330 1.97 9.80 -18.43
CA GLY B 330 2.76 10.03 -17.24
C GLY B 330 2.02 10.84 -16.20
N VAL B 331 1.31 11.89 -16.64
CA VAL B 331 0.58 12.70 -15.65
C VAL B 331 -0.59 11.92 -15.10
N ASN B 332 -1.19 11.05 -15.90
CA ASN B 332 -2.38 10.34 -15.46
C ASN B 332 -2.05 9.29 -14.41
N ALA B 333 -0.83 8.75 -14.45
CA ALA B 333 -0.41 7.68 -13.53
C ALA B 333 -0.03 8.15 -12.12
N SER B 334 -0.06 9.45 -11.83
CA SER B 334 0.39 9.95 -10.54
C SER B 334 -0.60 10.89 -9.86
N MET B 335 -1.73 11.15 -10.51
CA MET B 335 -2.79 11.97 -9.96
C MET B 335 -3.53 11.22 -8.85
N PRO B 336 -4.23 11.95 -7.95
CA PRO B 336 -4.86 11.26 -6.82
C PRO B 336 -6.18 10.52 -7.08
N ARG B 337 -6.45 10.10 -8.31
CA ARG B 337 -7.51 9.13 -8.63
C ARG B 337 -8.90 9.59 -8.18
N VAL B 338 -9.24 10.86 -8.40
CA VAL B 338 -10.62 11.31 -8.26
C VAL B 338 -11.21 11.43 -9.66
N SER B 339 -12.40 10.84 -9.85
CA SER B 339 -12.88 10.52 -11.20
C SER B 339 -13.88 11.55 -11.71
N TYR B 340 -13.42 12.79 -11.83
CA TYR B 340 -14.15 13.79 -12.60
C TYR B 340 -13.15 14.79 -13.18
N ILE B 341 -13.65 15.64 -14.08
CA ILE B 341 -12.78 16.41 -14.95
C ILE B 341 -12.30 17.66 -14.24
N LYS B 342 -11.00 17.93 -14.32
CA LYS B 342 -10.38 19.04 -13.61
C LYS B 342 -9.67 19.99 -14.58
N ALA B 343 -9.32 21.15 -14.04
CA ALA B 343 -8.82 22.29 -14.82
C ALA B 343 -7.64 21.94 -15.71
N VAL B 344 -6.78 21.02 -15.27
CA VAL B 344 -5.53 20.70 -15.94
C VAL B 344 -5.77 19.73 -17.09
N ASP B 345 -6.73 18.82 -16.91
CA ASP B 345 -7.16 17.90 -17.98
C ASP B 345 -7.48 18.66 -19.26
N ILE B 346 -8.19 19.78 -19.13
CA ILE B 346 -8.64 20.54 -20.31
C ILE B 346 -7.44 21.04 -21.10
N TYR B 347 -6.48 21.66 -20.41
CA TYR B 347 -5.28 22.14 -21.07
C TYR B 347 -4.57 21.01 -21.82
N LEU B 348 -4.39 19.87 -21.14
CA LEU B 348 -3.63 18.79 -21.77
C LEU B 348 -4.32 18.30 -23.05
N TRP B 349 -5.64 18.09 -22.99
CA TRP B 349 -6.30 17.52 -24.16
C TRP B 349 -6.44 18.53 -25.31
N VAL B 350 -6.55 19.83 -24.99
CA VAL B 350 -6.56 20.83 -26.06
C VAL B 350 -5.21 20.86 -26.78
N SER B 351 -4.11 20.76 -26.01
CA SER B 351 -2.80 20.67 -26.66
C SER B 351 -2.73 19.44 -27.57
N PHE B 352 -3.33 18.33 -27.13
CA PHE B 352 -3.32 17.13 -27.96
C PHE B 352 -4.02 17.39 -29.30
N VAL B 353 -5.16 18.08 -29.27
CA VAL B 353 -5.88 18.36 -30.51
C VAL B 353 -5.06 19.26 -31.43
N PHE B 354 -4.34 20.25 -30.88
CA PHE B 354 -3.51 21.08 -31.74
C PHE B 354 -2.45 20.26 -32.49
N VAL B 355 -1.75 19.38 -31.75
CA VAL B 355 -0.76 18.53 -32.41
C VAL B 355 -1.40 17.66 -33.50
N PHE B 356 -2.63 17.19 -33.27
CA PHE B 356 -3.31 16.32 -34.22
C PHE B 356 -3.65 17.07 -35.52
N LEU B 357 -4.16 18.29 -35.37
CA LEU B 357 -4.45 19.13 -36.53
C LEU B 357 -3.20 19.34 -37.39
N SER B 358 -2.05 19.55 -36.74
CA SER B 358 -0.82 19.80 -37.50
C SER B 358 -0.51 18.65 -38.46
N VAL B 359 -0.95 17.44 -38.14
CA VAL B 359 -0.65 16.25 -38.92
C VAL B 359 -1.65 16.10 -40.06
N LEU B 360 -2.90 16.51 -39.85
CA LEU B 360 -3.81 16.53 -41.00
C LEU B 360 -3.40 17.58 -42.04
N GLU B 361 -2.78 18.67 -41.59
CA GLU B 361 -2.45 19.80 -42.47
C GLU B 361 -1.55 19.37 -43.63
N TYR B 362 -0.45 18.69 -43.31
CA TYR B 362 0.49 18.34 -44.36
C TYR B 362 -0.09 17.32 -45.32
N ALA B 363 -0.99 16.47 -44.85
CA ALA B 363 -1.68 15.56 -45.75
C ALA B 363 -2.44 16.34 -46.81
N ALA B 364 -3.19 17.37 -46.38
CA ALA B 364 -3.81 18.30 -47.33
C ALA B 364 -2.82 18.76 -48.40
N VAL B 365 -1.67 19.24 -47.96
CA VAL B 365 -0.68 19.88 -48.85
C VAL B 365 -0.11 18.85 -49.83
N ASN B 366 0.29 17.68 -49.31
CA ASN B 366 0.86 16.62 -50.14
C ASN B 366 -0.12 16.19 -51.22
N TYR B 367 -1.38 15.92 -50.83
CA TYR B 367 -2.36 15.46 -51.80
C TYR B 367 -2.57 16.49 -52.91
N LEU B 368 -2.69 17.75 -52.54
CA LEU B 368 -2.98 18.78 -53.54
C LEU B 368 -1.80 18.97 -54.49
N THR B 369 -0.58 18.95 -53.97
CA THR B 369 0.59 18.99 -54.84
C THR B 369 0.59 17.83 -55.83
N THR B 370 0.21 16.64 -55.35
CA THR B 370 0.34 15.45 -56.18
C THR B 370 -0.64 15.48 -57.34
N VAL B 371 -1.90 15.82 -57.05
CA VAL B 371 -2.90 15.99 -58.10
C VAL B 371 -2.50 17.10 -59.06
N GLN B 372 -1.79 18.13 -58.60
CA GLN B 372 -1.34 19.14 -59.55
C GLN B 372 -0.30 18.58 -60.51
N GLU B 373 0.65 17.79 -60.01
CA GLU B 373 1.62 17.13 -60.89
C GLU B 373 0.90 16.31 -61.96
N ARG B 374 -0.02 15.45 -61.52
CA ARG B 374 -0.86 14.66 -62.42
C ARG B 374 -1.60 15.53 -63.44
N LYS B 375 -2.11 16.69 -63.01
CA LYS B 375 -2.89 17.54 -63.90
C LYS B 375 -2.02 18.16 -64.99
N GLU B 376 -0.84 18.64 -64.63
CA GLU B 376 0.05 19.22 -65.63
C GLU B 376 0.58 18.17 -66.59
N GLN B 377 0.95 17.00 -66.08
CA GLN B 377 1.43 15.90 -66.90
C GLN B 377 0.26 15.19 -67.57
N ASP B 451 8.24 27.20 -54.50
CA ASP B 451 7.21 28.15 -54.08
C ASP B 451 6.48 27.54 -52.89
N THR B 452 6.17 28.38 -51.90
CA THR B 452 5.50 27.90 -50.70
C THR B 452 4.00 27.73 -50.97
N HIS B 453 3.43 26.63 -50.45
CA HIS B 453 2.01 26.42 -50.66
C HIS B 453 1.18 27.41 -49.85
N ALA B 454 -0.02 27.71 -50.34
CA ALA B 454 -0.87 28.69 -49.68
C ALA B 454 -1.24 28.24 -48.27
N ILE B 455 -1.51 26.95 -48.10
CA ILE B 455 -1.90 26.44 -46.79
C ILE B 455 -0.73 26.45 -45.81
N ASP B 456 0.51 26.33 -46.30
CA ASP B 456 1.66 26.49 -45.42
C ASP B 456 1.76 27.91 -44.88
N LYS B 457 1.75 28.89 -45.79
CA LYS B 457 1.97 30.28 -45.39
C LYS B 457 0.77 30.85 -44.66
N TYR B 458 -0.40 30.23 -44.75
CA TYR B 458 -1.48 30.65 -43.86
C TYR B 458 -1.35 30.00 -42.49
N SER B 459 -0.95 28.72 -42.44
CA SER B 459 -0.82 28.03 -41.17
C SER B 459 0.19 28.72 -40.26
N ARG B 460 1.31 29.18 -40.85
CA ARG B 460 2.34 29.88 -40.09
C ARG B 460 1.78 31.06 -39.30
N ILE B 461 0.68 31.66 -39.76
CA ILE B 461 0.04 32.69 -38.95
C ILE B 461 -1.07 32.12 -38.08
N ILE B 462 -1.91 31.24 -38.63
CA ILE B 462 -3.18 30.94 -37.96
C ILE B 462 -2.94 30.12 -36.70
N PHE B 463 -2.06 29.11 -36.76
CA PHE B 463 -1.95 28.23 -35.59
C PHE B 463 -1.55 28.96 -34.31
N PRO B 464 -0.44 29.72 -34.28
CA PRO B 464 -0.05 30.37 -33.02
C PRO B 464 -1.11 31.33 -32.49
N ALA B 465 -1.80 32.06 -33.37
CA ALA B 465 -2.81 33.02 -32.92
C ALA B 465 -3.96 32.33 -32.21
N ALA B 466 -4.37 31.17 -32.71
CA ALA B 466 -5.43 30.42 -32.04
C ALA B 466 -4.97 29.94 -30.68
N TYR B 467 -3.71 29.49 -30.59
CA TYR B 467 -3.23 29.03 -29.28
C TYR B 467 -3.18 30.18 -28.28
N ILE B 468 -2.81 31.37 -28.76
CA ILE B 468 -2.77 32.55 -27.89
C ILE B 468 -4.17 32.92 -27.41
N LEU B 469 -5.17 32.82 -28.30
CA LEU B 469 -6.55 33.06 -27.89
C LEU B 469 -7.00 32.05 -26.84
N PHE B 470 -6.66 30.77 -27.05
CA PHE B 470 -7.00 29.74 -26.09
C PHE B 470 -6.45 30.09 -24.71
N ASN B 471 -5.18 30.48 -24.66
CA ASN B 471 -4.56 30.76 -23.36
C ASN B 471 -5.22 31.95 -22.68
N LEU B 472 -5.55 33.00 -23.46
CA LEU B 472 -6.22 34.15 -22.87
C LEU B 472 -7.54 33.75 -22.20
N ILE B 473 -8.37 32.99 -22.92
CA ILE B 473 -9.67 32.61 -22.36
C ILE B 473 -9.48 31.71 -21.14
N TYR B 474 -8.61 30.70 -21.27
CA TYR B 474 -8.41 29.73 -20.19
C TYR B 474 -7.97 30.43 -18.91
N TRP B 475 -6.97 31.30 -18.99
CA TRP B 475 -6.56 31.99 -17.77
C TRP B 475 -7.49 33.13 -17.39
N SER B 476 -8.46 33.50 -18.24
CA SER B 476 -9.50 34.40 -17.74
C SER B 476 -10.53 33.66 -16.88
N ILE B 477 -10.68 32.35 -17.12
CA ILE B 477 -11.69 31.55 -16.43
C ILE B 477 -11.15 31.04 -15.10
N PHE B 478 -9.90 30.58 -15.07
CA PHE B 478 -9.32 30.01 -13.87
C PHE B 478 -8.40 30.98 -13.12
N SER B 479 -8.01 32.09 -13.75
CA SER B 479 -7.33 33.20 -13.08
C SER B 479 -6.05 32.78 -12.36
N ASP C 85 -15.96 -27.53 40.51
CA ASP C 85 -14.82 -26.85 39.91
C ASP C 85 -14.92 -26.86 38.39
N PHE C 86 -15.39 -25.78 37.80
CA PHE C 86 -15.41 -25.74 36.35
C PHE C 86 -14.04 -25.49 35.75
N SER C 87 -12.98 -25.78 36.49
CA SER C 87 -11.64 -25.76 35.95
C SER C 87 -11.20 -27.16 35.51
N MET C 88 -12.14 -28.11 35.50
CA MET C 88 -11.91 -29.49 35.10
C MET C 88 -13.03 -29.90 34.15
N ARG C 89 -12.70 -30.78 33.22
CA ARG C 89 -13.66 -31.19 32.21
C ARG C 89 -14.69 -32.17 32.80
N PRO C 90 -15.82 -32.34 32.12
CA PRO C 90 -16.72 -33.45 32.47
C PRO C 90 -15.97 -34.78 32.40
N GLY C 91 -16.30 -35.67 33.34
CA GLY C 91 -15.57 -36.94 33.45
C GLY C 91 -14.08 -36.80 33.61
N PHE C 92 -13.63 -35.89 34.48
CA PHE C 92 -12.21 -35.62 34.65
C PHE C 92 -11.58 -36.75 35.43
N GLY C 93 -10.58 -37.39 34.82
CA GLY C 93 -9.95 -38.57 35.34
C GLY C 93 -10.54 -39.88 34.87
N GLY C 94 -11.66 -39.84 34.15
CA GLY C 94 -12.20 -41.01 33.51
C GLY C 94 -12.09 -40.95 32.00
N PRO C 95 -13.01 -41.59 31.29
CA PRO C 95 -12.88 -41.64 29.83
C PRO C 95 -13.09 -40.28 29.16
N ALA C 96 -13.02 -40.27 27.84
CA ALA C 96 -12.95 -39.04 27.06
C ALA C 96 -14.34 -38.47 26.77
N ILE C 97 -14.41 -37.14 26.62
CA ILE C 97 -15.71 -36.53 26.35
C ILE C 97 -15.93 -36.43 24.84
N PRO C 98 -17.05 -36.92 24.31
CA PRO C 98 -17.38 -36.71 22.90
C PRO C 98 -17.90 -35.30 22.65
N VAL C 99 -17.34 -34.62 21.66
CA VAL C 99 -17.75 -33.28 21.27
C VAL C 99 -17.96 -33.24 19.76
N GLY C 100 -19.08 -32.68 19.32
CA GLY C 100 -19.48 -32.72 17.92
C GLY C 100 -19.60 -31.33 17.31
N VAL C 101 -19.12 -31.21 16.06
CA VAL C 101 -18.90 -29.91 15.40
C VAL C 101 -19.83 -29.77 14.19
N ASP C 102 -20.29 -28.54 13.98
CA ASP C 102 -21.13 -28.14 12.84
C ASP C 102 -20.70 -26.76 12.36
N VAL C 103 -20.67 -26.55 11.04
CA VAL C 103 -20.11 -25.33 10.46
C VAL C 103 -20.98 -24.83 9.31
N GLN C 104 -21.08 -23.50 9.16
CA GLN C 104 -21.72 -22.83 8.04
C GLN C 104 -20.84 -21.68 7.58
N VAL C 105 -20.55 -21.62 6.28
CA VAL C 105 -19.61 -20.66 5.72
C VAL C 105 -20.35 -19.41 5.23
N GLU C 106 -19.90 -18.23 5.67
CA GLU C 106 -20.56 -16.99 5.25
C GLU C 106 -19.97 -16.42 3.96
N SER C 107 -18.65 -16.29 3.89
CA SER C 107 -17.98 -15.69 2.75
C SER C 107 -16.51 -16.10 2.76
N LEU C 108 -15.93 -16.16 1.57
CA LEU C 108 -14.49 -15.98 1.39
C LEU C 108 -14.28 -14.50 1.08
N ASP C 109 -13.31 -13.89 1.74
CA ASP C 109 -13.18 -12.44 1.76
C ASP C 109 -12.04 -11.88 0.91
N SER C 110 -10.91 -12.58 0.83
CA SER C 110 -9.78 -12.10 0.03
C SER C 110 -8.80 -13.26 -0.15
N ILE C 111 -7.87 -13.07 -1.09
CA ILE C 111 -6.83 -14.04 -1.39
C ILE C 111 -5.54 -13.29 -1.69
N SER C 112 -4.41 -13.80 -1.19
CA SER C 112 -3.10 -13.27 -1.54
C SER C 112 -2.29 -14.35 -2.23
N GLU C 113 -1.86 -14.06 -3.46
CA GLU C 113 -1.00 -14.96 -4.20
C GLU C 113 0.46 -14.82 -3.79
N VAL C 114 0.87 -13.60 -3.41
CA VAL C 114 2.24 -13.38 -2.96
C VAL C 114 2.49 -14.07 -1.62
N ASP C 115 1.57 -13.90 -0.68
CA ASP C 115 1.73 -14.43 0.66
C ASP C 115 1.16 -15.83 0.81
N MET C 116 0.39 -16.30 -0.18
CA MET C 116 -0.11 -17.67 -0.20
C MET C 116 -1.04 -17.95 0.99
N ASP C 117 -2.15 -17.21 1.03
CA ASP C 117 -3.16 -17.36 2.09
C ASP C 117 -4.51 -16.88 1.59
N PHE C 118 -5.56 -17.21 2.35
CA PHE C 118 -6.91 -16.74 2.09
C PHE C 118 -7.61 -16.38 3.39
N THR C 119 -8.69 -15.61 3.27
CA THR C 119 -9.46 -15.17 4.43
C THR C 119 -10.91 -15.62 4.30
N MET C 120 -11.49 -16.11 5.39
CA MET C 120 -12.81 -16.72 5.39
C MET C 120 -13.56 -16.31 6.66
N THR C 121 -14.90 -16.24 6.57
CA THR C 121 -15.75 -15.87 7.70
C THR C 121 -16.85 -16.91 7.87
N LEU C 122 -17.08 -17.37 9.10
CA LEU C 122 -17.95 -18.53 9.28
C LEU C 122 -18.66 -18.48 10.64
N TYR C 123 -19.66 -19.36 10.78
CA TYR C 123 -20.24 -19.72 12.08
C TYR C 123 -19.75 -21.12 12.47
N LEU C 124 -19.46 -21.29 13.75
CA LEU C 124 -18.92 -22.54 14.29
C LEU C 124 -19.75 -22.96 15.51
N ARG C 125 -20.15 -24.23 15.55
CA ARG C 125 -21.10 -24.70 16.56
C ARG C 125 -20.58 -25.97 17.23
N HIS C 126 -20.82 -26.09 18.53
CA HIS C 126 -20.34 -27.22 19.34
C HIS C 126 -21.49 -27.83 20.12
N TYR C 127 -21.38 -29.14 20.39
CA TYR C 127 -22.39 -29.88 21.14
C TYR C 127 -21.72 -30.81 22.14
N TRP C 128 -22.23 -30.83 23.38
CA TRP C 128 -21.80 -31.78 24.39
C TRP C 128 -22.79 -31.81 25.54
N LYS C 129 -22.59 -32.76 26.45
CA LYS C 129 -23.44 -32.93 27.62
C LYS C 129 -22.63 -32.77 28.91
N ASP C 130 -23.17 -32.03 29.87
CA ASP C 130 -22.50 -31.76 31.16
C ASP C 130 -23.58 -31.73 32.24
N GLU C 131 -23.69 -32.82 33.02
CA GLU C 131 -24.75 -32.93 34.01
C GLU C 131 -24.66 -31.87 35.11
N ARG C 132 -23.48 -31.28 35.32
CA ARG C 132 -23.36 -30.18 36.27
C ARG C 132 -24.24 -29.00 35.91
N LEU C 133 -24.70 -28.93 34.66
CA LEU C 133 -25.51 -27.82 34.16
C LEU C 133 -27.00 -28.12 34.14
N SER C 134 -27.42 -29.27 34.67
CA SER C 134 -28.81 -29.69 34.58
C SER C 134 -29.69 -28.94 35.59
N PHE C 135 -30.95 -28.70 35.21
CA PHE C 135 -31.81 -27.87 36.04
C PHE C 135 -33.22 -28.43 36.06
N PRO C 136 -33.94 -28.26 37.18
CA PRO C 136 -35.26 -28.88 37.31
C PRO C 136 -36.39 -28.11 36.62
N SER C 137 -36.69 -28.43 35.36
CA SER C 137 -37.86 -27.85 34.72
C SER C 137 -38.56 -28.88 33.86
N THR C 138 -39.89 -28.75 33.76
CA THR C 138 -40.75 -29.69 33.07
C THR C 138 -40.85 -29.42 31.57
N ASN C 139 -40.30 -28.30 31.09
CA ASN C 139 -40.63 -27.82 29.75
C ASN C 139 -40.11 -28.73 28.64
N ASN C 140 -39.01 -29.45 28.88
CA ASN C 140 -38.36 -30.26 27.85
C ASN C 140 -37.91 -29.40 26.67
N LEU C 141 -37.48 -28.19 26.97
CA LEU C 141 -37.12 -27.23 25.92
C LEU C 141 -35.90 -26.44 26.37
N SER C 142 -35.12 -26.00 25.39
CA SER C 142 -33.87 -25.30 25.67
C SER C 142 -34.11 -23.86 26.08
N MET C 143 -33.18 -23.31 26.84
CA MET C 143 -33.21 -21.94 27.33
C MET C 143 -31.98 -21.21 26.83
N THR C 144 -32.19 -19.99 26.32
CA THR C 144 -31.10 -19.21 25.75
C THR C 144 -30.50 -18.30 26.82
N PHE C 145 -29.16 -18.27 26.89
CA PHE C 145 -28.46 -17.43 27.84
C PHE C 145 -27.46 -16.55 27.10
N ASP C 146 -27.18 -15.39 27.70
CA ASP C 146 -26.21 -14.43 27.22
C ASP C 146 -24.79 -14.99 27.36
N GLY C 147 -23.84 -14.30 26.73
CA GLY C 147 -22.48 -14.77 26.75
C GLY C 147 -21.72 -14.48 28.03
N ARG C 148 -22.39 -13.89 29.03
CA ARG C 148 -21.72 -13.66 30.30
C ARG C 148 -21.39 -14.97 30.99
N LEU C 149 -22.24 -15.99 30.83
CA LEU C 149 -22.03 -17.26 31.50
C LEU C 149 -20.81 -18.02 30.99
N VAL C 150 -20.32 -17.71 29.79
CA VAL C 150 -19.30 -18.55 29.17
C VAL C 150 -17.98 -18.46 29.94
N LYS C 151 -17.76 -17.35 30.64
CA LYS C 151 -16.56 -17.17 31.45
C LYS C 151 -16.65 -17.86 32.80
N LYS C 152 -17.81 -18.41 33.15
CA LYS C 152 -18.00 -19.09 34.44
C LYS C 152 -17.92 -20.60 34.31
N ILE C 153 -18.49 -21.16 33.25
CA ILE C 153 -18.56 -22.60 33.04
C ILE C 153 -17.32 -23.12 32.31
N TRP C 154 -17.27 -24.45 32.13
CA TRP C 154 -16.28 -25.11 31.28
C TRP C 154 -16.79 -25.20 29.83
N VAL C 155 -15.85 -25.08 28.89
CA VAL C 155 -16.13 -24.92 27.46
C VAL C 155 -14.96 -25.49 26.65
N PRO C 156 -15.23 -26.14 25.46
CA PRO C 156 -14.08 -26.55 24.65
C PRO C 156 -13.06 -25.48 24.27
N ASP C 157 -11.98 -25.91 23.65
CA ASP C 157 -10.87 -25.01 23.33
C ASP C 157 -10.30 -25.26 21.94
N MET C 158 -11.17 -25.28 20.92
CA MET C 158 -10.71 -25.52 19.57
C MET C 158 -9.90 -24.34 19.04
N PHE C 159 -9.01 -24.62 18.09
CA PHE C 159 -8.24 -23.57 17.44
C PHE C 159 -7.98 -23.96 16.00
N PHE C 160 -7.53 -22.98 15.22
CA PHE C 160 -7.42 -23.10 13.78
C PHE C 160 -5.97 -23.39 13.40
N VAL C 161 -5.70 -24.58 12.88
CA VAL C 161 -4.32 -24.97 12.60
C VAL C 161 -3.87 -24.31 11.30
N HIS C 162 -2.62 -23.82 11.28
CA HIS C 162 -2.01 -23.14 10.13
C HIS C 162 -2.75 -21.85 9.78
N SER C 163 -3.21 -21.13 10.81
CA SER C 163 -3.72 -19.77 10.67
C SER C 163 -2.64 -18.74 10.96
N LYS C 164 -2.77 -17.60 10.29
CA LYS C 164 -1.90 -16.45 10.51
C LYS C 164 -2.51 -15.43 11.47
N ARG C 165 -3.83 -15.32 11.52
CA ARG C 165 -4.58 -14.36 12.33
C ARG C 165 -6.08 -14.66 12.28
N SER C 166 -6.77 -14.37 13.38
CA SER C 166 -8.21 -14.60 13.49
C SER C 166 -8.78 -13.69 14.58
N PHE C 167 -10.12 -13.64 14.66
CA PHE C 167 -10.80 -12.91 15.73
C PHE C 167 -12.29 -13.21 15.75
N ILE C 168 -12.92 -12.90 16.89
CA ILE C 168 -14.35 -13.06 17.11
C ILE C 168 -14.99 -11.68 17.11
N HIS C 169 -16.14 -11.57 16.43
CA HIS C 169 -16.82 -10.28 16.27
C HIS C 169 -17.51 -9.86 17.57
N ASP C 170 -17.59 -8.53 17.79
CA ASP C 170 -18.00 -8.02 19.10
C ASP C 170 -18.85 -6.74 19.02
N THR C 171 -19.61 -6.55 17.94
CA THR C 171 -20.49 -5.39 17.83
C THR C 171 -21.86 -5.82 17.37
N THR C 172 -22.91 -5.41 18.09
CA THR C 172 -22.80 -4.46 19.21
C THR C 172 -22.43 -5.09 20.54
N THR C 173 -22.32 -6.40 20.54
CA THR C 173 -21.84 -7.16 21.69
C THR C 173 -21.24 -8.44 21.15
N ASP C 174 -20.61 -9.21 22.04
CA ASP C 174 -19.94 -10.44 21.63
C ASP C 174 -20.90 -11.34 20.87
N ASN C 175 -20.47 -11.80 19.70
CA ASN C 175 -21.27 -12.69 18.85
C ASN C 175 -21.17 -14.12 19.39
N VAL C 176 -21.79 -14.34 20.55
CA VAL C 176 -21.72 -15.60 21.26
C VAL C 176 -23.14 -16.01 21.69
N MET C 177 -23.43 -17.31 21.59
CA MET C 177 -24.72 -17.86 21.97
C MET C 177 -24.54 -19.13 22.80
N LEU C 178 -25.37 -19.27 23.84
CA LEU C 178 -25.38 -20.44 24.69
C LEU C 178 -26.82 -20.90 24.91
N ARG C 179 -27.09 -22.17 24.63
CA ARG C 179 -28.41 -22.77 24.83
C ARG C 179 -28.23 -24.02 25.68
N VAL C 180 -29.07 -24.18 26.71
CA VAL C 180 -28.95 -25.33 27.60
C VAL C 180 -30.33 -25.91 27.84
N GLN C 181 -30.41 -27.24 27.83
CA GLN C 181 -31.54 -28.13 28.07
C GLN C 181 -31.59 -28.58 29.51
N PRO C 182 -32.77 -28.93 30.06
CA PRO C 182 -32.84 -29.43 31.44
C PRO C 182 -31.92 -30.62 31.68
N ASP C 183 -31.52 -31.31 30.62
CA ASP C 183 -30.67 -32.47 30.79
C ASP C 183 -29.23 -32.09 31.16
N GLY C 184 -28.79 -30.91 30.77
CA GLY C 184 -27.39 -30.56 30.77
C GLY C 184 -26.74 -30.68 29.43
N LYS C 185 -27.53 -30.88 28.36
CA LYS C 185 -27.04 -30.84 26.99
C LYS C 185 -26.88 -29.39 26.55
N VAL C 186 -25.73 -29.08 25.95
CA VAL C 186 -25.34 -27.71 25.65
C VAL C 186 -25.13 -27.53 24.15
N LEU C 187 -25.47 -26.33 23.66
CA LEU C 187 -25.12 -25.86 22.33
C LEU C 187 -24.42 -24.51 22.45
N TYR C 188 -23.33 -24.34 21.71
CA TYR C 188 -22.42 -23.21 21.86
C TYR C 188 -21.95 -22.78 20.48
N SER C 189 -22.01 -21.47 20.19
CA SER C 189 -21.91 -20.96 18.83
C SER C 189 -21.18 -19.63 18.79
N LEU C 190 -20.40 -19.42 17.72
CA LEU C 190 -19.50 -18.28 17.56
C LEU C 190 -19.53 -17.79 16.12
N ARG C 191 -19.18 -16.51 15.92
CA ARG C 191 -18.96 -15.99 14.57
C ARG C 191 -17.52 -15.48 14.51
N VAL C 192 -16.76 -15.88 13.46
CA VAL C 192 -15.33 -15.64 13.43
C VAL C 192 -14.84 -15.41 12.00
N THR C 193 -13.69 -14.75 11.90
CA THR C 193 -12.96 -14.56 10.64
C THR C 193 -11.55 -15.10 10.82
N VAL C 194 -11.06 -15.84 9.82
CA VAL C 194 -9.76 -16.50 9.90
C VAL C 194 -8.99 -16.26 8.62
N THR C 195 -7.68 -16.04 8.75
CA THR C 195 -6.74 -16.04 7.63
C THR C 195 -5.87 -17.28 7.73
N ALA C 196 -5.84 -18.08 6.67
CA ALA C 196 -5.18 -19.37 6.71
C ALA C 196 -4.23 -19.55 5.54
N MET C 197 -3.24 -20.42 5.73
CA MET C 197 -2.14 -20.61 4.81
C MET C 197 -2.48 -21.68 3.78
N CYS C 198 -2.09 -21.45 2.53
CA CYS C 198 -2.34 -22.39 1.45
C CYS C 198 -1.18 -22.31 0.47
N ASN C 199 -0.35 -23.34 0.44
CA ASN C 199 0.79 -23.35 -0.48
C ASN C 199 0.30 -23.50 -1.92
N MET C 200 0.77 -22.60 -2.79
CA MET C 200 0.37 -22.57 -4.19
C MET C 200 1.58 -22.75 -5.09
N ASP C 201 1.33 -23.31 -6.27
CA ASP C 201 2.33 -23.51 -7.30
C ASP C 201 1.85 -22.81 -8.57
N PHE C 202 2.63 -21.83 -9.04
CA PHE C 202 2.24 -20.97 -10.16
C PHE C 202 3.00 -21.31 -11.45
N SER C 203 3.62 -22.48 -11.53
CA SER C 203 4.46 -22.75 -12.69
C SER C 203 3.66 -22.96 -13.97
N ARG C 204 2.38 -23.30 -13.86
CA ARG C 204 1.49 -23.40 -15.01
C ARG C 204 0.64 -22.16 -15.22
N PHE C 205 0.96 -21.07 -14.54
CA PHE C 205 0.22 -19.82 -14.68
C PHE C 205 0.17 -19.42 -16.16
N PRO C 206 -0.98 -18.95 -16.67
CA PRO C 206 -2.29 -18.73 -16.02
C PRO C 206 -3.23 -19.94 -16.11
N LEU C 207 -2.65 -21.11 -16.39
CA LEU C 207 -3.41 -22.35 -16.56
C LEU C 207 -3.33 -23.25 -15.31
N ASP C 208 -3.14 -22.65 -14.13
CA ASP C 208 -3.04 -23.38 -12.88
C ASP C 208 -4.39 -23.60 -12.21
N THR C 209 -4.40 -24.58 -11.30
CA THR C 209 -5.54 -24.88 -10.45
C THR C 209 -5.02 -25.14 -9.05
N GLN C 210 -5.64 -24.52 -8.04
CA GLN C 210 -5.16 -24.56 -6.67
C GLN C 210 -6.19 -25.19 -5.74
N THR C 211 -5.72 -25.84 -4.67
CA THR C 211 -6.65 -26.43 -3.71
C THR C 211 -6.19 -26.09 -2.30
N CYS C 212 -7.12 -25.60 -1.48
CA CYS C 212 -6.84 -25.12 -0.13
C CYS C 212 -7.78 -25.78 0.87
N SER C 213 -7.47 -25.61 2.16
CA SER C 213 -8.28 -26.22 3.21
C SER C 213 -8.16 -25.43 4.51
N LEU C 214 -9.13 -25.63 5.39
CA LEU C 214 -9.16 -25.06 6.73
C LEU C 214 -9.18 -26.19 7.74
N GLU C 215 -8.33 -26.10 8.77
CA GLU C 215 -8.10 -27.20 9.69
C GLU C 215 -8.49 -26.80 11.11
N ILE C 216 -9.17 -27.71 11.81
CA ILE C 216 -9.68 -27.46 13.16
C ILE C 216 -9.18 -28.56 14.09
N GLU C 217 -8.71 -28.16 15.27
CA GLU C 217 -8.08 -29.03 16.26
C GLU C 217 -8.29 -28.48 17.67
N SER C 218 -8.24 -29.39 18.65
CA SER C 218 -8.25 -29.04 20.06
C SER C 218 -6.83 -28.75 20.53
N TYR C 219 -6.68 -27.69 21.33
CA TYR C 219 -5.33 -27.26 21.69
C TYR C 219 -4.76 -28.09 22.85
N ALA C 220 -5.48 -28.19 23.97
CA ALA C 220 -4.92 -28.72 25.20
C ALA C 220 -5.12 -30.22 25.37
N TYR C 221 -6.29 -30.75 25.01
CA TYR C 221 -6.66 -32.11 25.37
C TYR C 221 -6.41 -33.05 24.19
N THR C 222 -5.90 -34.23 24.50
CA THR C 222 -5.57 -35.26 23.51
C THR C 222 -6.73 -36.23 23.38
N GLU C 223 -6.66 -37.09 22.35
CA GLU C 223 -7.72 -38.03 22.05
C GLU C 223 -8.04 -38.96 23.22
N ASP C 224 -7.26 -38.91 24.29
CA ASP C 224 -7.54 -39.68 25.50
C ASP C 224 -8.45 -38.92 26.44
N ASP C 225 -8.67 -37.64 26.18
CA ASP C 225 -9.54 -36.78 26.99
C ASP C 225 -10.71 -36.20 26.22
N LEU C 226 -10.56 -35.95 24.92
CA LEU C 226 -11.60 -35.32 24.13
C LEU C 226 -11.67 -35.99 22.76
N MET C 227 -12.90 -36.36 22.35
CA MET C 227 -13.15 -37.00 21.07
C MET C 227 -13.90 -36.02 20.18
N LEU C 228 -13.34 -35.71 19.02
CA LEU C 228 -13.83 -34.66 18.14
C LEU C 228 -14.29 -35.27 16.82
N TYR C 229 -15.51 -34.93 16.40
CA TYR C 229 -16.10 -35.52 15.20
C TYR C 229 -17.13 -34.57 14.60
N TRP C 230 -17.40 -34.77 13.30
CA TRP C 230 -18.47 -34.03 12.63
C TRP C 230 -19.83 -34.54 13.08
N LYS C 231 -20.72 -33.62 13.47
CA LYS C 231 -21.95 -33.99 14.16
C LYS C 231 -22.91 -34.79 13.28
N LYS C 232 -22.86 -34.60 11.97
CA LYS C 232 -23.79 -35.29 11.07
C LYS C 232 -23.06 -35.83 9.84
N GLY C 233 -21.81 -36.22 9.99
CA GLY C 233 -21.08 -36.77 8.86
C GLY C 233 -20.93 -35.75 7.74
N ASN C 234 -21.32 -36.16 6.54
CA ASN C 234 -21.13 -35.30 5.37
C ASN C 234 -22.07 -34.10 5.36
N ASP C 235 -23.14 -34.12 6.17
CA ASP C 235 -24.13 -33.06 6.18
C ASP C 235 -23.82 -31.90 7.12
N SER C 236 -22.65 -31.89 7.75
CA SER C 236 -22.29 -30.91 8.76
C SER C 236 -21.61 -29.66 8.20
N LEU C 237 -21.56 -29.50 6.89
CA LEU C 237 -21.11 -28.25 6.28
C LEU C 237 -22.22 -27.65 5.44
N LYS C 238 -22.52 -26.38 5.70
CA LYS C 238 -23.43 -25.59 4.89
C LYS C 238 -22.67 -24.41 4.31
N THR C 239 -23.07 -23.97 3.11
CA THR C 239 -22.37 -22.89 2.43
C THR C 239 -23.38 -21.89 1.89
N ASP C 240 -23.04 -20.60 1.98
CA ASP C 240 -23.99 -19.55 1.64
C ASP C 240 -24.14 -19.41 0.12
N GLU C 241 -25.29 -18.87 -0.29
CA GLU C 241 -25.68 -18.83 -1.69
C GLU C 241 -24.97 -17.75 -2.49
N ARG C 242 -24.54 -16.66 -1.85
CA ARG C 242 -24.02 -15.50 -2.55
C ARG C 242 -22.50 -15.35 -2.43
N ILE C 243 -21.77 -16.47 -2.42
CA ILE C 243 -20.31 -16.46 -2.30
C ILE C 243 -19.68 -16.34 -3.69
N SER C 244 -18.65 -15.51 -3.81
CA SER C 244 -18.02 -15.21 -5.09
C SER C 244 -16.78 -14.39 -4.85
N LEU C 245 -15.90 -14.39 -5.85
CA LEU C 245 -14.64 -13.64 -5.84
C LEU C 245 -14.49 -12.92 -7.16
N SER C 246 -13.83 -11.75 -7.12
CA SER C 246 -13.69 -10.98 -8.35
C SER C 246 -12.55 -11.47 -9.25
N GLN C 247 -11.91 -12.58 -8.92
CA GLN C 247 -10.71 -13.00 -9.63
C GLN C 247 -10.61 -14.51 -9.79
N PHE C 248 -11.61 -15.27 -9.37
CA PHE C 248 -11.45 -16.70 -9.17
C PHE C 248 -12.81 -17.38 -9.29
N LEU C 249 -12.81 -18.68 -9.54
CA LEU C 249 -14.05 -19.45 -9.52
C LEU C 249 -13.89 -20.58 -8.49
N ILE C 250 -14.91 -20.73 -7.65
CA ILE C 250 -14.85 -21.62 -6.49
C ILE C 250 -15.74 -22.84 -6.75
N GLN C 251 -15.22 -24.03 -6.39
CA GLN C 251 -15.96 -25.26 -6.58
C GLN C 251 -15.45 -26.32 -5.61
N GLU C 252 -16.31 -27.32 -5.35
CA GLU C 252 -15.95 -28.60 -4.73
C GLU C 252 -15.73 -28.58 -3.22
N PHE C 253 -16.69 -28.08 -2.45
CA PHE C 253 -16.61 -28.06 -0.99
C PHE C 253 -16.92 -29.45 -0.41
N HIS C 254 -16.01 -29.98 0.40
CA HIS C 254 -16.28 -31.21 1.16
C HIS C 254 -15.40 -31.27 2.41
N THR C 255 -15.75 -32.18 3.33
CA THR C 255 -15.09 -32.31 4.63
C THR C 255 -14.46 -33.70 4.81
N THR C 256 -13.46 -33.77 5.69
CA THR C 256 -12.84 -35.05 6.05
C THR C 256 -12.16 -34.92 7.42
N THR C 257 -11.50 -36.01 7.85
CA THR C 257 -10.90 -36.11 9.18
C THR C 257 -9.54 -36.83 9.11
N LYS C 258 -8.69 -36.55 10.10
CA LYS C 258 -7.37 -37.20 10.19
C LYS C 258 -6.84 -37.12 11.63
N LEU C 259 -5.99 -38.08 11.98
CA LEU C 259 -5.37 -38.20 13.30
C LEU C 259 -3.90 -37.75 13.25
N ALA C 260 -3.51 -36.83 14.15
CA ALA C 260 -2.24 -36.13 14.04
C ALA C 260 -1.41 -36.24 15.32
N PHE C 261 -0.09 -36.09 15.17
CA PHE C 261 0.87 -36.43 16.22
C PHE C 261 1.88 -35.31 16.43
N TYR C 262 2.07 -34.89 17.68
CA TYR C 262 3.17 -34.02 18.08
C TYR C 262 4.11 -34.80 18.98
N SER C 263 5.41 -34.58 18.80
CA SER C 263 6.41 -35.45 19.41
C SER C 263 6.51 -35.21 20.92
N SER C 264 6.32 -33.97 21.37
CA SER C 264 6.43 -33.62 22.77
C SER C 264 5.10 -33.66 23.52
N THR C 265 3.97 -33.92 22.84
CA THR C 265 2.69 -33.73 23.51
C THR C 265 1.64 -34.81 23.27
N GLY C 266 1.57 -35.44 22.09
CA GLY C 266 0.69 -36.59 21.96
C GLY C 266 -0.06 -36.61 20.64
N TRP C 267 -1.20 -37.32 20.65
CA TRP C 267 -2.06 -37.53 19.49
C TRP C 267 -3.34 -36.70 19.61
N TYR C 268 -3.82 -36.16 18.49
CA TYR C 268 -5.04 -35.36 18.47
C TYR C 268 -5.85 -35.69 17.21
N ASN C 269 -7.14 -35.35 17.29
CA ASN C 269 -8.08 -35.49 16.18
C ASN C 269 -8.19 -34.17 15.43
N ARG C 270 -8.28 -34.24 14.10
CA ARG C 270 -8.30 -33.03 13.29
C ARG C 270 -9.38 -33.11 12.22
N LEU C 271 -10.10 -32.00 12.03
CA LEU C 271 -11.14 -31.91 11.00
C LEU C 271 -10.70 -30.96 9.90
N TYR C 272 -11.19 -31.21 8.68
CA TYR C 272 -10.79 -30.48 7.49
C TYR C 272 -12.00 -30.02 6.67
N ILE C 273 -11.86 -28.85 6.04
CA ILE C 273 -12.76 -28.37 5.01
C ILE C 273 -11.92 -28.08 3.77
N ASN C 274 -12.31 -28.63 2.61
CA ASN C 274 -11.52 -28.53 1.39
C ASN C 274 -12.29 -27.85 0.28
N PHE C 275 -11.57 -27.17 -0.61
CA PHE C 275 -12.19 -26.57 -1.82
C PHE C 275 -11.12 -26.30 -2.87
N THR C 276 -11.60 -26.01 -4.09
CA THR C 276 -10.79 -25.84 -5.29
C THR C 276 -11.02 -24.47 -5.91
N LEU C 277 -10.00 -23.99 -6.65
CA LEU C 277 -10.00 -22.65 -7.25
C LEU C 277 -9.51 -22.70 -8.70
N ARG C 278 -10.07 -21.84 -9.55
CA ARG C 278 -9.72 -21.78 -10.97
C ARG C 278 -9.87 -20.35 -11.48
N ARG C 279 -9.27 -20.08 -12.66
CA ARG C 279 -9.27 -18.73 -13.22
C ARG C 279 -10.16 -18.60 -14.46
N HIS C 280 -10.23 -17.36 -14.96
CA HIS C 280 -10.87 -17.02 -16.24
C HIS C 280 -9.79 -16.94 -17.32
N ILE C 281 -9.73 -17.95 -18.20
CA ILE C 281 -8.54 -18.07 -19.05
C ILE C 281 -8.60 -17.13 -20.26
N PHE C 282 -9.79 -16.75 -20.71
CA PHE C 282 -9.88 -15.96 -21.94
C PHE C 282 -9.39 -14.53 -21.71
N PHE C 283 -9.62 -14.00 -20.50
CA PHE C 283 -9.06 -12.70 -20.13
C PHE C 283 -7.55 -12.68 -20.36
N PHE C 284 -6.87 -13.67 -19.81
CA PHE C 284 -5.41 -13.73 -19.87
C PHE C 284 -4.92 -13.95 -21.29
N LEU C 285 -5.65 -14.77 -22.06
CA LEU C 285 -5.33 -14.93 -23.47
C LEU C 285 -5.34 -13.58 -24.19
N LEU C 286 -6.48 -12.88 -24.11
CA LEU C 286 -6.64 -11.61 -24.82
C LEU C 286 -5.61 -10.59 -24.38
N GLN C 287 -5.26 -10.60 -23.08
CA GLN C 287 -4.38 -9.56 -22.59
C GLN C 287 -2.90 -9.85 -22.88
N THR C 288 -2.51 -11.13 -22.92
CA THR C 288 -1.09 -11.46 -23.02
C THR C 288 -0.70 -12.17 -24.31
N TYR C 289 -1.40 -13.24 -24.72
CA TYR C 289 -0.91 -14.05 -25.84
C TYR C 289 -1.21 -13.42 -27.19
N PHE C 290 -2.25 -12.58 -27.25
CA PHE C 290 -2.77 -12.11 -28.53
C PHE C 290 -1.88 -11.01 -29.13
N PRO C 291 -1.59 -9.91 -28.42
CA PRO C 291 -0.64 -8.89 -28.92
C PRO C 291 0.72 -9.43 -29.39
N ALA C 292 1.33 -10.36 -28.64
CA ALA C 292 2.63 -10.88 -28.99
C ALA C 292 2.58 -11.62 -30.32
N THR C 293 1.50 -12.37 -30.53
CA THR C 293 1.32 -13.13 -31.75
C THR C 293 1.17 -12.18 -32.93
N LEU C 294 0.38 -11.13 -32.74
CA LEU C 294 0.22 -10.13 -33.80
C LEU C 294 1.56 -9.49 -34.16
N MET C 295 2.40 -9.23 -33.15
CA MET C 295 3.70 -8.61 -33.40
C MET C 295 4.60 -9.54 -34.21
N VAL C 296 4.64 -10.83 -33.85
CA VAL C 296 5.43 -11.77 -34.64
C VAL C 296 4.93 -11.80 -36.08
N MET C 297 3.61 -11.70 -36.27
CA MET C 297 3.07 -11.72 -37.62
C MET C 297 3.45 -10.47 -38.39
N LEU C 298 3.61 -9.36 -37.67
CA LEU C 298 4.01 -8.09 -38.27
C LEU C 298 5.46 -8.12 -38.74
N SER C 299 6.30 -8.89 -38.05
CA SER C 299 7.72 -8.97 -38.42
C SER C 299 7.95 -9.71 -39.73
N TRP C 300 6.99 -10.50 -40.20
CA TRP C 300 7.09 -11.31 -41.40
C TRP C 300 6.77 -10.53 -42.68
N VAL C 301 6.13 -9.38 -42.54
CA VAL C 301 5.81 -8.48 -43.66
C VAL C 301 7.09 -8.02 -44.34
N SER C 302 8.21 -8.04 -43.62
CA SER C 302 9.44 -7.46 -44.15
C SER C 302 9.96 -8.26 -45.34
N PHE C 303 9.72 -9.57 -45.35
CA PHE C 303 10.21 -10.45 -46.41
C PHE C 303 9.62 -10.15 -47.77
N TRP C 304 8.55 -9.34 -47.84
CA TRP C 304 7.87 -9.07 -49.10
C TRP C 304 8.15 -7.68 -49.64
N ILE C 305 8.92 -6.86 -48.92
CA ILE C 305 9.31 -5.53 -49.37
C ILE C 305 10.61 -5.63 -50.15
N ASP C 306 10.77 -4.71 -51.10
CA ASP C 306 11.90 -4.75 -52.03
C ASP C 306 13.20 -4.47 -51.29
N ARG C 307 14.16 -5.41 -51.44
CA ARG C 307 15.46 -5.31 -50.78
C ARG C 307 16.22 -4.04 -51.15
N ARG C 308 15.85 -3.40 -52.27
CA ARG C 308 16.48 -2.15 -52.67
C ARG C 308 16.09 -1.00 -51.76
N ALA C 309 14.99 -1.12 -51.01
CA ALA C 309 14.49 -0.03 -50.17
C ALA C 309 15.07 -0.14 -48.76
N VAL C 310 16.34 0.25 -48.63
CA VAL C 310 17.02 0.14 -47.34
C VAL C 310 16.41 1.06 -46.29
N PRO C 311 16.16 2.36 -46.55
CA PRO C 311 15.55 3.20 -45.52
C PRO C 311 14.12 2.80 -45.15
N ALA C 312 13.54 1.78 -45.79
CA ALA C 312 12.22 1.29 -45.46
C ALA C 312 12.25 -0.04 -44.72
N ARG C 313 13.26 -0.86 -44.96
CA ARG C 313 13.34 -2.17 -44.32
C ARG C 313 14.14 -2.09 -43.03
N VAL C 314 15.04 -1.12 -42.91
CA VAL C 314 15.84 -1.03 -41.67
C VAL C 314 15.01 -0.49 -40.50
N PRO C 315 14.29 0.64 -40.61
CA PRO C 315 13.56 1.12 -39.42
C PRO C 315 12.43 0.19 -38.98
N LEU C 316 11.86 -0.59 -39.90
CA LEU C 316 10.70 -1.41 -39.56
C LEU C 316 11.05 -2.41 -38.47
N GLY C 317 12.20 -3.07 -38.63
CA GLY C 317 12.57 -4.14 -37.72
C GLY C 317 12.87 -3.64 -36.31
N ILE C 318 13.60 -2.52 -36.22
CA ILE C 318 14.05 -2.05 -34.92
C ILE C 318 12.87 -1.41 -34.20
N THR C 319 11.95 -0.79 -34.94
CA THR C 319 10.73 -0.32 -34.29
C THR C 319 9.88 -1.49 -33.78
N THR C 320 9.90 -2.62 -34.49
CA THR C 320 9.14 -3.78 -34.04
C THR C 320 9.73 -4.35 -32.76
N VAL C 321 11.07 -4.35 -32.66
CA VAL C 321 11.74 -4.73 -31.42
C VAL C 321 11.29 -3.83 -30.28
N LEU C 322 11.21 -2.52 -30.56
CA LEU C 322 10.82 -1.57 -29.51
C LEU C 322 9.43 -1.88 -28.99
N THR C 323 8.48 -2.08 -29.91
CA THR C 323 7.12 -2.39 -29.54
C THR C 323 7.04 -3.66 -28.67
N MET C 324 7.75 -4.72 -29.09
CA MET C 324 7.68 -5.96 -28.31
C MET C 324 8.28 -5.80 -26.91
N SER C 325 9.35 -5.02 -26.79
CA SER C 325 9.93 -4.77 -25.47
C SER C 325 8.95 -4.00 -24.58
N THR C 326 8.29 -2.99 -25.14
CA THR C 326 7.25 -2.28 -24.39
C THR C 326 6.18 -3.25 -23.87
N ILE C 327 5.73 -4.17 -24.73
CA ILE C 327 4.66 -5.07 -24.32
C ILE C 327 5.11 -5.96 -23.16
N ILE C 328 6.32 -6.51 -23.27
CA ILE C 328 6.81 -7.43 -22.24
C ILE C 328 6.96 -6.71 -20.91
N THR C 329 7.49 -5.48 -20.95
CA THR C 329 7.65 -4.69 -19.73
C THR C 329 6.30 -4.38 -19.08
N GLY C 330 5.30 -4.05 -19.90
CA GLY C 330 3.96 -3.85 -19.39
C GLY C 330 3.44 -5.06 -18.63
N VAL C 331 3.68 -6.26 -19.18
CA VAL C 331 3.18 -7.45 -18.49
C VAL C 331 3.98 -7.68 -17.21
N ASN C 332 5.26 -7.31 -17.21
CA ASN C 332 6.09 -7.59 -16.04
C ASN C 332 5.72 -6.70 -14.85
N ALA C 333 5.21 -5.50 -15.13
CA ALA C 333 4.88 -4.53 -14.08
C ALA C 333 3.56 -4.81 -13.35
N SER C 334 2.80 -5.85 -13.70
CA SER C 334 1.50 -6.07 -13.09
C SER C 334 1.30 -7.51 -12.60
N MET C 335 2.30 -8.36 -12.78
CA MET C 335 2.29 -9.72 -12.29
C MET C 335 2.45 -9.77 -10.76
N PRO C 336 2.03 -10.86 -10.11
CA PRO C 336 2.07 -10.88 -8.65
C PRO C 336 3.42 -11.14 -7.98
N ARG C 337 4.54 -10.85 -8.65
CA ARG C 337 5.87 -10.77 -8.03
C ARG C 337 6.29 -12.05 -7.31
N VAL C 338 6.06 -13.21 -7.94
CA VAL C 338 6.67 -14.46 -7.48
C VAL C 338 7.84 -14.77 -8.41
N SER C 339 9.00 -15.06 -7.81
CA SER C 339 10.28 -14.97 -8.53
C SER C 339 10.76 -16.35 -9.01
N TYR C 340 9.96 -16.97 -9.86
CA TYR C 340 10.42 -18.11 -10.63
C TYR C 340 9.67 -18.15 -11.96
N ILE C 341 10.14 -19.01 -12.86
CA ILE C 341 9.74 -18.94 -14.26
C ILE C 341 8.43 -19.66 -14.47
N LYS C 342 7.51 -19.02 -15.18
CA LYS C 342 6.16 -19.54 -15.38
C LYS C 342 5.85 -19.68 -16.87
N ALA C 343 4.76 -20.41 -17.13
CA ALA C 343 4.37 -20.86 -18.47
C ALA C 343 4.30 -19.73 -19.49
N VAL C 344 3.90 -18.53 -19.06
CA VAL C 344 3.63 -17.41 -19.95
C VAL C 344 4.94 -16.68 -20.31
N ASP C 345 5.87 -16.63 -19.36
CA ASP C 345 7.21 -16.10 -19.60
C ASP C 345 7.85 -16.74 -20.84
N ILE C 346 7.72 -18.06 -20.97
CA ILE C 346 8.37 -18.78 -22.06
C ILE C 346 7.84 -18.31 -23.40
N TYR C 347 6.51 -18.23 -23.53
CA TYR C 347 5.90 -17.74 -24.76
C TYR C 347 6.42 -16.35 -25.11
N LEU C 348 6.42 -15.45 -24.13
CA LEU C 348 6.80 -14.08 -24.44
C LEU C 348 8.24 -13.99 -24.94
N TRP C 349 9.17 -14.69 -24.26
CA TRP C 349 10.57 -14.55 -24.66
C TRP C 349 10.87 -15.28 -25.98
N VAL C 350 10.16 -16.37 -26.28
CA VAL C 350 10.35 -17.00 -27.58
C VAL C 350 9.89 -16.08 -28.71
N SER C 351 8.76 -15.38 -28.50
CA SER C 351 8.34 -14.39 -29.50
C SER C 351 9.41 -13.32 -29.68
N PHE C 352 10.04 -12.91 -28.58
CA PHE C 352 11.10 -11.91 -28.68
C PHE C 352 12.23 -12.40 -29.58
N VAL C 353 12.64 -13.65 -29.41
CA VAL C 353 13.74 -14.18 -30.23
C VAL C 353 13.33 -14.23 -31.71
N PHE C 354 12.08 -14.58 -32.01
CA PHE C 354 11.67 -14.58 -33.42
C PHE C 354 11.81 -13.19 -34.05
N VAL C 355 11.32 -12.16 -33.35
CA VAL C 355 11.47 -10.80 -33.88
C VAL C 355 12.93 -10.43 -34.07
N PHE C 356 13.81 -10.89 -33.18
CA PHE C 356 15.24 -10.55 -33.25
C PHE C 356 15.90 -11.20 -34.48
N LEU C 357 15.57 -12.47 -34.73
CA LEU C 357 16.07 -13.15 -35.92
C LEU C 357 15.68 -12.42 -37.19
N SER C 358 14.44 -11.91 -37.25
CA SER C 358 13.98 -11.22 -38.45
C SER C 358 14.89 -10.04 -38.81
N VAL C 359 15.55 -9.45 -37.82
CA VAL C 359 16.37 -8.25 -38.00
C VAL C 359 17.78 -8.65 -38.43
N LEU C 360 18.27 -9.79 -37.95
CA LEU C 360 19.56 -10.27 -38.50
C LEU C 360 19.43 -10.68 -39.98
N GLU C 361 18.25 -11.15 -40.37
CA GLU C 361 18.04 -11.70 -41.71
C GLU C 361 18.35 -10.66 -42.80
N TYR C 362 17.76 -9.48 -42.68
CA TYR C 362 17.94 -8.49 -43.73
C TYR C 362 19.37 -7.97 -43.78
N ALA C 363 20.07 -7.96 -42.65
CA ALA C 363 21.48 -7.62 -42.66
C ALA C 363 22.25 -8.57 -43.55
N ALA C 364 22.00 -9.88 -43.39
CA ALA C 364 22.54 -10.89 -44.31
C ALA C 364 22.34 -10.47 -45.78
N VAL C 365 21.10 -10.15 -46.12
CA VAL C 365 20.70 -9.89 -47.51
C VAL C 365 21.40 -8.63 -48.04
N ASN C 366 21.36 -7.56 -47.25
CA ASN C 366 21.98 -6.29 -47.65
C ASN C 366 23.47 -6.45 -47.90
N TYR C 367 24.17 -7.11 -46.97
CA TYR C 367 25.61 -7.29 -47.12
C TYR C 367 25.94 -8.06 -48.39
N LEU C 368 25.22 -9.15 -48.62
CA LEU C 368 25.53 -10.00 -49.77
C LEU C 368 25.26 -9.27 -51.09
N THR C 369 24.14 -8.53 -51.16
CA THR C 369 23.89 -7.71 -52.35
C THR C 369 25.02 -6.72 -52.59
N THR C 370 25.53 -6.12 -51.50
CA THR C 370 26.49 -5.02 -51.66
C THR C 370 27.82 -5.55 -52.20
N VAL C 371 28.30 -6.66 -51.62
CA VAL C 371 29.51 -7.31 -52.12
C VAL C 371 29.32 -7.78 -53.55
N GLN C 372 28.09 -8.16 -53.94
CA GLN C 372 27.91 -8.52 -55.36
C GLN C 372 28.07 -7.32 -56.28
N GLU C 373 27.52 -6.16 -55.89
CA GLU C 373 27.73 -4.95 -56.67
C GLU C 373 29.22 -4.65 -56.85
N ARG C 374 29.96 -4.67 -55.74
CA ARG C 374 31.41 -4.49 -55.74
C ARG C 374 32.10 -5.51 -56.65
N LYS C 375 31.63 -6.76 -56.64
CA LYS C 375 32.28 -7.81 -57.42
C LYS C 375 32.09 -7.59 -58.92
N GLU C 376 30.88 -7.23 -59.34
CA GLU C 376 30.63 -6.99 -60.75
C GLU C 376 31.36 -5.73 -61.23
N GLN C 377 31.35 -4.68 -60.43
CA GLN C 377 32.05 -3.44 -60.77
C GLN C 377 33.53 -3.58 -60.49
N ASP C 451 14.92 -9.05 -58.96
CA ASP C 451 14.90 -10.47 -58.65
C ASP C 451 14.94 -10.61 -57.13
N THR C 452 14.16 -11.56 -56.61
CA THR C 452 14.09 -11.77 -55.17
C THR C 452 15.30 -12.56 -54.69
N HIS C 453 15.87 -12.17 -53.55
CA HIS C 453 17.02 -12.89 -53.05
C HIS C 453 16.61 -14.27 -52.53
N ALA C 454 17.54 -15.21 -52.58
CA ALA C 454 17.26 -16.59 -52.16
C ALA C 454 16.85 -16.64 -50.69
N ILE C 455 17.53 -15.85 -49.85
CA ILE C 455 17.22 -15.87 -48.42
C ILE C 455 15.86 -15.24 -48.14
N ASP C 456 15.42 -14.30 -48.96
CA ASP C 456 14.06 -13.78 -48.80
C ASP C 456 13.02 -14.85 -49.08
N LYS C 457 13.12 -15.50 -50.25
CA LYS C 457 12.08 -16.45 -50.65
C LYS C 457 12.16 -17.74 -49.86
N TYR C 458 13.27 -18.01 -49.16
CA TYR C 458 13.23 -19.12 -48.23
C TYR C 458 12.62 -18.70 -46.90
N SER C 459 12.93 -17.49 -46.43
CA SER C 459 12.40 -17.03 -45.15
C SER C 459 10.87 -17.00 -45.17
N ARG C 460 10.29 -16.56 -46.30
CA ARG C 460 8.84 -16.52 -46.44
C ARG C 460 8.17 -17.86 -46.13
N ILE C 461 8.89 -18.97 -46.33
CA ILE C 461 8.35 -20.25 -45.90
C ILE C 461 8.81 -20.63 -44.51
N ILE C 462 10.09 -20.46 -44.20
CA ILE C 462 10.65 -21.12 -43.02
C ILE C 462 10.12 -20.48 -41.74
N PHE C 463 10.04 -19.14 -41.67
CA PHE C 463 9.69 -18.54 -40.39
C PHE C 463 8.31 -18.98 -39.88
N PRO C 464 7.22 -18.86 -40.66
CA PRO C 464 5.90 -19.24 -40.12
C PRO C 464 5.83 -20.70 -39.71
N ALA C 465 6.48 -21.61 -40.47
CA ALA C 465 6.41 -23.03 -40.15
C ALA C 465 7.05 -23.33 -38.79
N ALA C 466 8.16 -22.65 -38.49
CA ALA C 466 8.79 -22.85 -37.19
C ALA C 466 7.89 -22.35 -36.08
N TYR C 467 7.23 -21.20 -36.31
CA TYR C 467 6.33 -20.69 -35.27
C TYR C 467 5.17 -21.66 -35.03
N ILE C 468 4.67 -22.27 -36.11
CA ILE C 468 3.57 -23.23 -35.98
C ILE C 468 4.03 -24.46 -35.19
N LEU C 469 5.26 -24.93 -35.45
CA LEU C 469 5.79 -26.05 -34.69
C LEU C 469 5.93 -25.69 -33.21
N PHE C 470 6.42 -24.48 -32.92
CA PHE C 470 6.54 -24.03 -31.54
C PHE C 470 5.19 -24.10 -30.84
N ASN C 471 4.15 -23.58 -31.50
CA ASN C 471 2.84 -23.54 -30.85
C ASN C 471 2.31 -24.95 -30.60
N LEU C 472 2.50 -25.85 -31.55
CA LEU C 472 2.05 -27.23 -31.36
C LEU C 472 2.70 -27.85 -30.12
N ILE C 473 4.03 -27.73 -30.00
CA ILE C 473 4.70 -28.34 -28.85
C ILE C 473 4.27 -27.68 -27.55
N TYR C 474 4.24 -26.34 -27.53
CA TYR C 474 3.90 -25.61 -26.32
C TYR C 474 2.53 -26.01 -25.81
N TRP C 475 1.52 -26.00 -26.68
CA TRP C 475 0.21 -26.41 -26.19
C TRP C 475 0.05 -27.92 -26.05
N SER C 476 1.02 -28.71 -26.49
CA SER C 476 0.98 -30.11 -26.10
C SER C 476 1.48 -30.32 -24.67
N ILE C 477 2.32 -29.40 -24.19
CA ILE C 477 2.93 -29.52 -22.87
C ILE C 477 2.01 -28.94 -21.80
N PHE C 478 1.40 -27.79 -22.07
CA PHE C 478 0.56 -27.13 -21.09
C PHE C 478 -0.94 -27.36 -21.32
N SER C 479 -1.32 -27.88 -22.48
CA SER C 479 -2.68 -28.35 -22.74
C SER C 479 -3.75 -27.29 -22.49
N ASP D 85 3.41 -16.95 48.52
CA ASP D 85 3.46 -15.77 47.67
C ASP D 85 3.98 -16.13 46.29
N PHE D 86 3.08 -16.31 45.32
CA PHE D 86 3.55 -16.56 43.98
C PHE D 86 4.05 -15.31 43.28
N SER D 87 4.44 -14.30 44.05
CA SER D 87 5.11 -13.13 43.50
C SER D 87 6.62 -13.26 43.64
N MET D 88 7.10 -14.46 44.03
CA MET D 88 8.50 -14.76 44.19
C MET D 88 8.78 -16.10 43.52
N ARG D 89 9.99 -16.24 42.99
CA ARG D 89 10.35 -17.45 42.26
C ARG D 89 10.60 -18.61 43.21
N PRO D 90 10.56 -19.84 42.69
CA PRO D 90 11.06 -20.98 43.47
C PRO D 90 12.51 -20.74 43.91
N GLY D 91 12.83 -21.17 45.13
CA GLY D 91 14.15 -20.89 45.70
C GLY D 91 14.51 -19.43 45.75
N PHE D 92 13.60 -18.58 46.18
CA PHE D 92 13.82 -17.14 46.18
C PHE D 92 14.76 -16.79 47.33
N GLY D 93 15.88 -16.17 46.98
CA GLY D 93 16.95 -15.89 47.91
C GLY D 93 18.02 -16.95 48.00
N GLY D 94 17.83 -18.10 47.36
CA GLY D 94 18.87 -19.08 47.25
C GLY D 94 19.39 -19.23 45.83
N PRO D 95 19.85 -20.42 45.46
CA PRO D 95 20.46 -20.56 44.13
C PRO D 95 19.45 -20.42 43.00
N ALA D 96 19.93 -20.57 41.77
CA ALA D 96 19.17 -20.24 40.57
C ALA D 96 18.28 -21.39 40.13
N ILE D 97 17.17 -21.05 39.46
CA ILE D 97 16.26 -22.10 39.02
C ILE D 97 16.62 -22.53 37.60
N PRO D 98 16.81 -23.82 37.34
CA PRO D 98 17.01 -24.31 35.96
C PRO D 98 15.70 -24.38 35.20
N VAL D 99 15.67 -23.78 34.00
CA VAL D 99 14.50 -23.79 33.13
C VAL D 99 14.93 -24.24 31.74
N GLY D 100 14.19 -25.17 31.15
CA GLY D 100 14.56 -25.79 29.88
C GLY D 100 13.55 -25.55 28.78
N VAL D 101 14.05 -25.27 27.57
CA VAL D 101 13.26 -24.77 26.46
C VAL D 101 13.22 -25.77 25.32
N ASP D 102 12.06 -25.84 24.65
CA ASP D 102 11.82 -26.68 23.48
C ASP D 102 10.96 -25.91 22.47
N VAL D 103 11.26 -26.05 21.18
CA VAL D 103 10.62 -25.21 20.14
C VAL D 103 10.28 -26.06 18.91
N GLN D 104 9.15 -25.73 18.28
CA GLN D 104 8.73 -26.30 17.00
C GLN D 104 8.23 -25.19 16.09
N VAL D 105 8.75 -25.13 14.87
CA VAL D 105 8.46 -24.03 13.94
C VAL D 105 7.29 -24.39 13.03
N GLU D 106 6.28 -23.50 12.96
CA GLU D 106 5.13 -23.78 12.11
C GLU D 106 5.31 -23.28 10.69
N SER D 107 5.71 -22.01 10.53
CA SER D 107 5.85 -21.38 9.23
C SER D 107 6.73 -20.16 9.35
N LEU D 108 7.42 -19.84 8.26
CA LEU D 108 7.86 -18.48 7.97
C LEU D 108 6.79 -17.84 7.10
N ASP D 109 6.39 -16.62 7.44
CA ASP D 109 5.17 -16.02 6.90
C ASP D 109 5.42 -14.94 5.86
N SER D 110 6.46 -14.13 6.03
CA SER D 110 6.76 -13.06 5.07
C SER D 110 8.17 -12.56 5.33
N ILE D 111 8.68 -11.79 4.36
CA ILE D 111 10.02 -11.19 4.43
C ILE D 111 9.95 -9.80 3.81
N SER D 112 10.63 -8.84 4.45
CA SER D 112 10.78 -7.50 3.88
C SER D 112 12.25 -7.23 3.64
N GLU D 113 12.59 -6.94 2.37
CA GLU D 113 13.96 -6.56 2.03
C GLU D 113 14.23 -5.09 2.31
N VAL D 114 13.19 -4.25 2.17
CA VAL D 114 13.36 -2.82 2.45
C VAL D 114 13.57 -2.60 3.94
N ASP D 115 12.74 -3.22 4.76
CA ASP D 115 12.78 -3.02 6.20
C ASP D 115 13.72 -3.99 6.91
N MET D 116 14.20 -5.03 6.21
CA MET D 116 15.20 -5.94 6.75
C MET D 116 14.67 -6.70 7.97
N ASP D 117 13.61 -7.47 7.76
CA ASP D 117 12.99 -8.28 8.81
C ASP D 117 12.25 -9.47 8.21
N PHE D 118 11.88 -10.41 9.07
CA PHE D 118 11.07 -11.57 8.69
C PHE D 118 10.05 -11.87 9.77
N THR D 119 9.03 -12.65 9.39
CA THR D 119 7.96 -13.02 10.31
C THR D 119 7.85 -14.53 10.40
N MET D 120 7.68 -15.05 11.62
CA MET D 120 7.71 -16.48 11.90
C MET D 120 6.63 -16.82 12.92
N THR D 121 6.11 -18.05 12.86
CA THR D 121 5.08 -18.53 13.77
C THR D 121 5.51 -19.87 14.37
N LEU D 122 5.37 -20.02 15.69
CA LEU D 122 5.99 -21.18 16.34
C LEU D 122 5.21 -21.59 17.58
N TYR D 123 5.54 -22.78 18.10
CA TYR D 123 5.18 -23.22 19.45
C TYR D 123 6.42 -23.16 20.34
N LEU D 124 6.23 -22.72 21.59
CA LEU D 124 7.30 -22.54 22.55
C LEU D 124 6.93 -23.24 23.85
N ARG D 125 7.85 -24.03 24.40
CA ARG D 125 7.56 -24.89 25.55
C ARG D 125 8.61 -24.71 26.64
N HIS D 126 8.16 -24.75 27.90
CA HIS D 126 9.01 -24.53 29.06
C HIS D 126 8.84 -25.67 30.05
N TYR D 127 9.91 -25.96 30.82
CA TYR D 127 9.91 -27.01 31.83
C TYR D 127 10.60 -26.53 33.09
N TRP D 128 9.99 -26.79 34.25
CA TRP D 128 10.62 -26.53 35.54
C TRP D 128 9.87 -27.26 36.63
N LYS D 129 10.43 -27.23 37.84
CA LYS D 129 9.85 -27.88 39.01
C LYS D 129 9.56 -26.84 40.11
N ASP D 130 8.38 -26.94 40.72
CA ASP D 130 7.95 -26.03 41.78
C ASP D 130 7.13 -26.82 42.80
N GLU D 131 7.75 -27.15 43.93
CA GLU D 131 7.12 -28.01 44.93
C GLU D 131 5.85 -27.38 45.53
N ARG D 132 5.70 -26.06 45.45
CA ARG D 132 4.47 -25.41 45.88
C ARG D 132 3.24 -25.92 45.12
N LEU D 133 3.45 -26.54 43.96
CA LEU D 133 2.38 -27.00 43.09
C LEU D 133 2.09 -28.50 43.24
N SER D 134 2.74 -29.17 44.18
CA SER D 134 2.62 -30.62 44.31
C SER D 134 1.30 -31.01 44.97
N PHE D 135 0.76 -32.16 44.56
CA PHE D 135 -0.56 -32.55 45.03
C PHE D 135 -0.62 -34.04 45.31
N PRO D 136 -1.42 -34.46 46.30
CA PRO D 136 -1.43 -35.87 46.70
C PRO D 136 -2.26 -36.78 45.80
N SER D 137 -1.65 -37.38 44.78
CA SER D 137 -2.35 -38.38 43.98
C SER D 137 -1.42 -39.53 43.63
N THR D 138 -1.99 -40.73 43.53
CA THR D 138 -1.25 -41.96 43.29
C THR D 138 -0.99 -42.22 41.80
N ASN D 139 -1.58 -41.42 40.91
CA ASN D 139 -1.64 -41.81 39.49
C ASN D 139 -0.28 -41.80 38.81
N ASN D 140 0.66 -40.98 39.28
CA ASN D 140 1.96 -40.83 38.64
C ASN D 140 1.81 -40.32 37.21
N LEU D 141 0.83 -39.46 36.98
CA LEU D 141 0.50 -39.00 35.64
C LEU D 141 0.11 -37.54 35.70
N SER D 142 0.37 -36.82 34.61
CA SER D 142 0.13 -35.39 34.56
C SER D 142 -1.35 -35.07 34.37
N MET D 143 -1.73 -33.89 34.83
CA MET D 143 -3.10 -33.39 34.74
C MET D 143 -3.10 -32.09 33.95
N THR D 144 -4.03 -31.97 33.02
CA THR D 144 -4.12 -30.80 32.16
C THR D 144 -5.05 -29.76 32.77
N PHE D 145 -4.60 -28.51 32.77
CA PHE D 145 -5.40 -27.40 33.30
C PHE D 145 -5.53 -26.31 32.25
N ASP D 146 -6.63 -25.58 32.33
CA ASP D 146 -6.93 -24.44 31.49
C ASP D 146 -5.97 -23.28 31.78
N GLY D 147 -5.99 -22.28 30.92
CA GLY D 147 -5.09 -21.16 31.07
C GLY D 147 -5.52 -20.15 32.11
N ARG D 148 -6.62 -20.39 32.82
CA ARG D 148 -7.03 -19.49 33.88
C ARG D 148 -6.02 -19.49 35.02
N LEU D 149 -5.40 -20.64 35.29
CA LEU D 149 -4.46 -20.75 36.41
C LEU D 149 -3.18 -19.97 36.19
N VAL D 150 -2.84 -19.62 34.95
CA VAL D 150 -1.52 -19.03 34.67
C VAL D 150 -1.39 -17.66 35.31
N LYS D 151 -2.51 -16.96 35.50
CA LYS D 151 -2.51 -15.65 36.15
C LYS D 151 -2.42 -15.73 37.67
N LYS D 152 -2.50 -16.93 38.24
CA LYS D 152 -2.44 -17.11 39.69
C LYS D 152 -1.07 -17.54 40.17
N ILE D 153 -0.42 -18.45 39.43
CA ILE D 153 0.87 -19.03 39.81
C ILE D 153 2.03 -18.17 39.31
N TRP D 154 3.25 -18.58 39.65
CA TRP D 154 4.49 -18.03 39.09
C TRP D 154 4.89 -18.77 37.82
N VAL D 155 5.45 -18.03 36.88
CA VAL D 155 5.73 -18.49 35.51
C VAL D 155 6.93 -17.73 34.95
N PRO D 156 7.80 -18.39 34.12
CA PRO D 156 8.88 -17.60 33.50
C PRO D 156 8.46 -16.37 32.70
N ASP D 157 9.45 -15.61 32.26
CA ASP D 157 9.19 -14.33 31.58
C ASP D 157 10.13 -14.13 30.38
N MET D 158 10.18 -15.11 29.49
CA MET D 158 11.03 -15.00 28.32
C MET D 158 10.50 -13.94 27.34
N PHE D 159 11.42 -13.38 26.55
CA PHE D 159 11.02 -12.43 25.52
C PHE D 159 11.96 -12.55 24.34
N PHE D 160 11.57 -11.96 23.23
CA PHE D 160 12.22 -12.12 21.93
C PHE D 160 13.14 -10.95 21.66
N VAL D 161 14.45 -11.17 21.65
CA VAL D 161 15.38 -10.07 21.49
C VAL D 161 15.45 -9.65 20.03
N HIS D 162 15.49 -8.34 19.79
CA HIS D 162 15.54 -7.74 18.44
C HIS D 162 14.28 -8.07 17.64
N SER D 163 13.13 -8.08 18.32
CA SER D 163 11.83 -8.13 17.67
C SER D 163 11.23 -6.74 17.50
N LYS D 164 10.44 -6.60 16.44
CA LYS D 164 9.70 -5.37 16.17
C LYS D 164 8.26 -5.43 16.66
N ARG D 165 7.66 -6.62 16.72
CA ARG D 165 6.26 -6.87 17.10
C ARG D 165 5.99 -8.36 17.22
N SER D 166 5.09 -8.73 18.14
CA SER D 166 4.73 -10.12 18.38
C SER D 166 3.35 -10.16 19.04
N PHE D 167 2.78 -11.38 19.13
CA PHE D 167 1.52 -11.58 19.86
C PHE D 167 1.22 -13.06 20.03
N ILE D 168 0.32 -13.34 20.97
CA ILE D 168 -0.15 -14.69 21.29
C ILE D 168 -1.57 -14.84 20.77
N HIS D 169 -1.86 -15.99 20.14
CA HIS D 169 -3.16 -16.21 19.51
C HIS D 169 -4.23 -16.51 20.56
N ASP D 170 -5.48 -16.10 20.24
CA ASP D 170 -6.53 -16.09 21.26
C ASP D 170 -7.92 -16.47 20.70
N THR D 171 -7.98 -17.29 19.66
CA THR D 171 -9.26 -17.75 19.14
C THR D 171 -9.23 -19.25 18.92
N THR D 172 -10.24 -19.96 19.46
CA THR D 172 -11.40 -19.35 20.11
C THR D 172 -11.21 -18.99 21.57
N THR D 173 -10.03 -19.31 22.09
CA THR D 173 -9.60 -18.92 23.42
C THR D 173 -8.09 -18.89 23.41
N ASP D 174 -7.51 -18.40 24.51
CA ASP D 174 -6.06 -18.25 24.59
C ASP D 174 -5.38 -19.57 24.28
N ASN D 175 -4.41 -19.53 23.36
CA ASN D 175 -3.64 -20.70 22.96
C ASN D 175 -2.56 -20.98 24.02
N VAL D 176 -3.02 -21.43 25.18
CA VAL D 176 -2.16 -21.68 26.33
C VAL D 176 -2.48 -23.04 26.91
N MET D 177 -1.44 -23.76 27.36
CA MET D 177 -1.58 -25.08 27.96
C MET D 177 -0.71 -25.19 29.20
N LEU D 178 -1.26 -25.82 30.24
CA LEU D 178 -0.56 -26.07 31.49
C LEU D 178 -0.79 -27.52 31.91
N ARG D 179 0.31 -28.24 32.16
CA ARG D 179 0.28 -29.62 32.61
C ARG D 179 1.12 -29.72 33.88
N VAL D 180 0.59 -30.38 34.91
CA VAL D 180 1.30 -30.50 36.18
C VAL D 180 1.21 -31.94 36.68
N GLN D 181 2.31 -32.45 37.19
CA GLN D 181 2.57 -33.75 37.78
C GLN D 181 2.44 -33.69 39.30
N PRO D 182 2.11 -34.82 39.97
CA PRO D 182 2.02 -34.81 41.45
C PRO D 182 3.29 -34.29 42.10
N ASP D 183 4.41 -34.34 41.38
CA ASP D 183 5.66 -33.89 41.97
C ASP D 183 5.74 -32.38 42.12
N GLY D 184 5.02 -31.64 41.28
CA GLY D 184 5.24 -30.23 41.11
C GLY D 184 6.06 -29.89 39.88
N LYS D 185 6.32 -30.88 39.02
CA LYS D 185 6.95 -30.64 37.73
C LYS D 185 5.91 -30.09 36.75
N VAL D 186 6.29 -29.03 36.04
CA VAL D 186 5.36 -28.27 35.21
C VAL D 186 5.82 -28.26 33.76
N LEU D 187 4.83 -28.27 32.84
CA LEU D 187 5.03 -28.02 31.42
C LEU D 187 4.08 -26.91 30.99
N TYR D 188 4.60 -25.97 30.20
CA TYR D 188 3.90 -24.72 29.87
C TYR D 188 4.20 -24.38 28.42
N SER D 189 3.16 -24.04 27.65
CA SER D 189 3.23 -24.04 26.19
C SER D 189 2.38 -22.90 25.61
N LEU D 190 2.87 -22.31 24.52
CA LEU D 190 2.27 -21.13 23.90
C LEU D 190 2.34 -21.23 22.39
N ARG D 191 1.45 -20.52 21.68
CA ARG D 191 1.56 -20.37 20.24
C ARG D 191 1.69 -18.88 19.93
N VAL D 192 2.66 -18.49 19.11
CA VAL D 192 3.00 -17.08 18.95
C VAL D 192 3.50 -16.80 17.53
N THR D 193 3.39 -15.53 17.14
CA THR D 193 3.93 -15.00 15.88
C THR D 193 4.86 -13.83 16.22
N VAL D 194 6.03 -13.79 15.57
CA VAL D 194 7.06 -12.80 15.87
C VAL D 194 7.59 -12.22 14.57
N THR D 195 7.83 -10.90 14.56
CA THR D 195 8.57 -10.23 13.50
C THR D 195 9.92 -9.80 14.06
N ALA D 196 11.01 -10.22 13.39
CA ALA D 196 12.35 -10.03 13.92
C ALA D 196 13.26 -9.41 12.88
N MET D 197 14.31 -8.75 13.37
CA MET D 197 15.21 -7.94 12.56
C MET D 197 16.36 -8.79 12.04
N CYS D 198 16.74 -8.56 10.79
CA CYS D 198 17.85 -9.29 10.18
C CYS D 198 18.54 -8.36 9.20
N ASN D 199 19.76 -7.93 9.55
CA ASN D 199 20.51 -7.03 8.68
C ASN D 199 20.96 -7.77 7.43
N MET D 200 20.67 -7.19 6.26
CA MET D 200 20.98 -7.79 4.98
C MET D 200 21.92 -6.89 4.18
N ASP D 201 22.72 -7.51 3.32
CA ASP D 201 23.63 -6.81 2.42
C ASP D 201 23.30 -7.25 0.99
N PHE D 202 22.91 -6.28 0.15
CA PHE D 202 22.42 -6.54 -1.20
C PHE D 202 23.44 -6.18 -2.28
N SER D 203 24.70 -6.00 -1.91
CA SER D 203 25.67 -5.50 -2.89
C SER D 203 26.01 -6.53 -3.96
N ARG D 204 25.78 -7.82 -3.70
CA ARG D 204 25.95 -8.87 -4.69
C ARG D 204 24.64 -9.29 -5.34
N PHE D 205 23.58 -8.51 -5.15
CA PHE D 205 22.29 -8.83 -5.75
C PHE D 205 22.44 -8.99 -7.26
N PRO D 206 21.79 -9.99 -7.88
CA PRO D 206 20.89 -11.02 -7.33
C PRO D 206 21.62 -12.29 -6.90
N LEU D 207 22.94 -12.21 -6.73
CA LEU D 207 23.78 -13.34 -6.37
C LEU D 207 24.13 -13.35 -4.88
N ASP D 208 23.28 -12.79 -4.03
CA ASP D 208 23.50 -12.71 -2.60
C ASP D 208 22.96 -13.93 -1.85
N THR D 209 23.48 -14.10 -0.63
CA THR D 209 23.01 -15.11 0.30
C THR D 209 22.92 -14.46 1.68
N GLN D 210 21.81 -14.68 2.39
CA GLN D 210 21.54 -14.00 3.65
C GLN D 210 21.38 -15.02 4.77
N THR D 211 21.72 -14.61 6.00
CA THR D 211 21.55 -15.50 7.14
C THR D 211 20.92 -14.72 8.29
N CYS D 212 19.87 -15.28 8.88
CA CYS D 212 19.09 -14.63 9.93
C CYS D 212 18.95 -15.55 11.14
N SER D 213 18.47 -14.99 12.23
CA SER D 213 18.31 -15.75 13.47
C SER D 213 17.22 -15.16 14.34
N LEU D 214 16.72 -15.99 15.27
CA LEU D 214 15.75 -15.60 16.28
C LEU D 214 16.36 -15.82 17.66
N GLU D 215 16.22 -14.83 18.54
CA GLU D 215 16.93 -14.81 19.81
C GLU D 215 15.95 -14.79 20.98
N ILE D 216 16.22 -15.62 21.99
CA ILE D 216 15.35 -15.76 23.15
C ILE D 216 16.15 -15.51 24.42
N GLU D 217 15.55 -14.74 25.33
CA GLU D 217 16.18 -14.27 26.57
C GLU D 217 15.14 -14.05 27.65
N SER D 218 15.59 -14.14 28.91
CA SER D 218 14.80 -13.78 30.07
C SER D 218 14.90 -12.28 30.35
N TYR D 219 13.77 -11.66 30.66
CA TYR D 219 13.77 -10.21 30.80
C TYR D 219 14.29 -9.75 32.16
N ALA D 220 13.70 -10.26 33.25
CA ALA D 220 13.93 -9.71 34.57
C ALA D 220 15.09 -10.35 35.33
N TYR D 221 15.24 -11.68 35.24
CA TYR D 221 16.14 -12.41 36.11
C TYR D 221 17.45 -12.69 35.38
N THR D 222 18.56 -12.55 36.11
CA THR D 222 19.91 -12.75 35.60
C THR D 222 20.36 -14.18 35.89
N GLU D 223 21.49 -14.56 35.28
CA GLU D 223 22.02 -15.91 35.41
C GLU D 223 22.29 -16.32 36.85
N ASP D 224 22.16 -15.39 37.80
CA ASP D 224 22.28 -15.69 39.22
C ASP D 224 20.96 -16.13 39.82
N ASP D 225 19.86 -15.97 39.09
CA ASP D 225 18.53 -16.35 39.52
C ASP D 225 17.86 -17.36 38.61
N LEU D 226 18.17 -17.37 37.31
CA LEU D 226 17.52 -18.27 36.37
C LEU D 226 18.55 -18.80 35.38
N MET D 227 18.56 -20.11 35.19
CA MET D 227 19.46 -20.79 34.27
C MET D 227 18.66 -21.31 33.09
N LEU D 228 19.01 -20.89 31.88
CA LEU D 228 18.23 -21.14 30.68
C LEU D 228 19.06 -21.99 29.72
N TYR D 229 18.47 -23.09 29.23
CA TYR D 229 19.18 -24.03 28.38
C TYR D 229 18.20 -24.79 27.49
N TRP D 230 18.72 -25.33 26.38
CA TRP D 230 17.94 -26.19 25.50
C TRP D 230 17.71 -27.54 26.17
N LYS D 231 16.45 -28.00 26.19
CA LYS D 231 16.07 -29.14 27.01
C LYS D 231 16.72 -30.45 26.54
N LYS D 232 17.03 -30.57 25.26
CA LYS D 232 17.61 -31.80 24.73
C LYS D 232 18.77 -31.52 23.78
N GLY D 233 19.52 -30.46 24.04
CA GLY D 233 20.66 -30.15 23.19
C GLY D 233 20.24 -29.87 21.76
N ASN D 234 20.86 -30.57 20.82
CA ASN D 234 20.61 -30.31 19.41
C ASN D 234 19.23 -30.80 18.96
N ASP D 235 18.57 -31.65 19.74
CA ASP D 235 17.29 -32.23 19.36
C ASP D 235 16.07 -31.40 19.77
N SER D 236 16.28 -30.20 20.30
CA SER D 236 15.21 -29.37 20.85
C SER D 236 14.59 -28.42 19.82
N LEU D 237 14.93 -28.54 18.53
CA LEU D 237 14.25 -27.83 17.48
C LEU D 237 13.61 -28.79 16.50
N LYS D 238 12.31 -28.61 16.26
CA LYS D 238 11.59 -29.34 15.23
C LYS D 238 11.06 -28.34 14.21
N THR D 239 10.95 -28.78 12.96
CA THR D 239 10.53 -27.89 11.89
C THR D 239 9.48 -28.59 11.03
N ASP D 240 8.47 -27.83 10.59
CA ASP D 240 7.34 -28.43 9.89
C ASP D 240 7.70 -28.79 8.45
N GLU D 241 6.95 -29.74 7.90
CA GLU D 241 7.28 -30.33 6.61
C GLU D 241 6.89 -29.45 5.42
N ARG D 242 5.88 -28.58 5.58
CA ARG D 242 5.32 -27.84 4.45
C ARG D 242 5.71 -26.36 4.47
N ILE D 243 6.95 -26.04 4.89
CA ILE D 243 7.44 -24.67 4.94
C ILE D 243 8.05 -24.29 3.61
N SER D 244 7.76 -23.08 3.14
CA SER D 244 8.19 -22.61 1.83
C SER D 244 7.87 -21.13 1.69
N LEU D 245 8.54 -20.49 0.74
CA LEU D 245 8.36 -19.08 0.42
C LEU D 245 8.25 -18.92 -1.08
N SER D 246 7.48 -17.93 -1.53
CA SER D 246 7.31 -17.74 -2.97
C SER D 246 8.47 -17.00 -3.62
N GLN D 247 9.55 -16.72 -2.90
CA GLN D 247 10.59 -15.86 -3.44
C GLN D 247 11.99 -16.29 -2.99
N PHE D 248 12.12 -17.40 -2.28
CA PHE D 248 13.35 -17.69 -1.54
C PHE D 248 13.46 -19.20 -1.34
N LEU D 249 14.68 -19.67 -1.07
CA LEU D 249 14.87 -21.07 -0.71
C LEU D 249 15.53 -21.13 0.66
N ILE D 250 14.99 -21.98 1.54
CA ILE D 250 15.37 -22.02 2.95
C ILE D 250 16.18 -23.27 3.22
N GLN D 251 17.26 -23.13 3.99
CA GLN D 251 18.11 -24.25 4.33
C GLN D 251 18.88 -23.96 5.63
N GLU D 252 19.32 -25.04 6.27
CA GLU D 252 20.33 -25.03 7.34
C GLU D 252 19.87 -24.56 8.72
N PHE D 253 18.80 -25.16 9.25
CA PHE D 253 18.30 -24.82 10.59
C PHE D 253 19.17 -25.46 11.67
N HIS D 254 19.70 -24.66 12.60
CA HIS D 254 20.37 -25.18 13.79
C HIS D 254 20.32 -24.17 14.94
N THR D 255 20.64 -24.64 16.14
CA THR D 255 20.54 -23.85 17.37
C THR D 255 21.89 -23.69 18.06
N THR D 256 22.01 -22.64 18.87
CA THR D 256 23.21 -22.42 19.68
C THR D 256 22.87 -21.51 20.87
N THR D 257 23.91 -21.19 21.68
CA THR D 257 23.74 -20.43 22.92
C THR D 257 24.87 -19.43 23.09
N LYS D 258 24.61 -18.35 23.87
CA LYS D 258 25.62 -17.33 24.17
C LYS D 258 25.24 -16.58 25.44
N LEU D 259 26.26 -16.04 26.11
CA LEU D 259 26.12 -15.28 27.36
C LEU D 259 26.29 -13.78 27.08
N ALA D 260 25.34 -12.97 27.55
CA ALA D 260 25.24 -11.56 27.13
C ALA D 260 25.18 -10.61 28.33
N PHE D 261 25.59 -9.36 28.10
CA PHE D 261 25.88 -8.40 29.16
C PHE D 261 25.20 -7.06 28.88
N TYR D 262 24.48 -6.54 29.86
CA TYR D 262 23.99 -5.16 29.85
C TYR D 262 24.69 -4.39 30.97
N SER D 263 25.04 -3.13 30.67
CA SER D 263 25.94 -2.38 31.53
C SER D 263 25.25 -1.95 32.83
N SER D 264 23.96 -1.64 32.76
CA SER D 264 23.19 -1.19 33.91
C SER D 264 22.48 -2.31 34.66
N THR D 265 22.52 -3.56 34.17
CA THR D 265 21.64 -4.58 34.75
C THR D 265 22.28 -5.95 34.98
N GLY D 266 23.20 -6.42 34.14
CA GLY D 266 23.91 -7.64 34.51
C GLY D 266 24.13 -8.57 33.32
N TRP D 267 24.30 -9.85 33.64
CA TRP D 267 24.57 -10.93 32.69
C TRP D 267 23.35 -11.83 32.52
N TYR D 268 23.10 -12.27 31.28
CA TYR D 268 21.98 -13.16 30.99
C TYR D 268 22.40 -14.23 29.99
N ASN D 269 21.61 -15.30 29.95
CA ASN D 269 21.77 -16.41 29.02
C ASN D 269 20.86 -16.21 27.82
N ARG D 270 21.36 -16.55 26.63
CA ARG D 270 20.60 -16.31 25.41
C ARG D 270 20.65 -17.51 24.48
N LEU D 271 19.50 -17.86 23.90
CA LEU D 271 19.40 -18.96 22.96
C LEU D 271 19.13 -18.43 21.56
N TYR D 272 19.59 -19.18 20.54
CA TYR D 272 19.54 -18.76 19.14
C TYR D 272 18.99 -19.87 18.26
N ILE D 273 18.25 -19.47 17.22
CA ILE D 273 17.88 -20.33 16.09
C ILE D 273 18.37 -19.66 14.82
N ASN D 274 19.10 -20.39 13.99
CA ASN D 274 19.75 -19.83 12.81
C ASN D 274 19.26 -20.52 11.54
N PHE D 275 19.28 -19.78 10.42
CA PHE D 275 18.96 -20.36 9.11
C PHE D 275 19.48 -19.47 7.99
N THR D 276 19.49 -20.02 6.78
CA THR D 276 20.07 -19.42 5.59
C THR D 276 19.02 -19.28 4.49
N LEU D 277 19.24 -18.31 3.58
CA LEU D 277 18.31 -17.98 2.51
C LEU D 277 19.05 -17.79 1.18
N ARG D 278 18.40 -18.17 0.08
CA ARG D 278 18.99 -18.07 -1.26
C ARG D 278 17.89 -17.81 -2.30
N ARG D 279 18.28 -17.38 -3.50
CA ARG D 279 17.32 -17.03 -4.55
C ARG D 279 17.33 -18.02 -5.71
N HIS D 280 16.42 -17.77 -6.65
CA HIS D 280 16.33 -18.47 -7.93
C HIS D 280 17.05 -17.63 -8.99
N ILE D 281 18.24 -18.04 -9.42
CA ILE D 281 19.09 -17.13 -10.19
C ILE D 281 18.68 -17.08 -11.66
N PHE D 282 18.07 -18.14 -12.19
CA PHE D 282 17.80 -18.18 -13.62
C PHE D 282 16.68 -17.21 -13.98
N PHE D 283 15.70 -17.04 -13.08
CA PHE D 283 14.66 -16.03 -13.25
C PHE D 283 15.28 -14.66 -13.52
N PHE D 284 16.20 -14.25 -12.66
CA PHE D 284 16.80 -12.93 -12.72
C PHE D 284 17.68 -12.79 -13.97
N LEU D 285 18.38 -13.87 -14.33
CA LEU D 285 19.15 -13.86 -15.57
C LEU D 285 18.23 -13.56 -16.76
N LEU D 286 17.18 -14.37 -16.94
CA LEU D 286 16.28 -14.22 -18.08
C LEU D 286 15.63 -12.85 -18.10
N GLN D 287 15.31 -12.32 -16.92
CA GLN D 287 14.56 -11.07 -16.90
C GLN D 287 15.46 -9.84 -17.09
N THR D 288 16.72 -9.90 -16.65
CA THR D 288 17.57 -8.71 -16.64
C THR D 288 18.78 -8.80 -17.57
N TYR D 289 19.58 -9.87 -17.51
CA TYR D 289 20.85 -9.87 -18.24
C TYR D 289 20.68 -10.18 -19.71
N PHE D 290 19.59 -10.88 -20.06
CA PHE D 290 19.44 -11.42 -21.41
C PHE D 290 19.04 -10.34 -22.41
N PRO D 291 17.96 -9.58 -22.20
CA PRO D 291 17.62 -8.45 -23.10
C PRO D 291 18.75 -7.45 -23.35
N ALA D 292 19.49 -7.07 -22.32
CA ALA D 292 20.55 -6.08 -22.49
C ALA D 292 21.64 -6.61 -23.41
N THR D 293 21.96 -7.88 -23.28
CA THR D 293 22.98 -8.52 -24.10
C THR D 293 22.52 -8.54 -25.54
N LEU D 294 21.26 -8.90 -25.76
CA LEU D 294 20.72 -8.90 -27.12
C LEU D 294 20.79 -7.50 -27.74
N MET D 295 20.52 -6.47 -26.94
CA MET D 295 20.56 -5.10 -27.45
C MET D 295 21.98 -4.70 -27.86
N VAL D 296 22.97 -5.03 -27.02
CA VAL D 296 24.35 -4.74 -27.41
C VAL D 296 24.70 -5.47 -28.71
N MET D 297 24.19 -6.69 -28.88
CA MET D 297 24.49 -7.43 -30.11
C MET D 297 23.82 -6.79 -31.31
N LEU D 298 22.67 -6.16 -31.09
CA LEU D 298 21.95 -5.47 -32.16
C LEU D 298 22.68 -4.22 -32.62
N SER D 299 23.40 -3.58 -31.70
CA SER D 299 24.13 -2.35 -32.05
C SER D 299 25.32 -2.59 -32.97
N TRP D 300 25.79 -3.83 -33.07
CA TRP D 300 26.96 -4.19 -33.86
C TRP D 300 26.63 -4.47 -35.33
N VAL D 301 25.35 -4.65 -35.64
CA VAL D 301 24.86 -4.85 -37.00
C VAL D 301 25.17 -3.61 -37.85
N SER D 302 25.34 -2.46 -37.22
CA SER D 302 25.49 -1.22 -37.97
C SER D 302 26.80 -1.20 -38.76
N PHE D 303 27.83 -1.87 -38.25
CA PHE D 303 29.14 -1.88 -38.90
C PHE D 303 29.14 -2.57 -40.25
N TRP D 304 28.09 -3.30 -40.60
CA TRP D 304 28.04 -4.05 -41.84
C TRP D 304 27.14 -3.43 -42.89
N ILE D 305 26.47 -2.33 -42.57
CA ILE D 305 25.62 -1.61 -43.52
C ILE D 305 26.47 -0.56 -44.23
N ASP D 306 26.08 -0.26 -45.47
CA ASP D 306 26.84 0.61 -46.35
C ASP D 306 26.84 2.04 -45.82
N ARG D 307 28.04 2.59 -45.62
CA ARG D 307 28.21 3.94 -45.08
C ARG D 307 27.53 4.99 -45.95
N ARG D 308 27.24 4.68 -47.21
CA ARG D 308 26.54 5.59 -48.10
C ARG D 308 25.08 5.77 -47.70
N ALA D 309 24.52 4.84 -46.93
CA ALA D 309 23.10 4.88 -46.57
C ALA D 309 22.91 5.62 -45.25
N VAL D 310 22.99 6.95 -45.32
CA VAL D 310 22.88 7.77 -44.11
C VAL D 310 21.49 7.68 -43.48
N PRO D 311 20.38 7.84 -44.23
CA PRO D 311 19.07 7.72 -43.59
C PRO D 311 18.76 6.32 -43.05
N ALA D 312 19.64 5.35 -43.22
CA ALA D 312 19.46 4.00 -42.68
C ALA D 312 20.35 3.74 -41.48
N ARG D 313 21.52 4.36 -41.41
CA ARG D 313 22.43 4.10 -40.32
C ARG D 313 22.22 5.09 -39.19
N VAL D 314 21.68 6.28 -39.47
CA VAL D 314 21.45 7.25 -38.40
C VAL D 314 20.26 6.87 -37.51
N PRO D 315 19.07 6.54 -38.03
CA PRO D 315 17.97 6.23 -37.09
C PRO D 315 18.19 4.95 -36.30
N LEU D 316 18.97 4.00 -36.82
CA LEU D 316 19.13 2.71 -36.15
C LEU D 316 19.74 2.90 -34.77
N GLY D 317 20.80 3.72 -34.69
CA GLY D 317 21.52 3.88 -33.45
C GLY D 317 20.69 4.55 -32.36
N ILE D 318 19.99 5.63 -32.73
CA ILE D 318 19.27 6.41 -31.74
C ILE D 318 18.04 5.66 -31.29
N THR D 319 17.42 4.87 -32.19
CA THR D 319 16.34 4.00 -31.73
C THR D 319 16.85 2.92 -30.78
N THR D 320 18.08 2.44 -31.00
CA THR D 320 18.64 1.43 -30.10
C THR D 320 18.89 2.02 -28.72
N VAL D 321 19.35 3.27 -28.67
CA VAL D 321 19.50 3.98 -27.40
C VAL D 321 18.15 4.06 -26.69
N LEU D 322 17.09 4.37 -27.45
CA LEU D 322 15.77 4.50 -26.85
C LEU D 322 15.33 3.19 -26.21
N THR D 323 15.47 2.09 -26.95
CA THR D 323 15.12 0.77 -26.44
C THR D 323 15.87 0.44 -25.15
N MET D 324 17.19 0.67 -25.13
CA MET D 324 17.95 0.33 -23.93
C MET D 324 17.54 1.18 -22.73
N SER D 325 17.21 2.46 -22.96
CA SER D 325 16.75 3.30 -21.86
C SER D 325 15.42 2.80 -21.31
N THR D 326 14.49 2.42 -22.20
CA THR D 326 13.24 1.82 -21.75
C THR D 326 13.49 0.60 -20.86
N ILE D 327 14.43 -0.26 -21.28
CA ILE D 327 14.67 -1.49 -20.52
C ILE D 327 15.18 -1.17 -19.12
N ILE D 328 16.14 -0.24 -19.05
CA ILE D 328 16.74 0.09 -17.76
C ILE D 328 15.71 0.70 -16.82
N THR D 329 14.86 1.58 -17.35
CA THR D 329 13.81 2.20 -16.54
C THR D 329 12.82 1.15 -16.02
N GLY D 330 12.45 0.20 -16.87
CA GLY D 330 11.61 -0.90 -16.44
C GLY D 330 12.18 -1.65 -15.26
N VAL D 331 13.50 -1.91 -15.29
CA VAL D 331 14.09 -2.65 -14.18
C VAL D 331 14.14 -1.77 -12.94
N ASN D 332 14.29 -0.46 -13.12
CA ASN D 332 14.42 0.42 -11.97
C ASN D 332 13.10 0.58 -11.21
N ALA D 333 11.98 0.44 -11.92
CA ALA D 333 10.65 0.64 -11.32
C ALA D 333 10.15 -0.55 -10.51
N SER D 334 10.89 -1.66 -10.39
CA SER D 334 10.38 -2.84 -9.71
C SER D 334 11.37 -3.40 -8.69
N MET D 335 12.53 -2.79 -8.54
CA MET D 335 13.52 -3.16 -7.57
C MET D 335 13.08 -2.78 -6.16
N PRO D 336 13.64 -3.42 -5.11
CA PRO D 336 13.15 -3.13 -3.75
C PRO D 336 13.64 -1.84 -3.08
N ARG D 337 14.04 -0.83 -3.85
CA ARG D 337 14.24 0.54 -3.34
C ARG D 337 15.26 0.63 -2.20
N VAL D 338 16.38 -0.07 -2.31
CA VAL D 338 17.51 0.15 -1.43
C VAL D 338 18.54 0.99 -2.18
N SER D 339 19.01 2.07 -1.56
CA SER D 339 19.65 3.16 -2.29
C SER D 339 21.18 3.08 -2.21
N TYR D 340 21.73 1.98 -2.73
CA TYR D 340 23.15 1.91 -3.00
C TYR D 340 23.38 0.97 -4.19
N ILE D 341 24.61 0.97 -4.69
CA ILE D 341 24.89 0.39 -6.00
C ILE D 341 25.11 -1.11 -5.86
N LYS D 342 24.47 -1.87 -6.74
CA LYS D 342 24.48 -3.32 -6.68
C LYS D 342 25.02 -3.92 -7.99
N ALA D 343 25.33 -5.22 -7.90
CA ALA D 343 26.05 -5.96 -8.95
C ALA D 343 25.41 -5.81 -10.33
N VAL D 344 24.09 -5.72 -10.38
CA VAL D 344 23.34 -5.75 -11.64
C VAL D 344 23.33 -4.37 -12.29
N ASP D 345 23.30 -3.31 -11.46
CA ASP D 345 23.41 -1.95 -11.94
C ASP D 345 24.63 -1.77 -12.85
N ILE D 346 25.76 -2.34 -12.45
CA ILE D 346 27.01 -2.17 -13.18
C ILE D 346 26.88 -2.74 -14.60
N TYR D 347 26.37 -3.96 -14.70
CA TYR D 347 26.15 -4.59 -16.01
C TYR D 347 25.28 -3.71 -16.89
N LEU D 348 24.15 -3.24 -16.33
CA LEU D 348 23.23 -2.48 -17.17
C LEU D 348 23.87 -1.20 -17.70
N TRP D 349 24.57 -0.46 -16.84
CA TRP D 349 25.10 0.82 -17.30
C TRP D 349 26.32 0.64 -18.24
N VAL D 350 27.09 -0.44 -18.07
CA VAL D 350 28.17 -0.69 -19.02
C VAL D 350 27.59 -1.01 -20.41
N SER D 351 26.51 -1.78 -20.45
CA SER D 351 25.86 -2.03 -21.74
C SER D 351 25.40 -0.71 -22.37
N PHE D 352 24.89 0.20 -21.53
CA PHE D 352 24.46 1.50 -22.05
C PHE D 352 25.61 2.24 -22.72
N VAL D 353 26.78 2.23 -22.09
CA VAL D 353 27.93 2.92 -22.67
C VAL D 353 28.35 2.29 -23.99
N PHE D 354 28.29 0.96 -24.10
CA PHE D 354 28.64 0.34 -25.38
C PHE D 354 27.72 0.82 -26.51
N VAL D 355 26.40 0.81 -26.25
CA VAL D 355 25.48 1.31 -27.27
C VAL D 355 25.77 2.77 -27.64
N PHE D 356 26.17 3.58 -26.66
CA PHE D 356 26.44 5.00 -26.91
C PHE D 356 27.67 5.19 -27.81
N LEU D 357 28.73 4.43 -27.53
CA LEU D 357 29.92 4.47 -28.37
C LEU D 357 29.60 4.12 -29.82
N SER D 358 28.72 3.14 -30.03
CA SER D 358 28.39 2.74 -31.40
C SER D 358 27.83 3.90 -32.21
N VAL D 359 27.22 4.88 -31.55
CA VAL D 359 26.56 5.99 -32.21
C VAL D 359 27.57 7.10 -32.49
N LEU D 360 28.57 7.27 -31.62
CA LEU D 360 29.64 8.21 -31.98
C LEU D 360 30.47 7.71 -33.17
N GLU D 361 30.58 6.38 -33.31
CA GLU D 361 31.45 5.79 -34.33
C GLU D 361 31.05 6.22 -35.75
N TYR D 362 29.78 6.09 -36.08
CA TYR D 362 29.36 6.40 -37.44
C TYR D 362 29.46 7.88 -37.74
N ALA D 363 29.31 8.74 -36.71
CA ALA D 363 29.54 10.15 -36.90
C ALA D 363 30.97 10.40 -37.37
N ALA D 364 31.94 9.77 -36.70
CA ALA D 364 33.32 9.79 -37.18
C ALA D 364 33.41 9.49 -38.68
N VAL D 365 32.80 8.38 -39.08
CA VAL D 365 32.92 7.87 -40.45
C VAL D 365 32.29 8.83 -41.45
N ASN D 366 31.07 9.29 -41.15
CA ASN D 366 30.35 10.21 -42.02
C ASN D 366 31.14 11.49 -42.24
N TYR D 367 31.62 12.10 -41.15
CA TYR D 367 32.36 13.35 -41.26
C TYR D 367 33.60 13.18 -42.13
N LEU D 368 34.35 12.10 -41.90
CA LEU D 368 35.60 11.92 -42.64
C LEU D 368 35.34 11.68 -44.12
N THR D 369 34.32 10.87 -44.44
CA THR D 369 33.94 10.71 -45.85
C THR D 369 33.59 12.05 -46.48
N THR D 370 32.88 12.91 -45.74
CA THR D 370 32.35 14.13 -46.35
C THR D 370 33.49 15.10 -46.67
N VAL D 371 34.40 15.28 -45.73
CA VAL D 371 35.59 16.11 -45.97
C VAL D 371 36.43 15.53 -47.10
N GLN D 372 36.45 14.20 -47.27
CA GLN D 372 37.19 13.67 -48.42
C GLN D 372 36.54 14.06 -49.74
N GLU D 373 35.21 13.99 -49.83
CA GLU D 373 34.51 14.45 -51.03
C GLU D 373 34.87 15.89 -51.35
N ARG D 374 34.76 16.76 -50.35
CA ARG D 374 35.16 18.18 -50.46
C ARG D 374 36.60 18.32 -50.91
N LYS D 375 37.51 17.49 -50.40
CA LYS D 375 38.92 17.61 -50.74
C LYS D 375 39.19 17.25 -52.19
N GLU D 376 38.58 16.17 -52.68
CA GLU D 376 38.79 15.78 -54.06
C GLU D 376 38.14 16.78 -55.02
N GLN D 377 36.95 17.25 -54.70
CA GLN D 377 36.26 18.25 -55.52
C GLN D 377 36.84 19.64 -55.25
N ASP D 451 34.11 0.81 -51.13
CA ASP D 451 35.22 0.38 -50.29
C ASP D 451 34.82 0.63 -48.84
N THR D 452 35.15 -0.33 -47.97
CA THR D 452 34.81 -0.21 -46.56
C THR D 452 35.77 0.73 -45.85
N HIS D 453 35.23 1.59 -44.97
CA HIS D 453 36.10 2.51 -44.25
C HIS D 453 36.96 1.75 -43.23
N ALA D 454 38.13 2.31 -42.93
CA ALA D 454 39.05 1.67 -42.00
C ALA D 454 38.43 1.52 -40.62
N ILE D 455 37.71 2.54 -40.17
CA ILE D 455 37.11 2.50 -38.85
C ILE D 455 35.96 1.50 -38.78
N ASP D 456 35.27 1.26 -39.89
CA ASP D 456 34.27 0.20 -39.91
C ASP D 456 34.90 -1.18 -39.71
N LYS D 457 35.90 -1.50 -40.54
CA LYS D 457 36.49 -2.83 -40.51
C LYS D 457 37.35 -3.06 -39.27
N TYR D 458 37.75 -2.00 -38.56
CA TYR D 458 38.35 -2.23 -37.26
C TYR D 458 37.30 -2.44 -36.19
N SER D 459 36.20 -1.67 -36.24
CA SER D 459 35.16 -1.80 -35.23
C SER D 459 34.58 -3.20 -35.21
N ARG D 460 34.38 -3.80 -36.40
CA ARG D 460 33.85 -5.15 -36.51
C ARG D 460 34.66 -6.16 -35.68
N ILE D 461 35.95 -5.90 -35.45
CA ILE D 461 36.71 -6.75 -34.54
C ILE D 461 36.70 -6.21 -33.12
N ILE D 462 36.91 -4.90 -32.95
CA ILE D 462 37.27 -4.40 -31.63
C ILE D 462 36.08 -4.47 -30.67
N PHE D 463 34.88 -4.09 -31.13
CA PHE D 463 33.77 -4.00 -30.18
C PHE D 463 33.46 -5.34 -29.49
N PRO D 464 33.22 -6.44 -30.23
CA PRO D 464 32.88 -7.69 -29.54
C PRO D 464 33.97 -8.18 -28.59
N ALA D 465 35.24 -8.00 -28.96
CA ALA D 465 36.34 -8.48 -28.10
C ALA D 465 36.35 -7.75 -26.77
N ALA D 466 36.07 -6.45 -26.78
CA ALA D 466 36.02 -5.70 -25.52
C ALA D 466 34.85 -6.18 -24.67
N TYR D 467 33.71 -6.47 -25.31
CA TYR D 467 32.58 -6.95 -24.52
C TYR D 467 32.88 -8.30 -23.89
N ILE D 468 33.61 -9.16 -24.63
CA ILE D 468 33.98 -10.47 -24.10
C ILE D 468 34.93 -10.32 -22.92
N LEU D 469 35.87 -9.37 -23.01
CA LEU D 469 36.77 -9.10 -21.88
C LEU D 469 35.99 -8.62 -20.66
N PHE D 470 35.03 -7.71 -20.89
CA PHE D 470 34.20 -7.22 -19.79
C PHE D 470 33.50 -8.37 -19.08
N ASN D 471 32.91 -9.28 -19.86
CA ASN D 471 32.17 -10.37 -19.24
C ASN D 471 33.09 -11.28 -18.44
N LEU D 472 34.28 -11.57 -18.97
CA LEU D 472 35.23 -12.40 -18.24
C LEU D 472 35.56 -11.79 -16.87
N ILE D 473 35.91 -10.51 -16.85
CA ILE D 473 36.28 -9.89 -15.58
C ILE D 473 35.09 -9.85 -14.63
N TYR D 474 33.92 -9.43 -15.14
CA TYR D 474 32.73 -9.29 -14.30
C TYR D 474 32.39 -10.61 -13.63
N TRP D 475 32.32 -11.70 -14.40
CA TRP D 475 32.01 -12.97 -13.75
C TRP D 475 33.20 -13.58 -13.02
N SER D 476 34.40 -13.02 -13.15
CA SER D 476 35.46 -13.45 -12.24
C SER D 476 35.30 -12.81 -10.86
N ILE D 477 34.65 -11.65 -10.80
CA ILE D 477 34.51 -10.89 -9.56
C ILE D 477 33.31 -11.38 -8.77
N PHE D 478 32.18 -11.60 -9.45
CA PHE D 478 30.95 -12.00 -8.79
C PHE D 478 30.68 -13.51 -8.87
N SER D 479 31.40 -14.23 -9.72
CA SER D 479 31.39 -15.70 -9.73
C SER D 479 30.00 -16.31 -9.88
N ASP E 85 -1.32 5.90 51.15
CA ASP E 85 -2.01 6.19 49.90
C ASP E 85 -1.02 6.32 48.76
N PHE E 86 -0.87 5.26 47.98
CA PHE E 86 0.01 5.39 46.82
C PHE E 86 -0.64 6.15 45.68
N SER E 87 -1.64 6.96 45.97
CA SER E 87 -2.20 7.89 44.99
C SER E 87 -1.58 9.26 45.12
N MET E 88 -0.51 9.38 45.93
CA MET E 88 0.21 10.61 46.15
C MET E 88 1.70 10.31 46.05
N ARG E 89 2.45 11.30 45.58
CA ARG E 89 3.88 11.12 45.37
C ARG E 89 4.63 11.13 46.69
N PRO E 90 5.87 10.60 46.70
CA PRO E 90 6.75 10.83 47.85
C PRO E 90 6.92 12.32 48.12
N GLY E 91 6.99 12.68 49.39
CA GLY E 91 7.03 14.09 49.78
C GLY E 91 5.89 14.92 49.23
N PHE E 92 4.67 14.43 49.33
CA PHE E 92 3.51 15.11 48.76
C PHE E 92 3.15 16.30 49.64
N GLY E 93 3.16 17.49 49.05
CA GLY E 93 2.98 18.73 49.76
C GLY E 93 4.26 19.39 50.23
N GLY E 94 5.40 18.72 50.10
CA GLY E 94 6.68 19.33 50.35
C GLY E 94 7.49 19.53 49.09
N PRO E 95 8.81 19.50 49.19
CA PRO E 95 9.63 19.80 48.01
C PRO E 95 9.54 18.70 46.95
N ALA E 96 10.29 18.90 45.85
CA ALA E 96 10.14 18.10 44.65
C ALA E 96 10.95 16.82 44.71
N ILE E 97 10.48 15.79 44.00
CA ILE E 97 11.22 14.52 44.04
C ILE E 97 12.22 14.47 42.89
N PRO E 98 13.49 14.18 43.16
CA PRO E 98 14.46 13.97 42.06
C PRO E 98 14.30 12.59 41.43
N VAL E 99 14.22 12.56 40.11
CA VAL E 99 14.09 11.32 39.34
C VAL E 99 15.13 11.34 38.22
N GLY E 100 15.86 10.24 38.07
CA GLY E 100 16.99 10.18 37.13
C GLY E 100 16.79 9.12 36.06
N VAL E 101 17.17 9.47 34.83
CA VAL E 101 16.83 8.71 33.61
C VAL E 101 18.09 8.14 32.96
N ASP E 102 17.96 6.93 32.42
CA ASP E 102 19.01 6.23 31.67
C ASP E 102 18.37 5.51 30.48
N VAL E 103 19.06 5.53 29.33
CA VAL E 103 18.48 5.03 28.08
C VAL E 103 19.51 4.22 27.29
N GLN E 104 19.04 3.17 26.60
CA GLN E 104 19.83 2.39 25.66
C GLN E 104 19.00 2.13 24.41
N VAL E 105 19.57 2.42 23.24
CA VAL E 105 18.85 2.36 21.98
C VAL E 105 19.05 1.00 21.30
N GLU E 106 17.95 0.35 20.92
CA GLU E 106 18.06 -0.97 20.29
C GLU E 106 18.19 -0.87 18.77
N SER E 107 17.31 -0.12 18.12
CA SER E 107 17.28 -0.01 16.67
C SER E 107 16.52 1.24 16.28
N LEU E 108 16.88 1.80 15.13
CA LEU E 108 15.97 2.61 14.33
C LEU E 108 15.33 1.67 13.31
N ASP E 109 14.02 1.75 13.16
CA ASP E 109 13.25 0.74 12.46
C ASP E 109 12.78 1.14 11.07
N SER E 110 12.40 2.41 10.87
CA SER E 110 11.94 2.87 9.57
C SER E 110 11.93 4.39 9.56
N ILE E 111 11.81 4.95 8.36
CA ILE E 111 11.76 6.39 8.15
C ILE E 111 10.75 6.69 7.04
N SER E 112 9.95 7.75 7.23
CA SER E 112 9.06 8.22 6.18
C SER E 112 9.46 9.64 5.80
N GLU E 113 9.78 9.83 4.52
CA GLU E 113 10.09 11.17 4.01
C GLU E 113 8.82 11.95 3.67
N VAL E 114 7.76 11.25 3.25
CA VAL E 114 6.49 11.91 2.95
C VAL E 114 5.85 12.44 4.22
N ASP E 115 5.80 11.61 5.26
CA ASP E 115 5.13 11.96 6.49
C ASP E 115 6.06 12.64 7.49
N MET E 116 7.36 12.61 7.25
CA MET E 116 8.34 13.33 8.06
C MET E 116 8.36 12.80 9.50
N ASP E 117 8.72 11.52 9.64
CA ASP E 117 8.81 10.86 10.95
C ASP E 117 9.77 9.68 10.88
N PHE E 118 10.14 9.18 12.05
CA PHE E 118 10.97 7.98 12.18
C PHE E 118 10.46 7.11 13.32
N THR E 119 10.89 5.84 13.31
CA THR E 119 10.49 4.88 14.32
C THR E 119 11.72 4.31 15.01
N MET E 120 11.66 4.18 16.34
CA MET E 120 12.81 3.79 17.15
C MET E 120 12.34 2.85 18.26
N THR E 121 13.23 1.96 18.70
CA THR E 121 12.93 0.99 19.76
C THR E 121 14.03 1.06 20.82
N LEU E 122 13.65 1.10 22.10
CA LEU E 122 14.64 1.40 23.13
C LEU E 122 14.27 0.76 24.47
N TYR E 123 15.23 0.77 25.39
CA TYR E 123 15.00 0.51 26.82
C TYR E 123 15.09 1.84 27.57
N LEU E 124 14.21 2.02 28.55
CA LEU E 124 14.11 3.25 29.34
C LEU E 124 14.10 2.89 30.82
N ARG E 125 14.94 3.57 31.60
CA ARG E 125 15.15 3.22 33.00
C ARG E 125 15.00 4.43 33.91
N HIS E 126 14.43 4.22 35.09
CA HIS E 126 14.14 5.28 36.05
C HIS E 126 14.71 4.93 37.42
N TYR E 127 15.08 5.96 38.19
CA TYR E 127 15.63 5.77 39.54
C TYR E 127 15.03 6.80 40.49
N TRP E 128 14.60 6.34 41.68
CA TRP E 128 14.16 7.24 42.74
C TRP E 128 14.13 6.47 44.06
N LYS E 129 13.88 7.21 45.14
CA LYS E 129 13.81 6.67 46.49
C LYS E 129 12.43 6.92 47.10
N ASP E 130 11.86 5.90 47.75
CA ASP E 130 10.53 5.99 48.36
C ASP E 130 10.56 5.14 49.63
N GLU E 131 10.66 5.80 50.80
CA GLU E 131 10.82 5.09 52.06
C GLU E 131 9.61 4.22 52.40
N ARG E 132 8.45 4.50 51.82
CA ARG E 132 7.28 3.65 52.01
C ARG E 132 7.53 2.22 51.54
N LEU E 133 8.55 2.02 50.70
CA LEU E 133 8.87 0.71 50.12
C LEU E 133 9.98 -0.02 50.85
N SER E 134 10.47 0.52 51.96
CA SER E 134 11.62 -0.05 52.65
C SER E 134 11.24 -1.28 53.45
N PHE E 135 12.17 -2.23 53.55
CA PHE E 135 11.85 -3.52 54.17
C PHE E 135 13.02 -4.01 55.01
N PRO E 136 12.73 -4.72 56.11
CA PRO E 136 13.80 -5.12 57.03
C PRO E 136 14.59 -6.34 56.58
N SER E 137 15.69 -6.16 55.86
CA SER E 137 16.57 -7.27 55.55
C SER E 137 18.03 -6.84 55.64
N THR E 138 18.89 -7.79 56.04
CA THR E 138 20.31 -7.55 56.27
C THR E 138 21.14 -7.64 55.01
N ASN E 139 20.56 -8.08 53.88
CA ASN E 139 21.36 -8.51 52.74
C ASN E 139 22.11 -7.36 52.06
N ASN E 140 21.58 -6.13 52.15
CA ASN E 140 22.16 -4.98 51.45
C ASN E 140 22.18 -5.20 49.94
N LEU E 141 21.16 -5.88 49.44
CA LEU E 141 21.11 -6.25 48.02
C LEU E 141 19.68 -6.12 47.52
N SER E 142 19.56 -5.84 46.23
CA SER E 142 18.25 -5.59 45.63
C SER E 142 17.51 -6.89 45.38
N MET E 143 16.18 -6.78 45.35
CA MET E 143 15.28 -7.91 45.11
C MET E 143 14.44 -7.62 43.88
N THR E 144 14.31 -8.60 43.00
CA THR E 144 13.59 -8.43 41.75
C THR E 144 12.13 -8.86 41.93
N PHE E 145 11.21 -8.03 41.44
CA PHE E 145 9.79 -8.32 41.52
C PHE E 145 9.17 -8.26 40.12
N ASP E 146 8.11 -9.03 39.94
CA ASP E 146 7.31 -9.07 38.73
C ASP E 146 6.57 -7.76 38.53
N GLY E 147 6.01 -7.59 37.33
CA GLY E 147 5.33 -6.36 37.02
C GLY E 147 3.93 -6.24 37.58
N ARG E 148 3.49 -7.23 38.37
CA ARG E 148 2.17 -7.13 39.00
C ARG E 148 2.16 -5.99 40.01
N LEU E 149 3.28 -5.76 40.71
CA LEU E 149 3.32 -4.73 41.73
C LEU E 149 3.20 -3.31 41.20
N VAL E 150 3.45 -3.09 39.90
CA VAL E 150 3.54 -1.74 39.39
C VAL E 150 2.18 -1.04 39.43
N LYS E 151 1.10 -1.82 39.37
CA LYS E 151 -0.25 -1.27 39.45
C LYS E 151 -0.69 -0.97 40.88
N LYS E 152 0.10 -1.34 41.88
CA LYS E 152 -0.23 -1.09 43.27
C LYS E 152 0.49 0.12 43.85
N ILE E 153 1.77 0.31 43.50
CA ILE E 153 2.61 1.37 44.03
C ILE E 153 2.47 2.64 43.19
N TRP E 154 3.16 3.70 43.63
CA TRP E 154 3.33 4.93 42.88
C TRP E 154 4.58 4.85 41.98
N VAL E 155 4.48 5.46 40.80
CA VAL E 155 5.46 5.32 39.71
C VAL E 155 5.45 6.59 38.86
N PRO E 156 6.63 7.05 38.33
CA PRO E 156 6.56 8.20 37.42
C PRO E 156 5.64 8.09 36.22
N ASP E 157 5.50 9.18 35.50
CA ASP E 157 4.56 9.25 34.37
C ASP E 157 5.15 9.97 33.17
N MET E 158 6.33 9.54 32.72
CA MET E 158 6.95 10.18 31.57
C MET E 158 6.20 9.85 30.29
N PHE E 159 6.33 10.76 29.30
CA PHE E 159 5.73 10.53 28.00
C PHE E 159 6.62 11.16 26.93
N PHE E 160 6.34 10.80 25.68
CA PHE E 160 7.19 11.12 24.55
C PHE E 160 6.60 12.32 23.81
N VAL E 161 7.29 13.46 23.84
CA VAL E 161 6.74 14.67 23.24
C VAL E 161 6.93 14.61 21.73
N HIS E 162 5.90 15.04 20.99
CA HIS E 162 5.89 15.05 19.52
C HIS E 162 5.98 13.64 18.94
N SER E 163 5.33 12.69 19.60
CA SER E 163 5.12 11.35 19.08
C SER E 163 3.76 11.22 18.38
N LYS E 164 3.73 10.36 17.38
CA LYS E 164 2.49 10.02 16.67
C LYS E 164 1.83 8.74 17.20
N ARG E 165 2.62 7.80 17.73
CA ARG E 165 2.18 6.50 18.23
C ARG E 165 3.32 5.77 18.92
N SER E 166 2.97 4.98 19.94
CA SER E 166 3.95 4.22 20.72
C SER E 166 3.25 3.04 21.38
N PHE E 167 4.05 2.13 21.97
CA PHE E 167 3.50 1.01 22.74
C PHE E 167 4.60 0.28 23.50
N ILE E 168 4.18 -0.50 24.51
CA ILE E 168 5.05 -1.31 25.34
C ILE E 168 4.83 -2.77 24.95
N HIS E 169 5.93 -3.52 24.83
CA HIS E 169 5.88 -4.91 24.38
C HIS E 169 5.36 -5.82 25.49
N ASP E 170 4.66 -6.90 25.07
CA ASP E 170 3.91 -7.71 26.04
C ASP E 170 3.92 -9.21 25.73
N THR E 171 4.97 -9.72 25.09
CA THR E 171 5.07 -11.16 24.83
C THR E 171 6.44 -11.65 25.23
N THR E 172 6.50 -12.73 26.02
CA THR E 172 5.32 -13.50 26.42
C THR E 172 4.56 -12.95 27.61
N THR E 173 5.10 -11.87 28.18
CA THR E 173 4.44 -11.13 29.24
C THR E 173 4.97 -9.70 29.17
N ASP E 174 4.37 -8.82 29.97
CA ASP E 174 4.76 -7.42 29.95
C ASP E 174 6.26 -7.27 30.15
N ASN E 175 6.90 -6.51 29.25
CA ASN E 175 8.34 -6.25 29.33
C ASN E 175 8.60 -5.16 30.37
N VAL E 176 8.41 -5.53 31.64
CA VAL E 176 8.53 -4.61 32.76
C VAL E 176 9.37 -5.26 33.84
N MET E 177 10.22 -4.46 34.50
CA MET E 177 11.09 -4.92 35.57
C MET E 177 11.07 -3.93 36.74
N LEU E 178 11.04 -4.48 37.96
CA LEU E 178 11.08 -3.69 39.18
C LEU E 178 12.08 -4.31 40.14
N ARG E 179 13.02 -3.48 40.62
CA ARG E 179 14.04 -3.90 41.59
C ARG E 179 13.99 -2.94 42.77
N VAL E 180 13.99 -3.47 43.99
CA VAL E 180 13.90 -2.63 45.18
C VAL E 180 14.93 -3.10 46.19
N GLN E 181 15.60 -2.14 46.83
CA GLN E 181 16.60 -2.23 47.89
C GLN E 181 15.97 -2.08 49.26
N PRO E 182 16.57 -2.65 50.32
CA PRO E 182 16.01 -2.48 51.68
C PRO E 182 15.81 -1.01 52.04
N ASP E 183 16.51 -0.10 51.36
CA ASP E 183 16.39 1.30 51.69
C ASP E 183 15.07 1.89 51.23
N GLY E 184 14.47 1.33 50.20
CA GLY E 184 13.38 1.97 49.48
C GLY E 184 13.84 2.63 48.20
N LYS E 185 15.09 2.40 47.78
CA LYS E 185 15.57 2.84 46.48
C LYS E 185 15.07 1.90 45.39
N VAL E 186 14.54 2.47 44.32
CA VAL E 186 13.83 1.71 43.29
C VAL E 186 14.51 1.90 41.93
N LEU E 187 14.47 0.82 41.13
CA LEU E 187 14.83 0.84 39.71
C LEU E 187 13.68 0.25 38.92
N TYR E 188 13.34 0.91 37.80
CA TYR E 188 12.13 0.62 37.03
C TYR E 188 12.46 0.76 35.55
N SER E 189 12.06 -0.23 34.75
CA SER E 189 12.59 -0.41 33.39
C SER E 189 11.52 -0.93 32.45
N LEU E 190 11.57 -0.46 31.20
CA LEU E 190 10.55 -0.74 30.18
C LEU E 190 11.21 -0.96 28.82
N ARG E 191 10.51 -1.67 27.93
CA ARG E 191 10.94 -1.78 26.54
C ARG E 191 9.81 -1.23 25.68
N VAL E 192 10.13 -0.32 24.73
CA VAL E 192 9.10 0.43 24.02
C VAL E 192 9.53 0.74 22.58
N THR E 193 8.55 0.99 21.74
CA THR E 193 8.74 1.46 20.36
C THR E 193 7.96 2.75 20.17
N VAL E 194 8.58 3.75 19.53
CA VAL E 194 8.00 5.07 19.38
C VAL E 194 8.16 5.53 17.94
N THR E 195 7.13 6.19 17.42
CA THR E 195 7.19 6.93 16.16
C THR E 195 7.13 8.42 16.46
N ALA E 196 8.12 9.17 15.98
CA ALA E 196 8.27 10.57 16.35
C ALA E 196 8.44 11.44 15.12
N MET E 197 8.08 12.71 15.28
CA MET E 197 8.01 13.68 14.20
C MET E 197 9.35 14.38 14.02
N CYS E 198 9.74 14.59 12.76
CA CYS E 198 10.98 15.27 12.45
C CYS E 198 10.79 16.07 11.16
N ASN E 199 10.74 17.39 11.28
CA ASN E 199 10.55 18.23 10.11
C ASN E 199 11.80 18.20 9.23
N MET E 200 11.61 17.92 7.95
CA MET E 200 12.70 17.80 6.98
C MET E 200 12.54 18.82 5.87
N ASP E 201 13.68 19.22 5.29
CA ASP E 201 13.73 20.14 4.16
C ASP E 201 14.48 19.45 3.03
N PHE E 202 13.81 19.26 1.89
CA PHE E 202 14.34 18.49 0.77
C PHE E 202 14.78 19.37 -0.39
N SER E 203 14.96 20.67 -0.17
CA SER E 203 15.24 21.55 -1.30
C SER E 203 16.63 21.34 -1.89
N ARG E 204 17.56 20.76 -1.14
CA ARG E 204 18.88 20.40 -1.64
C ARG E 204 18.98 18.94 -2.03
N PHE E 205 17.85 18.24 -2.13
CA PHE E 205 17.86 16.83 -2.51
C PHE E 205 18.59 16.67 -3.84
N PRO E 206 19.43 15.63 -4.01
CA PRO E 206 19.79 14.55 -3.07
C PRO E 206 21.00 14.87 -2.20
N LEU E 207 21.35 16.16 -2.11
CA LEU E 207 22.50 16.64 -1.36
C LEU E 207 22.12 17.21 0.00
N ASP E 208 21.02 16.75 0.58
CA ASP E 208 20.53 17.22 1.86
C ASP E 208 21.11 16.45 3.04
N THR E 209 21.02 17.08 4.21
CA THR E 209 21.39 16.47 5.48
C THR E 209 20.32 16.84 6.50
N GLN E 210 19.84 15.86 7.27
CA GLN E 210 18.71 16.04 8.17
C GLN E 210 19.12 15.75 9.61
N THR E 211 18.47 16.41 10.56
CA THR E 211 18.76 16.16 11.97
C THR E 211 17.46 16.03 12.74
N CYS E 212 17.34 14.96 13.55
CA CYS E 212 16.13 14.63 14.27
C CYS E 212 16.44 14.41 15.75
N SER E 213 15.39 14.33 16.56
CA SER E 213 15.55 14.15 17.99
C SER E 213 14.33 13.47 18.60
N LEU E 214 14.54 12.90 19.79
CA LEU E 214 13.47 12.31 20.59
C LEU E 214 13.40 13.04 21.93
N GLU E 215 12.19 13.38 22.35
CA GLU E 215 11.98 14.26 23.50
C GLU E 215 11.20 13.55 24.59
N ILE E 216 11.64 13.71 25.84
CA ILE E 216 11.04 13.04 26.99
C ILE E 216 10.66 14.08 28.04
N GLU E 217 9.46 13.95 28.60
CA GLU E 217 8.86 14.89 29.52
C GLU E 217 7.89 14.19 30.46
N SER E 218 7.70 14.79 31.64
CA SER E 218 6.68 14.37 32.59
C SER E 218 5.34 15.00 32.27
N TYR E 219 4.27 14.22 32.34
CA TYR E 219 2.98 14.72 31.90
C TYR E 219 2.30 15.58 32.95
N ALA E 220 2.14 15.05 34.17
CA ALA E 220 1.27 15.68 35.17
C ALA E 220 1.99 16.66 36.08
N TYR E 221 3.21 16.35 36.51
CA TYR E 221 3.87 17.11 37.57
C TYR E 221 4.85 18.10 36.97
N THR E 222 4.88 19.30 37.55
CA THR E 222 5.73 20.40 37.13
C THR E 222 7.03 20.40 37.93
N GLU E 223 7.98 21.22 37.48
CA GLU E 223 9.30 21.28 38.12
C GLU E 223 9.23 21.65 39.59
N ASP E 224 8.06 21.99 40.10
CA ASP E 224 7.86 22.25 41.53
C ASP E 224 7.53 20.98 42.30
N ASP E 225 7.25 19.90 41.59
CA ASP E 225 6.93 18.60 42.17
C ASP E 225 7.88 17.49 41.76
N LEU E 226 8.44 17.55 40.56
CA LEU E 226 9.32 16.50 40.06
C LEU E 226 10.50 17.11 39.33
N MET E 227 11.70 16.65 39.66
CA MET E 227 12.95 17.12 39.05
C MET E 227 13.53 15.99 38.20
N LEU E 228 13.71 16.25 36.91
CA LEU E 228 14.07 15.25 35.93
C LEU E 228 15.45 15.56 35.35
N TYR E 229 16.34 14.58 35.36
CA TYR E 229 17.71 14.78 34.91
C TYR E 229 18.31 13.46 34.42
N TRP E 230 19.36 13.59 33.60
CA TRP E 230 20.11 12.43 33.16
C TRP E 230 20.97 11.89 34.31
N LYS E 231 20.89 10.57 34.53
CA LYS E 231 21.44 9.97 35.75
C LYS E 231 22.96 10.06 35.82
N LYS E 232 23.64 10.11 34.67
CA LYS E 232 25.09 10.14 34.65
C LYS E 232 25.62 11.15 33.64
N GLY E 233 24.90 12.24 33.43
CA GLY E 233 25.34 13.26 32.50
C GLY E 233 25.45 12.70 31.09
N ASN E 234 26.62 12.90 30.47
CA ASN E 234 26.81 12.51 29.08
C ASN E 234 26.87 11.00 28.90
N ASP E 235 27.09 10.23 29.98
CA ASP E 235 27.24 8.78 29.89
C ASP E 235 25.94 8.00 29.98
N SER E 236 24.79 8.68 30.00
CA SER E 236 23.50 8.05 30.20
C SER E 236 22.82 7.61 28.91
N LEU E 237 23.50 7.66 27.77
CA LEU E 237 23.00 7.08 26.53
C LEU E 237 23.94 6.00 26.03
N LYS E 238 23.39 4.83 25.78
CA LYS E 238 24.12 3.74 25.14
C LYS E 238 23.43 3.40 23.83
N THR E 239 24.21 2.94 22.84
CA THR E 239 23.66 2.65 21.52
C THR E 239 24.18 1.30 21.03
N ASP E 240 23.31 0.54 20.37
CA ASP E 240 23.65 -0.83 20.01
C ASP E 240 24.60 -0.85 18.80
N GLU E 241 25.35 -1.96 18.69
CA GLU E 241 26.42 -2.06 17.72
C GLU E 241 25.94 -2.35 16.31
N ARG E 242 24.77 -2.96 16.14
CA ARG E 242 24.32 -3.43 14.83
C ARG E 242 23.19 -2.58 14.25
N ILE E 243 23.22 -1.27 14.48
CA ILE E 243 22.20 -0.35 13.98
C ILE E 243 22.58 0.13 12.58
N SER E 244 21.60 0.17 11.68
CA SER E 244 21.83 0.50 10.28
C SER E 244 20.47 0.65 9.58
N LEU E 245 20.51 1.33 8.44
CA LEU E 245 19.34 1.58 7.60
C LEU E 245 19.70 1.27 6.15
N SER E 246 18.72 0.81 5.38
CA SER E 246 19.01 0.46 4.00
C SER E 246 19.03 1.67 3.06
N GLN E 247 18.93 2.89 3.58
CA GLN E 247 18.77 4.06 2.72
C GLN E 247 19.50 5.29 3.25
N PHE E 248 20.25 5.17 4.34
CA PHE E 248 20.69 6.33 5.09
C PHE E 248 21.95 5.97 5.86
N LEU E 249 22.71 7.00 6.26
CA LEU E 249 23.85 6.78 7.14
C LEU E 249 23.66 7.60 8.41
N ILE E 250 23.88 6.98 9.55
CA ILE E 250 23.56 7.56 10.86
C ILE E 250 24.85 7.94 11.58
N GLN E 251 24.85 9.12 12.19
CA GLN E 251 26.01 9.61 12.93
C GLN E 251 25.58 10.63 13.97
N GLU E 252 26.45 10.81 14.98
CA GLU E 252 26.43 11.92 15.92
C GLU E 252 25.37 11.89 17.01
N PHE E 253 25.30 10.79 17.77
CA PHE E 253 24.36 10.66 18.89
C PHE E 253 24.85 11.45 20.11
N HIS E 254 24.02 12.36 20.64
CA HIS E 254 24.30 13.01 21.91
C HIS E 254 23.00 13.49 22.57
N THR E 255 23.10 13.84 23.86
CA THR E 255 21.95 14.22 24.69
C THR E 255 22.07 15.64 25.22
N THR E 256 20.92 16.24 25.55
CA THR E 256 20.89 17.57 26.17
C THR E 256 19.57 17.76 26.91
N THR E 257 19.39 18.95 27.50
CA THR E 257 18.22 19.26 28.34
C THR E 257 17.72 20.68 28.08
N LYS E 258 16.44 20.92 28.38
CA LYS E 258 15.83 22.24 28.23
C LYS E 258 14.58 22.36 29.12
N LEU E 259 14.26 23.60 29.48
CA LEU E 259 13.11 23.93 30.34
C LEU E 259 11.98 24.53 29.50
N ALA E 260 10.77 23.99 29.63
CA ALA E 260 9.68 24.29 28.70
C ALA E 260 8.41 24.75 29.44
N PHE E 261 7.58 25.51 28.72
CA PHE E 261 6.48 26.27 29.32
C PHE E 261 5.18 26.04 28.55
N TYR E 262 4.11 25.71 29.27
CA TYR E 262 2.75 25.70 28.73
C TYR E 262 1.95 26.80 29.44
N SER E 263 1.11 27.49 28.66
CA SER E 263 0.49 28.72 29.14
C SER E 263 -0.60 28.44 30.17
N SER E 264 -1.31 27.33 30.04
CA SER E 264 -2.39 26.97 30.94
C SER E 264 -1.96 26.06 32.08
N THR E 265 -0.70 25.60 32.13
CA THR E 265 -0.35 24.56 33.09
C THR E 265 0.99 24.73 33.82
N GLY E 266 2.03 25.30 33.20
CA GLY E 266 3.21 25.61 33.99
C GLY E 266 4.51 25.29 33.25
N TRP E 267 5.55 25.09 34.05
CA TRP E 267 6.92 24.83 33.58
C TRP E 267 7.30 23.37 33.82
N TYR E 268 8.03 22.78 32.87
CA TYR E 268 8.48 21.40 32.97
C TYR E 268 9.91 21.27 32.46
N ASN E 269 10.54 20.17 32.88
CA ASN E 269 11.89 19.80 32.46
C ASN E 269 11.80 18.82 31.30
N ARG E 270 12.70 18.96 30.32
CA ARG E 270 12.65 18.13 29.12
C ARG E 270 14.03 17.62 28.74
N LEU E 271 14.10 16.34 28.37
CA LEU E 271 15.35 15.72 27.94
C LEU E 271 15.29 15.40 26.45
N TYR E 272 16.46 15.42 25.81
CA TYR E 272 16.58 15.26 24.36
C TYR E 272 17.64 14.24 23.99
N ILE E 273 17.39 13.51 22.90
CA ILE E 273 18.38 12.68 22.21
C ILE E 273 18.44 13.15 20.77
N ASN E 274 19.65 13.45 20.26
CA ASN E 274 19.82 14.02 18.94
C ASN E 274 20.69 13.14 18.05
N PHE E 275 20.44 13.19 16.74
CA PHE E 275 21.29 12.49 15.78
C PHE E 275 21.11 13.07 14.38
N THR E 276 22.02 12.69 13.48
CA THR E 276 22.14 13.23 12.12
C THR E 276 22.02 12.11 11.09
N LEU E 277 21.59 12.48 9.87
CA LEU E 277 21.33 11.54 8.78
C LEU E 277 21.92 12.06 7.46
N ARG E 278 22.40 11.15 6.62
CA ARG E 278 22.99 11.49 5.32
C ARG E 278 22.73 10.38 4.32
N ARG E 279 22.93 10.68 3.02
CA ARG E 279 22.64 9.73 1.96
C ARG E 279 23.91 9.21 1.27
N HIS E 280 23.68 8.29 0.34
CA HIS E 280 24.72 7.76 -0.57
C HIS E 280 24.63 8.51 -1.90
N ILE E 281 25.58 9.42 -2.15
CA ILE E 281 25.38 10.38 -3.24
C ILE E 281 25.71 9.75 -4.61
N PHE E 282 26.59 8.75 -4.67
CA PHE E 282 27.01 8.24 -5.96
C PHE E 282 25.90 7.46 -6.64
N PHE E 283 25.08 6.77 -5.84
CA PHE E 283 23.88 6.10 -6.37
C PHE E 283 23.03 7.08 -7.17
N PHE E 284 22.72 8.21 -6.55
CA PHE E 284 21.83 9.20 -7.16
C PHE E 284 22.47 9.85 -8.38
N LEU E 285 23.78 10.08 -8.31
CA LEU E 285 24.50 10.58 -9.48
C LEU E 285 24.33 9.63 -10.66
N LEU E 286 24.69 8.35 -10.47
CA LEU E 286 24.63 7.37 -11.56
C LEU E 286 23.22 7.22 -12.10
N GLN E 287 22.22 7.28 -11.21
CA GLN E 287 20.87 7.01 -11.66
C GLN E 287 20.22 8.22 -12.34
N THR E 288 20.58 9.45 -11.94
CA THR E 288 19.87 10.63 -12.44
C THR E 288 20.72 11.56 -13.29
N TYR E 289 21.91 11.96 -12.83
CA TYR E 289 22.64 13.02 -13.54
C TYR E 289 23.37 12.50 -14.78
N PHE E 290 23.68 11.22 -14.79
CA PHE E 290 24.58 10.66 -15.81
C PHE E 290 23.85 10.47 -17.15
N PRO E 291 22.73 9.75 -17.22
CA PRO E 291 21.95 9.65 -18.47
C PRO E 291 21.59 10.98 -19.14
N ALA E 292 21.17 11.99 -18.36
CA ALA E 292 20.77 13.27 -18.92
C ALA E 292 21.95 13.94 -19.61
N THR E 293 23.13 13.84 -18.99
CA THR E 293 24.33 14.44 -19.54
C THR E 293 24.70 13.77 -20.84
N LEU E 294 24.62 12.43 -20.87
CA LEU E 294 24.90 11.70 -22.10
C LEU E 294 23.94 12.13 -23.22
N MET E 295 22.67 12.34 -22.88
CA MET E 295 21.69 12.75 -23.89
C MET E 295 22.02 14.12 -24.46
N VAL E 296 22.37 15.08 -23.59
CA VAL E 296 22.77 16.39 -24.10
C VAL E 296 23.98 16.26 -25.02
N MET E 297 24.90 15.36 -24.68
CA MET E 297 26.08 15.18 -25.52
C MET E 297 25.71 14.56 -26.87
N LEU E 298 24.67 13.74 -26.88
CA LEU E 298 24.19 13.11 -28.10
C LEU E 298 23.54 14.12 -29.04
N SER E 299 22.93 15.17 -28.48
CA SER E 299 22.27 16.17 -29.30
C SER E 299 23.24 17.05 -30.09
N TRP E 300 24.52 17.06 -29.70
CA TRP E 300 25.55 17.89 -30.32
C TRP E 300 26.17 17.25 -31.56
N VAL E 301 25.97 15.93 -31.73
CA VAL E 301 26.44 15.19 -32.90
C VAL E 301 25.80 15.74 -34.17
N SER E 302 24.65 16.38 -34.05
CA SER E 302 23.90 16.80 -35.23
C SER E 302 24.65 17.88 -36.00
N PHE E 303 25.42 18.72 -35.31
CA PHE E 303 26.14 19.82 -35.92
C PHE E 303 27.21 19.36 -36.91
N TRP E 304 27.57 18.09 -36.90
CA TRP E 304 28.65 17.58 -37.75
C TRP E 304 28.15 16.77 -38.94
N ILE E 305 26.83 16.55 -39.06
CA ILE E 305 26.25 15.85 -40.18
C ILE E 305 25.91 16.86 -41.28
N ASP E 306 25.95 16.39 -42.52
CA ASP E 306 25.78 17.23 -43.69
C ASP E 306 24.37 17.79 -43.76
N ARG E 307 24.27 19.12 -43.83
CA ARG E 307 22.98 19.81 -43.88
C ARG E 307 22.13 19.37 -45.06
N ARG E 308 22.75 18.80 -46.09
CA ARG E 308 22.01 18.28 -47.23
C ARG E 308 21.17 17.06 -46.90
N ALA E 309 21.49 16.36 -45.81
CA ALA E 309 20.81 15.12 -45.45
C ALA E 309 19.64 15.41 -44.52
N VAL E 310 18.56 15.92 -45.11
CA VAL E 310 17.38 16.29 -44.31
C VAL E 310 16.72 15.08 -43.66
N PRO E 311 16.43 13.98 -44.37
CA PRO E 311 15.83 12.81 -43.70
C PRO E 311 16.72 12.16 -42.64
N ALA E 312 17.95 12.63 -42.45
CA ALA E 312 18.84 12.12 -41.42
C ALA E 312 18.98 13.06 -40.24
N ARG E 313 18.86 14.36 -40.45
CA ARG E 313 19.03 15.32 -39.38
C ARG E 313 17.69 15.63 -38.71
N VAL E 314 16.58 15.47 -39.42
CA VAL E 314 15.28 15.76 -38.82
C VAL E 314 14.85 14.69 -37.81
N PRO E 315 14.87 13.38 -38.13
CA PRO E 315 14.40 12.42 -37.11
C PRO E 315 15.30 12.33 -35.89
N LEU E 316 16.59 12.66 -36.02
CA LEU E 316 17.52 12.50 -34.90
C LEU E 316 17.10 13.36 -33.72
N GLY E 317 16.76 14.62 -34.00
CA GLY E 317 16.45 15.57 -32.94
C GLY E 317 15.18 15.20 -32.18
N ILE E 318 14.13 14.83 -32.92
CA ILE E 318 12.84 14.60 -32.29
C ILE E 318 12.87 13.28 -31.54
N THR E 319 13.64 12.30 -32.03
CA THR E 319 13.83 11.09 -31.26
C THR E 319 14.61 11.37 -29.97
N THR E 320 15.55 12.32 -30.01
CA THR E 320 16.31 12.66 -28.82
C THR E 320 15.41 13.32 -27.78
N VAL E 321 14.49 14.18 -28.24
CA VAL E 321 13.47 14.75 -27.36
C VAL E 321 12.66 13.65 -26.69
N LEU E 322 12.27 12.63 -27.49
CA LEU E 322 11.46 11.55 -26.94
C LEU E 322 12.19 10.82 -25.83
N THR E 323 13.46 10.48 -26.08
CA THR E 323 14.27 9.79 -25.08
C THR E 323 14.38 10.60 -23.79
N MET E 324 14.66 11.92 -23.91
CA MET E 324 14.81 12.72 -22.68
C MET E 324 13.51 12.81 -21.91
N SER E 325 12.37 12.89 -22.60
CA SER E 325 11.08 12.93 -21.90
C SER E 325 10.82 11.62 -21.17
N THR E 326 11.13 10.48 -21.81
CA THR E 326 11.02 9.19 -21.13
C THR E 326 11.85 9.18 -19.84
N ILE E 327 13.08 9.69 -19.91
CA ILE E 327 13.96 9.64 -18.74
C ILE E 327 13.38 10.47 -17.60
N ILE E 328 12.91 11.67 -17.92
CA ILE E 328 12.39 12.57 -16.88
C ILE E 328 11.15 11.96 -16.22
N THR E 329 10.27 11.37 -17.03
CA THR E 329 9.07 10.74 -16.50
C THR E 329 9.42 9.57 -15.58
N GLY E 330 10.41 8.76 -15.98
CA GLY E 330 10.89 7.69 -15.13
C GLY E 330 11.32 8.18 -13.76
N VAL E 331 12.05 9.31 -13.73
CA VAL E 331 12.50 9.81 -12.44
C VAL E 331 11.32 10.35 -11.64
N ASN E 332 10.32 10.90 -12.32
CA ASN E 332 9.20 11.51 -11.62
C ASN E 332 8.31 10.46 -10.94
N ALA E 333 8.27 9.25 -11.51
CA ALA E 333 7.40 8.19 -10.99
C ALA E 333 7.94 7.46 -9.75
N SER E 334 9.12 7.81 -9.25
CA SER E 334 9.72 7.07 -8.14
C SER E 334 10.20 7.97 -7.00
N MET E 335 10.05 9.28 -7.16
CA MET E 335 10.40 10.25 -6.13
C MET E 335 9.40 10.20 -4.97
N PRO E 336 9.79 10.69 -3.78
CA PRO E 336 8.89 10.56 -2.63
C PRO E 336 7.72 11.55 -2.53
N ARG E 337 7.26 12.13 -3.65
CA ARG E 337 5.98 12.85 -3.72
C ARG E 337 5.87 14.01 -2.73
N VAL E 338 6.94 14.81 -2.59
CA VAL E 338 6.84 16.09 -1.90
C VAL E 338 6.78 17.19 -2.96
N SER E 339 5.80 18.09 -2.83
CA SER E 339 5.36 18.93 -3.94
C SER E 339 5.97 20.33 -3.88
N TYR E 340 7.29 20.38 -3.96
CA TYR E 340 7.98 21.64 -4.22
C TYR E 340 9.29 21.34 -4.94
N ILE E 341 9.91 22.39 -5.45
CA ILE E 341 10.99 22.24 -6.43
C ILE E 341 12.30 21.97 -5.73
N LYS E 342 13.04 20.97 -6.21
CA LYS E 342 14.27 20.51 -5.60
C LYS E 342 15.44 20.60 -6.58
N ALA E 343 16.64 20.47 -6.01
CA ALA E 343 17.91 20.73 -6.70
C ALA E 343 18.04 19.94 -8.00
N VAL E 344 17.49 18.73 -8.05
CA VAL E 344 17.68 17.81 -9.17
C VAL E 344 16.72 18.15 -10.32
N ASP E 345 15.52 18.60 -9.97
CA ASP E 345 14.55 19.09 -10.94
C ASP E 345 15.17 20.12 -11.89
N ILE E 346 15.94 21.05 -11.33
CA ILE E 346 16.50 22.14 -12.11
C ILE E 346 17.45 21.59 -13.18
N TYR E 347 18.35 20.69 -12.78
CA TYR E 347 19.27 20.07 -13.73
C TYR E 347 18.50 19.40 -14.85
N LEU E 348 17.49 18.59 -14.50
CA LEU E 348 16.79 17.85 -15.53
C LEU E 348 16.12 18.77 -16.54
N TRP E 349 15.43 19.81 -16.06
CA TRP E 349 14.69 20.65 -17.00
C TRP E 349 15.62 21.55 -17.83
N VAL E 350 16.78 21.95 -17.27
CA VAL E 350 17.73 22.71 -18.09
C VAL E 350 18.28 21.83 -19.22
N SER E 351 18.56 20.56 -18.92
CA SER E 351 18.99 19.65 -19.99
C SER E 351 17.91 19.55 -21.07
N PHE E 352 16.63 19.52 -20.65
CA PHE E 352 15.55 19.45 -21.62
C PHE E 352 15.58 20.65 -22.56
N VAL E 353 15.79 21.85 -22.00
CA VAL E 353 15.83 23.04 -22.84
C VAL E 353 16.99 23.00 -23.83
N PHE E 354 18.15 22.50 -23.40
CA PHE E 354 19.27 22.40 -24.35
C PHE E 354 18.91 21.50 -25.54
N VAL E 355 18.34 20.32 -25.28
CA VAL E 355 17.93 19.46 -26.38
C VAL E 355 16.92 20.14 -27.30
N PHE E 356 16.03 20.95 -26.73
CA PHE E 356 14.99 21.62 -27.52
C PHE E 356 15.59 22.68 -28.46
N LEU E 357 16.54 23.45 -27.94
CA LEU E 357 17.25 24.43 -28.76
C LEU E 357 17.94 23.77 -29.95
N SER E 358 18.53 22.59 -29.72
CA SER E 358 19.24 21.91 -30.81
C SER E 358 18.32 21.64 -32.01
N VAL E 359 17.02 21.51 -31.76
CA VAL E 359 16.05 21.15 -32.79
C VAL E 359 15.58 22.41 -33.51
N LEU E 360 15.49 23.54 -32.80
CA LEU E 360 15.21 24.78 -33.54
C LEU E 360 16.37 25.19 -34.46
N GLU E 361 17.60 24.82 -34.08
CA GLU E 361 18.79 25.27 -34.81
C GLU E 361 18.77 24.80 -36.27
N TYR E 362 18.53 23.51 -36.48
CA TYR E 362 18.59 23.00 -37.84
C TYR E 362 17.45 23.52 -38.70
N ALA E 363 16.31 23.84 -38.08
CA ALA E 363 15.24 24.50 -38.81
C ALA E 363 15.71 25.82 -39.40
N ALA E 364 16.38 26.63 -38.56
CA ALA E 364 17.05 27.84 -39.05
C ALA E 364 17.87 27.56 -40.32
N VAL E 365 18.74 26.56 -40.22
CA VAL E 365 19.71 26.27 -41.29
C VAL E 365 19.00 25.82 -42.56
N ASN E 366 18.05 24.90 -42.43
CA ASN E 366 17.31 24.38 -43.57
C ASN E 366 16.56 25.50 -44.30
N TYR E 367 15.85 26.34 -43.55
CA TYR E 367 15.08 27.41 -44.16
C TYR E 367 15.98 28.36 -44.94
N LEU E 368 17.12 28.75 -44.33
CA LEU E 368 17.99 29.72 -44.97
C LEU E 368 18.62 29.14 -46.24
N THR E 369 19.05 27.87 -46.19
CA THR E 369 19.55 27.22 -47.40
C THR E 369 18.50 27.23 -48.50
N THR E 370 17.23 26.98 -48.13
CA THR E 370 16.20 26.80 -49.14
C THR E 370 15.91 28.11 -49.86
N VAL E 371 15.75 29.19 -49.08
CA VAL E 371 15.56 30.51 -49.67
C VAL E 371 16.77 30.91 -50.51
N GLN E 372 17.99 30.46 -50.15
CA GLN E 372 19.12 30.78 -51.01
C GLN E 372 19.01 30.08 -52.37
N GLU E 373 18.61 28.81 -52.38
CA GLU E 373 18.38 28.10 -53.64
C GLU E 373 17.38 28.86 -54.51
N ARG E 374 16.24 29.21 -53.93
CA ARG E 374 15.22 30.03 -54.60
C ARG E 374 15.78 31.35 -55.12
N LYS E 375 16.66 31.99 -54.35
CA LYS E 375 17.19 33.29 -54.75
C LYS E 375 18.11 33.17 -55.95
N GLU E 376 18.99 32.16 -55.95
CA GLU E 376 19.89 32.00 -57.09
C GLU E 376 19.13 31.56 -58.35
N GLN E 377 18.17 30.66 -58.19
CA GLN E 377 17.35 30.21 -59.31
C GLN E 377 16.28 31.26 -59.63
N ASP E 451 29.99 23.23 -48.39
CA ASP E 451 30.47 24.25 -47.47
C ASP E 451 29.60 24.21 -46.22
N THR E 452 30.23 24.37 -45.06
CA THR E 452 29.51 24.32 -43.81
C THR E 452 28.80 25.64 -43.54
N HIS E 453 27.56 25.58 -43.06
CA HIS E 453 26.83 26.81 -42.78
C HIS E 453 27.43 27.53 -41.57
N ALA E 454 27.28 28.86 -41.56
CA ALA E 454 27.86 29.65 -40.48
C ALA E 454 27.26 29.27 -39.13
N ILE E 455 25.95 29.01 -39.09
CA ILE E 455 25.30 28.67 -37.83
C ILE E 455 25.71 27.28 -37.35
N ASP E 456 26.07 26.37 -38.26
CA ASP E 456 26.61 25.08 -37.83
C ASP E 456 27.96 25.27 -37.13
N LYS E 457 28.89 25.95 -37.79
CA LYS E 457 30.24 26.05 -37.26
C LYS E 457 30.31 26.99 -36.07
N TYR E 458 29.30 27.82 -35.85
CA TYR E 458 29.27 28.54 -34.58
C TYR E 458 28.68 27.67 -33.47
N SER E 459 27.63 26.90 -33.79
CA SER E 459 26.99 26.06 -32.78
C SER E 459 27.98 25.06 -32.18
N ARG E 460 28.84 24.48 -33.04
CA ARG E 460 29.85 23.53 -32.59
C ARG E 460 30.72 24.08 -31.47
N ILE E 461 30.88 25.41 -31.40
CA ILE E 461 31.58 25.98 -30.25
C ILE E 461 30.61 26.40 -29.16
N ILE E 462 29.50 27.06 -29.52
CA ILE E 462 28.73 27.78 -28.50
C ILE E 462 28.02 26.82 -27.57
N PHE E 463 27.41 25.75 -28.10
CA PHE E 463 26.59 24.92 -27.22
C PHE E 463 27.38 24.31 -26.07
N PRO E 464 28.51 23.59 -26.30
CA PRO E 464 29.21 22.98 -25.15
C PRO E 464 29.69 24.00 -24.13
N ALA E 465 30.13 25.17 -24.57
CA ALA E 465 30.65 26.18 -23.65
C ALA E 465 29.55 26.65 -22.69
N ALA E 466 28.34 26.82 -23.20
CA ALA E 466 27.24 27.23 -22.35
C ALA E 466 26.92 26.14 -21.34
N TYR E 467 26.97 24.88 -21.77
CA TYR E 467 26.68 23.80 -20.82
C TYR E 467 27.74 23.76 -19.73
N ILE E 468 28.99 24.01 -20.09
CA ILE E 468 30.08 24.01 -19.11
C ILE E 468 29.88 25.16 -18.10
N LEU E 469 29.45 26.33 -18.59
CA LEU E 469 29.15 27.44 -17.68
C LEU E 469 28.00 27.08 -16.73
N PHE E 470 26.96 26.44 -17.27
CA PHE E 470 25.84 26.03 -16.43
C PHE E 470 26.32 25.13 -15.30
N ASN E 471 27.16 24.15 -15.64
CA ASN E 471 27.61 23.19 -14.62
C ASN E 471 28.45 23.89 -13.56
N LEU E 472 29.32 24.81 -13.97
CA LEU E 472 30.12 25.54 -12.99
C LEU E 472 29.25 26.28 -11.99
N ILE E 473 28.25 27.03 -12.49
CA ILE E 473 27.41 27.80 -11.57
C ILE E 473 26.60 26.86 -10.67
N TYR E 474 25.99 25.84 -11.27
CA TYR E 474 25.13 24.92 -10.52
C TYR E 474 25.90 24.28 -9.38
N TRP E 475 27.09 23.72 -9.66
CA TRP E 475 27.84 23.13 -8.56
C TRP E 475 28.55 24.16 -7.68
N SER E 476 28.56 25.44 -8.05
CA SER E 476 28.99 26.43 -7.07
C SER E 476 27.90 26.74 -6.06
N ILE E 477 26.64 26.52 -6.44
CA ILE E 477 25.50 26.86 -5.59
C ILE E 477 25.18 25.71 -4.64
N PHE E 478 25.21 24.48 -5.14
CA PHE E 478 24.86 23.32 -4.33
C PHE E 478 26.09 22.56 -3.81
N SER E 479 27.27 22.84 -4.33
CA SER E 479 28.53 22.35 -3.77
C SER E 479 28.59 20.83 -3.63
C1 NAG F . -47.30 13.49 32.59
C2 NAG F . -48.68 13.04 32.09
C3 NAG F . -49.76 13.98 32.61
C4 NAG F . -49.67 14.12 34.13
C5 NAG F . -48.26 14.51 34.54
C6 NAG F . -48.06 14.56 36.04
C7 NAG F . -48.53 11.85 29.95
C8 NAG F . -48.60 11.97 28.46
N2 NAG F . -48.71 12.98 30.64
O3 NAG F . -51.04 13.48 32.25
O4 NAG F . -50.60 15.10 34.59
O5 NAG F . -47.30 13.58 34.02
O6 NAG F . -46.87 15.24 36.39
O7 NAG F . -48.34 10.77 30.51
C1 NAG G . -41.54 3.31 2.42
C2 NAG G . -42.60 2.27 2.04
C3 NAG G . -42.22 1.60 0.72
C4 NAG G . -41.97 2.65 -0.36
C5 NAG G . -40.95 3.67 0.13
C6 NAG G . -40.76 4.82 -0.85
C7 NAG G . -43.66 1.40 4.07
C8 NAG G . -43.70 0.29 5.07
N2 NAG G . -42.76 1.28 3.08
O3 NAG G . -43.27 0.73 0.31
O4 NAG G . -41.49 2.02 -1.54
O5 NAG G . -41.40 4.25 1.36
O6 NAG G . -40.84 4.36 -2.19
O7 NAG G . -44.41 2.37 4.15
C1 OCT H . -15.46 9.12 -28.57
C2 OCT H . -16.24 9.85 -27.47
C3 OCT H . -15.48 11.10 -27.05
C4 OCT H . -16.29 11.84 -25.98
C5 OCT H . -15.47 13.02 -25.44
C6 OCT H . -16.26 13.72 -24.33
C7 OCT H . -15.48 14.92 -23.83
C8 OCT H . -16.25 15.59 -22.69
C1 HEX I . -20.76 8.47 -28.36
C2 HEX I . -20.92 8.22 -26.87
C3 HEX I . -22.40 8.05 -26.54
C4 HEX I . -22.56 7.87 -25.03
C5 HEX I . -24.05 7.76 -24.69
C6 HEX I . -24.21 7.55 -23.19
C1 HEX J . -15.83 8.92 -46.31
C2 HEX J . -14.74 9.38 -47.27
C3 HEX J . -15.13 9.01 -48.71
C4 HEX J . -14.05 9.47 -49.67
C5 HEX J . -14.43 9.08 -51.09
C6 HEX J . -13.36 9.56 -52.07
C1 OCT K . -9.19 -4.71 -55.85
C2 OCT K . -9.44 -5.32 -54.47
C3 OCT K . -9.56 -4.21 -53.43
C4 OCT K . -9.81 -4.83 -52.05
C5 OCT K . -9.84 -3.73 -51.00
C6 OCT K . -10.08 -4.35 -49.63
C7 OCT K . -10.15 -3.24 -48.58
C8 OCT K . -10.39 -3.87 -47.20
C1 HEX L . -5.85 -6.36 -45.18
C2 HEX L . -6.21 -5.92 -46.59
C3 HEX L . -5.75 -6.98 -47.59
C4 HEX L . -6.15 -6.57 -49.00
C5 HEX L . -5.75 -7.67 -49.98
C6 HEX L . -6.15 -7.25 -51.40
C1 EST M . -10.78 3.26 -12.60
C2 EST M . -11.75 3.03 -11.63
C3 EST M . -11.97 3.99 -10.67
O3 EST M . -12.93 3.79 -9.70
C4 EST M . -11.22 5.16 -10.66
C5 EST M . -10.26 5.39 -11.63
C6 EST M . -9.46 6.67 -11.57
C7 EST M . -8.25 6.69 -12.48
C8 EST M . -8.61 6.12 -13.85
C9 EST M . -8.98 4.63 -13.69
C10 EST M . -10.03 4.43 -12.62
C11 EST M . -9.31 3.99 -15.04
C12 EST M . -8.18 4.17 -16.07
C13 EST M . -7.79 5.64 -16.25
C14 EST M . -7.45 6.21 -14.85
C15 EST M . -6.79 7.56 -15.17
C16 EST M . -6.04 7.32 -16.50
C17 EST M . -6.44 5.90 -16.94
O17 EST M . -6.47 5.77 -18.37
C18 EST M . -8.90 6.43 -16.95
N ABU N . -25.23 14.53 20.04
CD ABU N . -25.38 13.06 20.21
CB ABU N . -26.62 12.55 19.52
CG ABU N . -26.79 11.05 19.72
C ABU N . -28.01 10.46 19.04
O ABU N . -28.47 11.04 18.04
OXT ABU N . -28.49 9.40 19.53
C1 OCT O . 2.14 -10.11 -45.88
C2 OCT O . 1.50 -9.37 -47.04
C3 OCT O . 1.59 -10.24 -48.30
C4 OCT O . 0.78 -9.59 -49.42
C5 OCT O . 0.69 -10.55 -50.60
C6 OCT O . -0.42 -10.09 -51.55
C7 OCT O . -0.59 -11.12 -52.66
C8 OCT O . -1.77 -10.70 -53.55
C1 OCT P . -10.76 -8.55 -31.05
C2 OCT P . -11.16 -8.89 -29.62
C3 OCT P . -12.54 -9.54 -29.63
C4 OCT P . -12.93 -9.95 -28.22
C5 OCT P . -14.33 -10.57 -28.23
C6 OCT P . -14.73 -10.96 -26.80
C7 OCT P . -16.10 -11.61 -26.82
C8 OCT P . -16.51 -12.01 -25.41
C1 OCT Q . -20.34 -10.46 -24.65
C2 OCT Q . -20.93 -9.36 -25.53
C3 OCT Q . -20.04 -9.16 -26.76
C4 OCT Q . -20.58 -8.01 -27.60
C5 OCT Q . -19.70 -7.82 -28.82
C6 OCT Q . -20.20 -6.63 -29.64
C7 OCT Q . -19.36 -6.45 -30.89
C8 OCT Q . -19.91 -5.29 -31.72
CL CL R . 5.91 3.38 -18.78
C1 OCT S . -7.13 12.77 -44.65
C2 OCT S . -6.66 14.03 -45.37
C3 OCT S . -7.39 14.16 -46.71
C4 OCT S . -7.05 15.51 -47.34
C5 OCT S . -7.93 15.73 -48.57
C6 OCT S . -7.89 17.21 -48.96
C7 OCT S . -8.87 17.45 -50.11
C8 OCT S . -8.89 18.94 -50.44
C1 OCT T . -10.91 18.58 -26.20
C2 OCT T . -11.43 18.25 -24.80
C3 OCT T . -12.55 19.24 -24.43
C4 OCT T . -13.11 18.88 -23.06
C5 OCT T . -14.20 19.88 -22.69
C6 OCT T . -14.75 19.55 -21.30
C7 OCT T . -15.87 20.52 -20.95
C8 OCT T . -16.43 20.18 -19.57
C1 OCT U . -16.43 23.69 -17.25
C2 OCT U . -15.60 24.90 -17.67
C3 OCT U . -15.05 24.68 -19.08
C4 OCT U . -14.15 25.86 -19.46
C5 OCT U . -13.61 25.63 -20.87
C6 OCT U . -12.66 26.79 -21.23
C7 OCT U . -12.15 26.60 -22.66
C8 OCT U . -11.25 27.78 -23.02
C1 NAG V . -5.99 32.30 49.00
C2 NAG V . -6.89 33.53 48.96
C3 NAG V . -6.44 34.56 49.99
C4 NAG V . -6.33 33.94 51.36
C5 NAG V . -5.45 32.70 51.31
C6 NAG V . -5.38 31.96 52.63
C7 NAG V . -7.89 33.86 46.74
C8 NAG V . -7.75 34.54 45.41
N2 NAG V . -6.92 34.11 47.62
O3 NAG V . -7.37 35.64 50.00
O4 NAG V . -5.78 34.88 52.28
O5 NAG V . -5.95 31.77 50.34
O6 NAG V . -4.32 31.02 52.64
O7 NAG V . -8.83 33.11 46.99
C1 NAG W . -12.39 35.84 17.48
C2 NAG W . -13.73 36.55 17.33
C3 NAG W . -14.17 36.52 15.87
C4 NAG W . -13.07 37.07 14.97
C5 NAG W . -11.75 36.36 15.23
C6 NAG W . -10.59 36.94 14.46
C7 NAG W . -14.99 36.37 19.42
C8 NAG W . -16.07 35.65 20.16
N2 NAG W . -14.74 35.95 18.18
O3 NAG W . -15.36 37.29 15.72
O4 NAG W . -13.43 36.92 13.60
O5 NAG W . -11.42 36.44 16.62
O6 NAG W . -11.00 37.39 13.17
O7 NAG W . -14.37 37.31 19.92
C1 OCT X . 3.63 27.49 -19.25
C2 OCT X . 3.98 27.97 -17.83
C3 OCT X . 5.41 27.57 -17.49
C4 OCT X . 5.76 28.09 -16.10
C5 OCT X . 7.15 27.57 -15.70
C6 OCT X . 7.46 28.04 -14.28
C7 OCT X . 8.86 27.57 -13.89
C8 OCT X . 9.16 28.00 -12.46
C1 HEX Y . 1.04 31.76 -17.30
C2 HEX Y . 0.72 31.23 -15.90
C3 HEX Y . 0.00 32.30 -15.11
C4 HEX Y . -0.28 31.80 -13.69
C5 HEX Y . -0.93 32.91 -12.87
C6 HEX Y . -1.24 32.39 -11.47
C1 HEX Z . 3.85 34.71 -35.46
C2 HEX Z . 4.71 34.30 -36.65
C3 HEX Z . 4.26 35.08 -37.89
C4 HEX Z . 5.11 34.67 -39.09
C5 HEX Z . 4.65 35.44 -40.33
C6 HEX Z . 5.52 35.06 -41.52
C1 OCT AA . -6.07 28.25 -48.91
C2 OCT AA . -6.77 27.73 -47.66
C3 OCT AA . -5.81 27.78 -46.48
C4 OCT AA . -6.51 27.26 -45.23
C5 OCT AA . -5.54 27.24 -44.06
C6 OCT AA . -6.24 26.70 -42.81
C7 OCT AA . -5.28 26.71 -41.64
C8 OCT AA . -5.99 26.17 -40.39
C1 HEX BA . -6.68 20.66 -40.57
C2 HEX BA . -6.36 21.66 -41.67
C3 HEX BA . -7.15 21.31 -42.93
C4 HEX BA . -6.87 22.34 -44.02
C5 HEX BA . -7.72 22.03 -45.25
C6 HEX BA . -7.43 23.05 -46.34
C1 EST CA . -0.58 15.29 -7.22
C2 EST CA . -1.18 15.66 -6.03
C3 EST CA . -0.39 15.79 -4.89
O3 EST CA . -0.96 16.17 -3.71
C4 EST CA . 0.97 15.54 -4.96
C5 EST CA . 1.57 15.16 -6.16
C6 EST CA . 3.06 14.88 -6.16
C7 EST CA . 3.55 14.19 -7.42
C8 EST CA . 2.93 14.85 -8.66
C9 EST CA . 1.40 14.61 -8.64
C10 EST CA . 0.78 15.03 -7.31
C11 EST CA . 0.72 15.23 -9.86
C12 EST CA . 1.33 14.72 -11.17
C13 EST CA . 2.86 14.93 -11.23
C14 EST CA . 3.47 14.28 -9.97
C15 EST CA . 4.97 14.29 -10.25
C16 EST CA . 5.06 14.08 -11.78
C17 EST CA . 3.62 14.13 -12.30
O17 EST CA . 3.53 14.66 -13.63
C18 EST CA . 3.20 16.42 -11.35
N ABU DA . 3.57 18.61 29.84
CD ABU DA . 2.14 18.20 29.79
CB ABU DA . 1.23 19.37 29.52
CG ABU DA . -0.23 18.94 29.50
C ABU DA . -1.21 20.05 29.20
O ABU DA . -0.80 21.04 28.55
OXT ABU DA . -2.38 19.93 29.64
N ABU EA . -28.91 -15.20 13.53
CD ABU EA . -27.77 -15.80 14.26
CB ABU EA . -27.54 -17.24 13.87
CG ABU EA . -26.39 -17.85 14.64
C ABU EA . -26.09 -19.30 14.28
O ABU EA . -26.41 -19.71 13.15
OXT ABU EA . -25.53 -20.00 15.16
C1 NAG FA . -40.56 -33.94 26.16
C2 NAG FA . -40.50 -35.45 25.93
C3 NAG FA . -41.90 -36.05 26.07
C4 NAG FA . -42.51 -35.67 27.40
C5 NAG FA . -42.49 -34.15 27.58
C6 NAG FA . -42.97 -33.71 28.94
C7 NAG FA . -38.67 -36.08 24.42
C8 NAG FA . -38.27 -36.35 23.00
N2 NAG FA . -39.95 -35.75 24.61
O3 NAG FA . -41.81 -37.47 25.96
O4 NAG FA . -43.86 -36.13 27.47
O5 NAG FA . -41.14 -33.67 27.44
O6 NAG FA . -43.25 -32.31 28.96
O7 NAG FA . -37.87 -36.15 25.34
C1 NAG GA . -19.03 -37.12 2.21
C2 NAG GA . -18.39 -38.50 2.30
C3 NAG GA . -17.21 -38.59 1.34
C4 NAG GA . -17.64 -38.20 -0.07
C5 NAG GA . -18.32 -36.84 -0.06
C6 NAG GA . -18.88 -36.45 -1.41
C7 NAG GA . -18.76 -39.41 4.54
C8 NAG GA . -18.16 -39.64 5.90
N2 NAG GA . -17.97 -38.79 3.66
O3 NAG GA . -16.70 -39.92 1.34
O4 NAG GA . -16.51 -38.16 -0.93
O5 NAG GA . -19.41 -36.84 0.86
O6 NAG GA . -18.05 -36.90 -2.47
O7 NAG GA . -19.89 -39.78 4.26
C1 OCT HA . -3.47 -16.27 -29.39
C2 OCT HA . -4.76 -16.58 -28.63
C3 OCT HA . -5.72 -15.39 -28.76
C4 OCT HA . -7.02 -15.71 -28.04
C5 OCT HA . -7.92 -14.48 -28.04
C6 OCT HA . -9.21 -14.79 -27.27
C7 OCT HA . -10.13 -13.58 -27.30
C8 OCT HA . -11.39 -13.88 -26.49
C1 HEX IA . -4.93 -21.38 -28.78
C2 HEX IA . -5.31 -21.36 -27.30
C3 HEX IA . -5.82 -22.73 -26.88
C4 HEX IA . -6.26 -22.68 -25.42
C5 HEX IA . -6.84 -24.04 -25.02
C6 HEX IA . -7.25 -24.00 -23.55
C1 HEX JA . 2.83 -19.73 -45.62
C2 HEX JA . 3.18 -18.73 -46.72
C3 HEX JA . 3.86 -19.47 -47.87
C4 HEX JA . 4.22 -18.47 -48.98
C5 HEX JA . 4.90 -19.20 -50.12
C6 HEX JA . 5.24 -18.22 -51.24
C1 OCT KA . 20.37 -19.68 -49.26
C2 OCT KA . 20.32 -19.87 -47.75
C3 OCT KA . 18.96 -19.44 -47.23
C4 OCT KA . 18.90 -19.65 -45.71
C5 OCT KA . 17.57 -19.13 -45.17
C6 OCT KA . 17.53 -19.32 -43.66
C7 OCT KA . 16.19 -18.84 -43.12
C8 OCT KA . 16.15 -19.03 -41.60
C1 HEX LA . 19.25 -15.29 -38.92
C2 HEX LA . 19.24 -15.71 -40.38
C3 HEX LA . 20.68 -15.81 -40.89
C4 HEX LA . 20.67 -16.28 -42.34
C5 HEX LA . 22.11 -16.46 -42.82
C6 HEX LA . 22.11 -16.93 -44.27
C1 EST MA . -2.33 -11.13 -12.56
C2 EST MA . -2.84 -11.92 -11.55
C3 EST MA . -4.09 -11.66 -11.02
O3 EST MA . -4.61 -12.45 -10.04
C4 EST MA . -4.82 -10.58 -11.50
C5 EST MA . -4.32 -9.77 -12.52
C6 EST MA . -5.15 -8.60 -12.99
C7 EST MA . -4.40 -7.62 -13.87
C8 EST MA . -3.55 -8.38 -14.90
C9 EST MA . -2.47 -9.17 -14.16
C10 EST MA . -3.05 -10.04 -13.05
C11 EST MA . -1.57 -9.94 -15.14
C12 EST MA . -0.94 -9.01 -16.18
C13 EST MA . -1.99 -8.18 -16.93
C14 EST MA . -2.85 -7.44 -15.89
C15 EST MA . -3.66 -6.45 -16.72
C16 EST MA . -2.70 -6.06 -17.87
C17 EST MA . -1.46 -6.97 -17.72
O17 EST MA . -0.86 -7.28 -18.97
C18 EST MA . -2.83 -9.08 -17.86
C1 OCT NA . 25.68 -9.16 -38.29
C2 OCT NA . 25.22 -9.73 -39.63
C3 OCT NA . 26.44 -10.15 -40.45
C4 OCT NA . 25.98 -10.88 -41.72
C5 OCT NA . 27.19 -11.47 -42.42
C6 OCT NA . 26.72 -12.51 -43.44
C7 OCT NA . 27.94 -13.20 -44.06
C8 OCT NA . 27.46 -14.30 -45.01
C1 OCT OA . 14.32 -18.10 -24.88
C2 OCT OA . 13.98 -18.34 -23.42
C3 OCT OA . 14.03 -19.84 -23.13
C4 OCT OA . 13.73 -20.09 -21.65
C5 OCT OA . 13.75 -21.60 -21.38
C6 OCT OA . 13.43 -21.86 -19.91
C7 OCT OA . 13.50 -23.36 -19.63
C8 OCT OA . 13.18 -23.62 -18.16
C1 OCT PA . 10.17 -26.54 -17.95
C2 OCT PA . 9.32 -26.88 -19.17
C3 OCT PA . 9.91 -26.19 -20.40
C4 OCT PA . 9.02 -26.46 -21.62
C5 OCT PA . 9.61 -25.78 -22.85
C6 OCT PA . 8.69 -26.00 -24.04
C7 OCT PA . 9.30 -25.37 -25.29
C8 OCT PA . 8.39 -25.64 -26.48
N ABU QA . -2.37 -29.54 19.27
CD ABU QA . -1.70 -28.55 20.13
CB ABU QA . -0.23 -28.88 20.33
CG ABU QA . 0.44 -27.87 21.26
C ABU QA . 1.92 -28.13 21.48
O ABU QA . 2.55 -28.76 20.60
OXT ABU QA . 2.43 -27.70 22.54
C1 NAG RA . 4.91 -44.35 38.58
C2 NAG RA . 6.31 -44.84 38.95
C3 NAG RA . 6.27 -46.31 39.37
C4 NAG RA . 5.23 -46.53 40.47
C5 NAG RA . 3.88 -45.98 40.04
C6 NAG RA . 2.83 -46.05 41.12
C7 NAG RA . 8.06 -43.61 37.76
C8 NAG RA . 8.94 -43.57 36.55
N2 NAG RA . 7.23 -44.66 37.85
O3 NAG RA . 7.55 -46.72 39.82
O4 NAG RA . 5.10 -47.92 40.75
O5 NAG RA . 4.01 -44.60 39.68
O6 NAG RA . 1.52 -45.84 40.60
O7 NAG RA . 8.09 -42.73 38.62
C1 NAG SA . 24.06 -29.50 17.15
C2 NAG SA . 25.45 -29.34 17.75
C3 NAG SA . 26.31 -28.44 16.87
C4 NAG SA . 26.31 -28.96 15.43
C5 NAG SA . 24.89 -29.14 14.92
C6 NAG SA . 24.82 -29.76 13.56
C7 NAG SA . 25.31 -29.61 20.18
C8 NAG SA . 25.25 -28.90 21.50
N2 NAG SA . 25.39 -28.82 19.11
O3 NAG SA . 27.64 -28.42 17.38
O4 NAG SA . 27.00 -28.03 14.59
O5 NAG SA . 24.16 -30.00 15.81
O6 NAG SA . 25.89 -29.32 12.73
O7 NAG SA . 25.31 -30.83 20.10
C1 OCT TA . 23.08 -13.59 -20.55
C2 OCT TA . 22.59 -14.76 -19.70
C3 OCT TA . 21.26 -15.28 -20.24
C4 OCT TA . 20.80 -16.48 -19.41
C5 OCT TA . 19.41 -16.91 -19.87
C6 OCT TA . 18.93 -18.07 -19.00
C7 OCT TA . 17.56 -18.54 -19.48
C8 OCT TA . 17.06 -19.66 -18.58
C1 HEX UA . 26.72 -16.52 -17.94
C2 HEX UA . 26.03 -16.61 -16.58
C3 HEX UA . 26.87 -17.47 -15.64
C4 HEX UA . 26.15 -17.61 -14.30
C5 HEX UA . 26.96 -18.52 -13.39
C6 HEX UA . 26.26 -18.65 -12.04
C1 HEX VA . 34.11 -11.65 -34.31
C2 HEX VA . 33.77 -11.19 -35.73
C3 HEX VA . 35.06 -11.00 -36.52
C4 HEX VA . 34.73 -10.52 -37.94
C5 HEX VA . 36.02 -10.32 -38.73
C6 HEX VA . 35.69 -9.88 -40.14
C1 OCT WA . 41.84 4.03 -38.22
C2 OCT WA . 41.45 4.18 -36.75
C3 OCT WA . 40.38 3.15 -36.40
C4 OCT WA . 40.01 3.29 -34.92
C5 OCT WA . 38.88 2.31 -34.59
C6 OCT WA . 38.50 2.47 -33.12
C7 OCT WA . 37.40 1.48 -32.77
C8 OCT WA . 37.01 1.63 -31.30
C1 HEX XA . 33.99 6.21 -30.38
C2 HEX XA . 34.86 5.81 -31.57
C3 HEX XA . 35.66 7.02 -32.05
C4 HEX XA . 36.59 6.62 -33.19
C5 HEX XA . 37.43 7.82 -33.61
C6 HEX XA . 38.35 7.41 -34.77
C1 EST YA . 13.12 -7.97 -7.11
C2 EST YA . 13.26 -8.53 -5.86
C3 EST YA . 12.38 -9.51 -5.44
O3 EST YA . 12.52 -10.09 -4.22
C4 EST YA . 11.36 -9.92 -6.29
C5 EST YA . 11.20 -9.35 -7.55
C6 EST YA . 10.06 -9.83 -8.42
C7 EST YA . 9.81 -8.95 -9.64
C8 EST YA . 11.13 -8.59 -10.31
C9 EST YA . 11.96 -7.72 -9.35
C10 EST YA . 12.09 -8.36 -7.97
C11 EST YA . 13.30 -7.31 -9.98
C12 EST YA . 13.09 -6.59 -11.32
C13 EST YA . 12.26 -7.43 -12.31
C14 EST YA . 10.95 -7.80 -11.61
C15 EST YA . 10.07 -8.37 -12.74
C16 EST YA . 10.51 -7.54 -13.99
C17 EST YA . 11.69 -6.68 -13.52
O17 EST YA . 12.63 -6.44 -14.58
C18 EST YA . 13.04 -8.66 -12.78
C1 OCT ZA . 30.91 14.30 -32.42
C2 OCT ZA . 31.70 13.46 -33.42
C3 OCT ZA . 32.80 14.33 -34.04
C4 OCT ZA . 33.70 13.45 -34.91
C5 OCT ZA . 34.91 14.25 -35.36
C6 OCT ZA . 35.99 13.30 -35.87
C7 OCT ZA . 37.25 14.09 -36.21
C8 OCT ZA . 38.35 13.12 -36.63
C1 OCT AB . 29.65 3.12 -16.24
C2 OCT AB . 29.21 2.96 -14.78
C3 OCT AB . 30.43 2.57 -13.94
C4 OCT AB . 30.01 2.46 -12.47
C5 OCT AB . 31.21 2.03 -11.63
C6 OCT AB . 30.80 1.90 -10.16
C7 OCT AB . 32.01 1.51 -9.32
C8 OCT AB . 31.60 1.38 -7.86
C1 OCT BB . 32.91 -2.33 -6.43
C2 OCT BB . 33.33 -3.44 -7.40
C3 OCT BB . 33.39 -2.88 -8.82
C4 OCT BB . 33.73 -4.00 -9.80
C5 OCT BB . 33.80 -3.44 -11.22
C6 OCT BB . 34.06 -4.57 -12.20
C7 OCT BB . 34.20 -4.02 -13.61
C8 OCT BB . 34.51 -5.15 -14.58
C1 OCT CB . 10.59 27.85 -36.35
C2 OCT CB . 11.96 28.15 -36.96
C3 OCT CB . 11.84 29.34 -37.91
C4 OCT CB . 13.24 29.75 -38.39
C5 OCT CB . 13.15 31.06 -39.16
C6 OCT CB . 14.55 31.66 -39.29
C7 OCT CB . 14.46 33.03 -39.94
C8 OCT CB . 15.85 33.66 -39.99
C1 OCT DB . 14.01 25.77 -17.05
C2 OCT DB . 13.48 25.57 -15.63
C3 OCT DB . 13.97 26.71 -14.73
C4 OCT DB . 13.38 26.53 -13.34
C5 OCT DB . 13.90 27.66 -12.43
C6 OCT DB . 13.34 27.48 -11.03
C7 OCT DB . 13.82 28.62 -10.14
C8 OCT DB . 13.26 28.45 -8.73
C1 OCT EB . 16.44 28.70 -6.00
C2 OCT EB . 17.89 28.55 -6.46
C3 OCT EB . 17.94 28.56 -7.99
C4 OCT EB . 19.37 28.32 -8.46
C5 OCT EB . 19.41 28.33 -9.98
C6 OCT EB . 20.83 28.04 -10.46
C7 OCT EB . 20.90 28.10 -11.98
C8 OCT EB . 22.34 27.86 -12.43
N ABU FB . 17.68 -8.63 29.36
CD ABU FB . 16.77 -7.52 29.75
CB ABU FB . 17.52 -6.24 30.02
CG ABU FB . 16.58 -5.12 30.44
C ABU FB . 17.27 -3.80 30.72
O ABU FB . 18.35 -3.56 30.13
OXT ABU FB . 16.71 -3.01 31.50
C1 NAG GB . 26.30 -3.42 52.70
C2 NAG GB . 27.10 -2.22 53.19
C3 NAG GB . 28.20 -2.67 54.15
C4 NAG GB . 27.62 -3.51 55.27
C5 NAG GB . 26.79 -4.66 54.69
C6 NAG GB . 26.09 -5.47 55.75
C7 NAG GB . 27.11 -0.38 51.56
C8 NAG GB . 27.83 0.24 50.40
N2 NAG GB . 27.68 -1.48 52.07
O3 NAG GB . 28.86 -1.52 54.68
O4 NAG GB . 28.67 -4.04 56.08
O5 NAG GB . 25.78 -4.14 53.82
O6 NAG GB . 25.62 -6.70 55.23
O7 NAG GB . 26.07 0.07 51.99
C1 NAG HB . 28.18 15.60 26.58
C2 NAG HB . 28.36 17.03 27.03
C3 NAG HB . 28.21 17.98 25.84
C4 NAG HB . 29.16 17.57 24.72
C5 NAG HB . 28.96 16.10 24.37
C6 NAG HB . 29.97 15.60 23.35
C7 NAG HB . 27.67 17.24 29.37
C8 NAG HB . 26.57 17.64 30.31
N2 NAG HB . 27.40 17.38 28.07
O3 NAG HB . 28.49 19.31 26.25
O4 NAG HB . 28.92 18.36 23.57
O5 NAG HB . 29.12 15.30 25.54
O6 NAG HB . 30.27 16.59 22.39
O7 NAG HB . 28.75 16.82 29.78
C1 OCT IB . 27.47 13.47 -14.28
C2 OCT IB . 28.00 12.78 -13.03
C3 OCT IB . 28.15 11.29 -13.29
C4 OCT IB . 28.71 10.61 -12.05
C5 OCT IB . 28.74 9.09 -12.26
C6 OCT IB . 29.25 8.41 -10.99
C7 OCT IB . 29.31 6.90 -11.20
C8 OCT IB . 29.78 6.22 -9.91
C1 HEX JB . 30.41 16.33 -10.85
C2 HEX JB . 29.76 15.89 -9.55
C3 HEX JB . 30.47 16.56 -8.37
C4 HEX JB . 29.86 16.07 -7.06
C5 HEX JB . 30.62 16.67 -5.88
C6 HEX JB . 29.98 16.22 -4.57
C1 HEX KB . 34.76 22.01 -28.04
C2 HEX KB . 34.73 21.60 -29.51
C3 HEX KB . 35.32 22.73 -30.36
C4 HEX KB . 35.30 22.32 -31.83
C5 HEX KB . 35.88 23.46 -32.67
C6 HEX KB . 35.88 23.06 -34.15
C1 OCT LB . 25.50 33.67 -38.02
C2 OCT LB . 24.72 33.61 -36.70
C3 OCT LB . 25.08 32.34 -35.94
C4 OCT LB . 24.30 32.29 -34.63
C5 OCT LB . 24.61 30.99 -33.91
C6 OCT LB . 23.81 30.93 -32.61
C7 OCT LB . 24.14 29.64 -31.86
C8 OCT LB . 23.34 29.59 -30.56
C1 HEX MB . 17.97 28.44 -31.42
C2 HEX MB . 19.05 28.92 -32.38
C3 HEX MB . 18.47 29.97 -33.31
C4 HEX MB . 19.57 30.50 -34.23
C5 HEX MB . 19.00 31.60 -35.13
C6 HEX MB . 20.10 32.13 -36.05
C1 EST NB . 14.21 8.36 -3.83
C2 EST NB . 14.31 8.53 -2.46
C3 EST NB . 14.68 7.46 -1.67
O3 EST NB . 14.80 7.61 -0.32
C4 EST NB . 14.95 6.23 -2.25
C5 EST NB . 14.85 6.06 -3.63
C6 EST NB . 15.14 4.69 -4.20
C7 EST NB . 14.73 4.53 -5.66
C8 EST NB . 15.14 5.77 -6.46
C9 EST NB . 14.37 6.99 -5.94
C10 EST NB . 14.49 7.14 -4.43
C11 EST NB . 14.73 8.26 -6.73
C12 EST NB . 14.52 8.08 -8.23
C13 EST NB . 15.27 6.87 -8.79
C14 EST NB . 14.86 5.63 -7.96
C15 EST NB . 15.43 4.45 -8.75
C16 EST NB . 15.32 4.91 -10.22
C17 EST NB . 14.85 6.36 -10.18
O17 EST NB . 15.35 7.14 -11.27
C18 EST NB . 16.80 7.11 -8.77
#